data_8BWF
#
_entry.id   8BWF
#
_cell.length_a   244.200
_cell.length_b   76.630
_cell.length_c   94.130
_cell.angle_alpha   90.00
_cell.angle_beta   90.00
_cell.angle_gamma   90.00
#
_symmetry.space_group_name_H-M   'P 21 21 2'
#
loop_
_entity.id
_entity.type
_entity.pdbx_description
1 polymer 'Polypyrimidine tract-binding protein 1'
2 polymer Ligand
3 non-polymer 'SULFATE ION'
4 non-polymer 'AMINO GROUP'
5 non-polymer GLYCEROL
#
loop_
_entity_poly.entity_id
_entity_poly.type
_entity_poly.pdbx_seq_one_letter_code
_entity_poly.pdbx_strand_id
1 'polypeptide(L)'
;GPPSRVIHIRKLPIDVTEGEVISLGLPFGKVTNLLMLKGKNQAFIEMNTEEAANTMVNYYTSVTPVLRGQPIYIQFSNHK
ELKTDS
;
A,B,C,D,E,F,G,H,I,J,K,L,M,N,O,P
2 'polypeptide(L)' NQ(MK8)RAQ(S9X)ALQ(2JN)VN a,b,c,d,e,f,g,h,i,j,k,l,m,n,o,p
#
# COMPACT_ATOMS: atom_id res chain seq x y z
N PRO A 2 -16.18 -16.21 12.37
CA PRO A 2 -15.33 -17.14 11.62
C PRO A 2 -15.28 -16.80 10.12
N PRO A 3 -14.19 -17.19 9.46
CA PRO A 3 -14.15 -17.02 8.00
C PRO A 3 -15.18 -17.91 7.34
N SER A 4 -15.97 -17.33 6.42
CA SER A 4 -17.02 -18.00 5.67
C SER A 4 -16.88 -17.68 4.19
N ARG A 5 -17.54 -18.48 3.35
CA ARG A 5 -17.51 -18.24 1.90
C ARG A 5 -18.14 -16.88 1.55
N VAL A 6 -19.19 -16.49 2.27
CA VAL A 6 -19.96 -15.32 1.86
C VAL A 6 -19.55 -14.11 2.69
N ILE A 7 -19.40 -12.99 1.98
CA ILE A 7 -18.92 -11.72 2.53
C ILE A 7 -20.03 -10.69 2.46
N HIS A 8 -20.45 -10.16 3.61
CA HIS A 8 -21.49 -9.14 3.67
C HIS A 8 -20.88 -7.78 3.34
N ILE A 9 -21.68 -6.87 2.78
CA ILE A 9 -21.15 -5.63 2.24
C ILE A 9 -22.14 -4.54 2.58
N ARG A 10 -21.68 -3.44 3.18
CA ARG A 10 -22.57 -2.36 3.54
C ARG A 10 -22.09 -1.06 2.92
N LYS A 11 -22.99 -0.06 2.93
CA LYS A 11 -22.67 1.32 2.54
C LYS A 11 -22.38 1.43 1.04
N LEU A 12 -23.03 0.57 0.26
CA LEU A 12 -22.89 0.51 -1.19
C LEU A 12 -23.59 1.69 -1.87
N PRO A 13 -23.04 2.17 -2.99
CA PRO A 13 -23.71 3.25 -3.73
C PRO A 13 -25.15 2.89 -4.11
N ILE A 14 -25.92 3.90 -4.54
CA ILE A 14 -27.37 3.70 -4.67
C ILE A 14 -27.71 2.92 -5.93
N ASP A 15 -27.04 3.25 -7.05
CA ASP A 15 -27.20 2.54 -8.31
C ASP A 15 -26.07 1.56 -8.56
N VAL A 16 -25.60 0.88 -7.53
CA VAL A 16 -24.43 0.02 -7.69
C VAL A 16 -24.83 -1.18 -8.53
N THR A 17 -24.14 -1.38 -9.65
CA THR A 17 -24.47 -2.48 -10.55
C THR A 17 -24.00 -3.80 -9.96
N GLU A 18 -24.82 -4.84 -10.13
CA GLU A 18 -24.40 -6.23 -9.90
C GLU A 18 -22.96 -6.44 -10.35
N GLY A 19 -22.64 -5.98 -11.55
CA GLY A 19 -21.27 -6.12 -12.05
C GLY A 19 -20.25 -5.62 -11.05
N GLU A 20 -20.49 -4.46 -10.46
CA GLU A 20 -19.54 -3.80 -9.56
C GLU A 20 -19.29 -4.60 -8.29
N VAL A 21 -20.36 -5.06 -7.64
CA VAL A 21 -20.20 -5.90 -6.44
C VAL A 21 -19.44 -7.21 -6.77
N ILE A 22 -19.71 -7.80 -7.95
CA ILE A 22 -18.97 -8.98 -8.37
C ILE A 22 -17.49 -8.63 -8.57
N SER A 23 -17.21 -7.47 -9.14
CA SER A 23 -15.83 -7.13 -9.47
C SER A 23 -14.98 -6.84 -8.22
N LEU A 24 -15.57 -7.02 -7.04
CA LEU A 24 -14.86 -6.78 -5.79
C LEU A 24 -14.00 -7.98 -5.39
N GLY A 25 -14.54 -9.19 -5.49
CA GLY A 25 -13.88 -10.44 -5.18
C GLY A 25 -13.26 -11.14 -6.35
N LEU A 26 -13.35 -10.58 -7.56
CA LEU A 26 -12.68 -11.20 -8.70
C LEU A 26 -11.17 -11.28 -8.55
N PRO A 27 -10.46 -10.21 -8.13
CA PRO A 27 -9.00 -10.31 -7.90
C PRO A 27 -8.58 -11.48 -7.03
N PHE A 28 -9.50 -12.06 -6.26
CA PHE A 28 -9.19 -13.13 -5.31
C PHE A 28 -9.89 -14.46 -5.60
N GLY A 29 -10.56 -14.63 -6.72
CA GLY A 29 -11.13 -15.94 -7.01
C GLY A 29 -12.45 -15.84 -7.75
N LYS A 30 -13.07 -17.01 -7.92
CA LYS A 30 -14.32 -17.07 -8.66
C LYS A 30 -15.47 -16.62 -7.74
N VAL A 31 -16.36 -15.80 -8.28
CA VAL A 31 -17.59 -15.45 -7.57
C VAL A 31 -18.70 -16.43 -7.98
N THR A 32 -19.23 -17.15 -6.99
CA THR A 32 -20.20 -18.20 -7.24
C THR A 32 -21.64 -17.75 -7.03
N ASN A 33 -21.90 -16.78 -6.17
CA ASN A 33 -23.27 -16.29 -5.95
C ASN A 33 -23.30 -14.89 -5.33
N LEU A 34 -24.47 -14.25 -5.44
CA LEU A 34 -24.61 -12.84 -5.12
C LEU A 34 -26.06 -12.54 -4.82
N LEU A 35 -26.33 -11.89 -3.68
CA LEU A 35 -27.63 -11.30 -3.35
C LEU A 35 -27.42 -9.85 -3.03
N MET A 36 -28.12 -8.97 -3.75
CA MET A 36 -28.12 -7.54 -3.50
C MET A 36 -29.37 -7.14 -2.75
N LEU A 37 -29.18 -6.26 -1.77
CA LEU A 37 -30.25 -5.58 -1.05
C LEU A 37 -30.14 -4.06 -1.32
N LYS A 38 -30.56 -3.64 -2.51
CA LYS A 38 -30.58 -2.21 -2.83
C LYS A 38 -31.43 -1.41 -1.83
N GLY A 39 -32.36 -2.07 -1.13
CA GLY A 39 -33.18 -1.37 -0.15
C GLY A 39 -32.43 -0.95 1.11
N LYS A 40 -31.40 -1.71 1.49
CA LYS A 40 -30.55 -1.40 2.63
C LYS A 40 -29.13 -1.03 2.18
N ASN A 41 -28.96 -0.71 0.90
CA ASN A 41 -27.67 -0.47 0.26
C ASN A 41 -26.62 -1.51 0.63
N GLN A 42 -27.03 -2.75 0.84
CA GLN A 42 -26.08 -3.83 1.10
C GLN A 42 -26.24 -4.96 0.09
N ALA A 43 -25.32 -5.91 0.19
CA ALA A 43 -25.27 -7.04 -0.71
C ALA A 43 -24.53 -8.15 0.01
N PHE A 44 -24.70 -9.37 -0.52
CA PHE A 44 -23.89 -10.54 -0.17
C PHE A 44 -23.17 -11.03 -1.41
N ILE A 45 -22.02 -11.65 -1.20
CA ILE A 45 -21.18 -12.15 -2.29
C ILE A 45 -20.58 -13.47 -1.81
N GLU A 46 -20.69 -14.50 -2.65
CA GLU A 46 -20.21 -15.82 -2.29
C GLU A 46 -19.09 -16.23 -3.23
N MET A 47 -17.99 -16.73 -2.65
CA MET A 47 -16.77 -17.09 -3.37
C MET A 47 -16.61 -18.59 -3.38
N ASN A 48 -15.84 -19.08 -4.36
CA ASN A 48 -15.64 -20.52 -4.49
C ASN A 48 -15.06 -21.10 -3.20
N THR A 49 -13.91 -20.60 -2.77
CA THR A 49 -13.25 -21.08 -1.55
C THR A 49 -13.34 -20.04 -0.43
N GLU A 50 -13.58 -20.52 0.81
CA GLU A 50 -13.43 -19.62 1.96
C GLU A 50 -12.07 -18.97 1.97
N GLU A 51 -11.05 -19.71 1.54
CA GLU A 51 -9.70 -19.17 1.56
C GLU A 51 -9.59 -17.96 0.65
N ALA A 52 -10.39 -17.92 -0.42
CA ALA A 52 -10.52 -16.71 -1.22
C ALA A 52 -11.23 -15.61 -0.45
N ALA A 53 -12.25 -15.97 0.34
CA ALA A 53 -12.87 -14.98 1.17
C ALA A 53 -11.92 -14.45 2.27
N ASN A 54 -10.91 -15.24 2.67
CA ASN A 54 -9.93 -14.73 3.63
C ASN A 54 -9.04 -13.68 3.00
N THR A 55 -8.38 -14.02 1.89
CA THR A 55 -7.55 -13.06 1.18
C THR A 55 -8.33 -11.80 0.83
N MET A 56 -9.64 -11.96 0.61
CA MET A 56 -10.57 -10.86 0.42
C MET A 56 -10.47 -9.86 1.58
N VAL A 57 -10.94 -10.27 2.77
CA VAL A 57 -11.05 -9.36 3.90
C VAL A 57 -9.68 -8.82 4.30
N ASN A 58 -8.66 -9.70 4.35
CA ASN A 58 -7.32 -9.25 4.68
C ASN A 58 -6.90 -8.09 3.79
N TYR A 59 -7.00 -8.28 2.47
CA TYR A 59 -6.62 -7.21 1.55
C TYR A 59 -7.41 -5.95 1.82
N TYR A 60 -8.72 -6.07 1.93
CA TYR A 60 -9.58 -4.92 2.11
C TYR A 60 -9.61 -4.39 3.54
N THR A 61 -8.69 -4.87 4.40
CA THR A 61 -8.42 -4.25 5.68
C THR A 61 -7.24 -3.27 5.60
N SER A 62 -6.37 -3.41 4.60
CA SER A 62 -5.27 -2.50 4.35
C SER A 62 -5.61 -1.52 3.24
N VAL A 63 -6.09 -2.04 2.10
CA VAL A 63 -6.57 -1.22 1.01
C VAL A 63 -8.05 -0.96 1.24
N THR A 64 -8.45 0.31 1.22
CA THR A 64 -9.86 0.62 1.36
C THR A 64 -10.65 -0.10 0.27
N PRO A 65 -11.75 -0.78 0.61
CA PRO A 65 -12.66 -1.28 -0.43
C PRO A 65 -13.52 -0.14 -0.99
N VAL A 66 -13.22 0.34 -2.19
CA VAL A 66 -13.94 1.45 -2.81
C VAL A 66 -14.62 0.99 -4.10
N LEU A 67 -15.87 1.42 -4.28
CA LEU A 67 -16.65 1.27 -5.53
C LEU A 67 -16.97 2.66 -6.07
N ARG A 68 -16.30 3.03 -7.16
CA ARG A 68 -16.42 4.31 -7.85
C ARG A 68 -16.37 5.48 -6.88
N GLY A 69 -15.20 5.64 -6.28
CA GLY A 69 -14.92 6.77 -5.41
C GLY A 69 -15.53 6.72 -4.02
N GLN A 70 -16.61 5.98 -3.82
CA GLN A 70 -17.18 5.82 -2.49
C GLN A 70 -16.63 4.57 -1.82
N PRO A 71 -16.01 4.67 -0.63
CA PRO A 71 -15.65 3.46 0.12
C PRO A 71 -16.88 2.74 0.68
N ILE A 72 -16.71 1.44 0.91
CA ILE A 72 -17.77 0.58 1.41
C ILE A 72 -17.16 -0.21 2.55
N TYR A 73 -18.04 -0.78 3.38
CA TYR A 73 -17.68 -1.54 4.57
C TYR A 73 -17.96 -3.01 4.29
N ILE A 74 -16.93 -3.84 4.38
CA ILE A 74 -17.09 -5.26 4.11
C ILE A 74 -16.73 -6.06 5.36
N GLN A 75 -17.34 -7.24 5.50
CA GLN A 75 -17.11 -8.12 6.63
C GLN A 75 -17.58 -9.53 6.26
N PHE A 76 -17.07 -10.52 6.98
CA PHE A 76 -17.57 -11.87 6.89
C PHE A 76 -19.04 -11.90 7.30
N SER A 77 -19.67 -13.05 7.06
CA SER A 77 -21.06 -13.26 7.43
C SER A 77 -21.19 -14.54 8.23
N ASN A 78 -22.43 -14.77 8.64
CA ASN A 78 -22.91 -16.08 9.11
C ASN A 78 -23.58 -16.77 7.91
N HIS A 79 -22.82 -17.61 7.22
CA HIS A 79 -23.36 -18.34 6.09
C HIS A 79 -24.12 -19.66 6.46
N ASN B 1 -33.89 -8.38 -10.04
CA ASN B 1 -34.25 -9.70 -9.55
C ASN B 1 -33.01 -10.60 -9.40
N GLN B 2 -33.25 -11.86 -9.02
CA GLN B 2 -32.23 -12.87 -9.15
C GLN B 2 -31.85 -13.04 -10.61
N ARG B 4 -30.87 -10.59 -12.79
CA ARG B 4 -29.70 -9.77 -13.17
C ARG B 4 -28.42 -10.19 -12.46
N ALA B 5 -28.56 -10.74 -11.26
CA ALA B 5 -27.45 -11.41 -10.61
C ALA B 5 -26.81 -12.47 -11.52
N GLN B 6 -27.58 -13.53 -11.75
CA GLN B 6 -27.19 -14.68 -12.55
C GLN B 6 -26.60 -14.41 -13.93
N ALA B 8 -25.09 -11.79 -14.80
CA ALA B 8 -23.86 -11.04 -14.64
C ALA B 8 -22.83 -11.95 -13.99
N LEU B 9 -23.32 -12.81 -13.09
CA LEU B 9 -22.51 -13.93 -12.61
C LEU B 9 -21.97 -14.74 -13.79
N GLN B 10 -22.84 -15.07 -14.76
CA GLN B 10 -22.51 -15.92 -15.89
C GLN B 10 -21.51 -15.32 -16.88
N VAL B 12 -19.06 -13.44 -16.32
CA VAL B 12 -17.72 -13.56 -15.79
C VAL B 12 -17.24 -15.01 -15.72
N ASN B 13 -17.99 -15.85 -15.02
CA ASN B 13 -17.74 -17.26 -14.92
C ASN B 13 -17.38 -17.90 -16.28
N PRO C 2 -19.73 16.01 -0.26
CA PRO C 2 -20.09 17.06 0.70
C PRO C 2 -18.91 17.43 1.64
N PRO C 3 -17.88 18.13 1.13
CA PRO C 3 -16.69 18.39 1.96
C PRO C 3 -17.01 19.32 3.12
N SER C 4 -16.50 18.97 4.30
CA SER C 4 -16.74 19.77 5.50
C SER C 4 -15.50 19.70 6.36
N ARG C 5 -15.62 20.09 7.63
CA ARG C 5 -14.53 19.84 8.56
C ARG C 5 -14.82 18.69 9.50
N VAL C 6 -16.07 18.27 9.62
CA VAL C 6 -16.42 17.16 10.49
C VAL C 6 -16.63 15.89 9.65
N ILE C 7 -16.14 14.78 10.18
CA ILE C 7 -16.20 13.46 9.56
C ILE C 7 -17.13 12.58 10.40
N HIS C 8 -17.96 11.76 9.75
CA HIS C 8 -18.86 10.86 10.45
C HIS C 8 -18.23 9.48 10.49
N ILE C 9 -17.97 8.97 11.69
CA ILE C 9 -17.34 7.68 11.88
C ILE C 9 -18.43 6.69 12.26
N ARG C 10 -18.69 5.75 11.37
CA ARG C 10 -19.68 4.72 11.62
C ARG C 10 -18.97 3.39 11.83
N LYS C 11 -19.71 2.43 12.40
CA LYS C 11 -19.27 1.03 12.57
C LYS C 11 -17.97 0.95 13.40
N LEU C 12 -17.97 1.66 14.56
CA LEU C 12 -16.98 1.71 15.66
C LEU C 12 -17.16 0.55 16.62
N PRO C 13 -16.04 -0.04 17.07
CA PRO C 13 -16.09 -1.05 18.13
C PRO C 13 -16.90 -0.64 19.35
N ILE C 14 -17.38 -1.62 20.12
CA ILE C 14 -18.02 -1.28 21.39
C ILE C 14 -16.96 -0.90 22.44
N ASP C 15 -15.75 -1.43 22.32
CA ASP C 15 -14.64 -1.12 23.20
C ASP C 15 -14.13 0.35 23.02
N VAL C 16 -14.73 1.14 22.11
CA VAL C 16 -14.09 2.36 21.63
C VAL C 16 -13.97 3.36 22.76
N THR C 17 -12.83 4.01 22.84
CA THR C 17 -12.65 5.19 23.67
C THR C 17 -12.66 6.46 22.84
N GLU C 18 -13.01 7.57 23.52
CA GLU C 18 -12.86 8.93 22.99
C GLU C 18 -11.42 9.21 22.56
N GLY C 19 -10.45 8.80 23.38
CA GLY C 19 -9.06 8.93 22.97
C GLY C 19 -8.79 8.27 21.63
N GLU C 20 -9.38 7.08 21.41
CA GLU C 20 -9.09 6.25 20.25
C GLU C 20 -9.54 6.93 18.96
N VAL C 21 -10.79 7.43 18.94
CA VAL C 21 -11.28 8.16 17.77
C VAL C 21 -10.43 9.41 17.51
N ILE C 22 -10.12 10.19 18.56
CA ILE C 22 -9.34 11.43 18.44
C ILE C 22 -7.97 11.14 17.82
N SER C 23 -7.40 9.94 18.05
CA SER C 23 -6.14 9.56 17.40
C SER C 23 -6.29 9.28 15.90
N LEU C 24 -7.51 9.07 15.41
CA LEU C 24 -7.67 8.84 13.98
C LEU C 24 -7.38 10.11 13.18
N GLY C 25 -7.55 11.29 13.80
CA GLY C 25 -7.39 12.56 13.14
C GLY C 25 -6.03 13.19 13.35
N LEU C 26 -5.32 12.73 14.37
CA LEU C 26 -4.04 13.31 14.74
C LEU C 26 -3.05 13.51 13.62
N PRO C 27 -2.72 12.52 12.77
CA PRO C 27 -1.66 12.74 11.77
C PRO C 27 -1.99 13.80 10.72
N PHE C 28 -3.25 14.22 10.62
CA PHE C 28 -3.65 15.15 9.59
C PHE C 28 -3.83 16.57 10.11
N GLY C 29 -4.20 16.75 11.38
CA GLY C 29 -4.32 18.09 11.91
C GLY C 29 -4.52 18.14 13.41
N LYS C 30 -5.06 19.26 13.85
CA LYS C 30 -5.52 19.43 15.22
C LYS C 30 -6.97 18.98 15.28
N VAL C 31 -7.32 18.22 16.31
CA VAL C 31 -8.71 17.77 16.49
C VAL C 31 -9.37 18.68 17.51
N THR C 32 -10.43 19.38 17.08
CA THR C 32 -10.99 20.50 17.81
C THR C 32 -12.26 20.16 18.56
N ASN C 33 -12.88 19.02 18.30
CA ASN C 33 -14.14 18.69 18.94
C ASN C 33 -14.56 17.27 18.51
N LEU C 34 -15.28 16.57 19.40
CA LEU C 34 -15.69 15.18 19.23
C LEU C 34 -17.08 14.99 19.85
N LEU C 35 -18.01 14.40 19.10
CA LEU C 35 -19.32 14.03 19.63
C LEU C 35 -19.52 12.54 19.40
N MET C 36 -19.49 11.76 20.48
CA MET C 36 -19.66 10.30 20.40
C MET C 36 -21.12 9.94 20.59
N LEU C 37 -21.72 9.43 19.51
CA LEU C 37 -23.10 8.96 19.57
C LEU C 37 -23.20 7.71 20.44
N LYS C 38 -24.21 7.72 21.32
CA LYS C 38 -24.43 6.68 22.31
C LYS C 38 -25.23 5.55 21.68
N GLY C 39 -24.77 4.31 21.91
CA GLY C 39 -25.52 3.16 21.45
C GLY C 39 -25.80 3.07 19.95
N LYS C 40 -25.16 3.92 19.14
CA LYS C 40 -25.20 3.73 17.71
C LYS C 40 -23.86 3.27 17.16
N ASN C 41 -22.79 3.40 17.97
CA ASN C 41 -21.43 3.05 17.59
C ASN C 41 -20.86 4.03 16.56
N GLN C 42 -21.36 5.25 16.59
CA GLN C 42 -20.92 6.32 15.70
C GLN C 42 -20.17 7.38 16.51
N ALA C 43 -19.40 8.18 15.78
CA ALA C 43 -18.73 9.35 16.33
C ALA C 43 -18.62 10.40 15.23
N PHE C 44 -18.72 11.66 15.62
CA PHE C 44 -18.35 12.77 14.75
C PHE C 44 -17.07 13.38 15.30
N ILE C 45 -16.13 13.69 14.40
CA ILE C 45 -14.85 14.27 14.77
C ILE C 45 -14.65 15.56 13.94
N GLU C 46 -14.30 16.65 14.60
CA GLU C 46 -14.10 17.93 13.94
C GLU C 46 -12.61 18.25 13.83
N MET C 47 -12.20 18.65 12.64
CA MET C 47 -10.80 18.93 12.37
C MET C 47 -10.60 20.43 12.34
N ASN C 48 -9.34 20.85 12.44
CA ASN C 48 -9.09 22.29 12.54
C ASN C 48 -9.27 22.99 11.20
N THR C 49 -8.54 22.54 10.19
CA THR C 49 -8.68 23.06 8.83
C THR C 49 -9.59 22.15 8.01
N GLU C 50 -10.33 22.77 7.08
CA GLU C 50 -11.09 21.98 6.11
C GLU C 50 -10.18 21.07 5.30
N GLU C 51 -8.95 21.51 5.06
CA GLU C 51 -8.07 20.76 4.20
C GLU C 51 -7.52 19.52 4.88
N ALA C 52 -7.43 19.51 6.21
CA ALA C 52 -6.90 18.33 6.89
C ALA C 52 -7.99 17.30 7.14
N ALA C 53 -9.20 17.75 7.45
CA ALA C 53 -10.37 16.90 7.34
C ALA C 53 -10.44 16.20 5.98
N ASN C 54 -9.98 16.87 4.92
CA ASN C 54 -10.04 16.35 3.56
C ASN C 54 -8.85 15.48 3.20
N THR C 55 -7.66 15.82 3.69
CA THR C 55 -6.58 14.87 3.46
C THR C 55 -6.82 13.55 4.22
N MET C 56 -7.69 13.59 5.24
CA MET C 56 -8.08 12.40 5.97
C MET C 56 -8.86 11.47 5.08
N VAL C 57 -10.07 11.90 4.69
CA VAL C 57 -10.96 11.08 3.85
C VAL C 57 -10.21 10.51 2.62
N ASN C 58 -9.39 11.35 1.97
CA ASN C 58 -8.47 10.87 0.93
C ASN C 58 -7.56 9.75 1.42
N TYR C 59 -6.86 9.98 2.53
CA TYR C 59 -5.93 8.96 3.00
C TYR C 59 -6.65 7.64 3.24
N TYR C 60 -7.89 7.69 3.73
CA TYR C 60 -8.67 6.48 4.03
C TYR C 60 -9.56 6.05 2.86
N THR C 61 -9.57 6.83 1.78
CA THR C 61 -10.03 6.36 0.48
C THR C 61 -9.07 5.33 -0.10
N SER C 62 -7.82 5.28 0.39
CA SER C 62 -6.83 4.30 -0.03
C SER C 62 -6.43 3.32 1.07
N VAL C 63 -6.16 3.77 2.23
CA VAL C 63 -5.87 2.88 3.34
C VAL C 63 -7.18 2.63 4.08
N THR C 64 -7.39 1.43 4.56
CA THR C 64 -8.67 1.17 5.18
C THR C 64 -8.72 1.83 6.55
N PRO C 65 -9.82 2.45 6.91
CA PRO C 65 -9.95 2.97 8.28
C PRO C 65 -9.94 1.81 9.26
N VAL C 66 -8.82 1.52 9.91
CA VAL C 66 -8.80 0.47 10.91
C VAL C 66 -8.58 1.04 12.30
N LEU C 67 -9.25 0.44 13.28
CA LEU C 67 -9.03 0.79 14.67
C LEU C 67 -8.96 -0.52 15.45
N ARG C 68 -7.74 -0.91 15.89
CA ARG C 68 -7.53 -2.07 16.76
C ARG C 68 -7.91 -3.37 16.02
N GLY C 69 -7.54 -3.46 14.74
CA GLY C 69 -7.85 -4.61 13.92
C GLY C 69 -9.25 -4.62 13.32
N GLN C 70 -10.17 -3.82 13.85
CA GLN C 70 -11.54 -3.80 13.36
C GLN C 70 -11.67 -2.70 12.32
N PRO C 71 -11.84 -3.01 11.04
CA PRO C 71 -12.29 -1.97 10.11
C PRO C 71 -13.47 -1.20 10.66
N ILE C 72 -13.50 0.08 10.30
CA ILE C 72 -14.59 1.01 10.57
C ILE C 72 -14.91 1.66 9.23
N TYR C 73 -15.97 2.45 9.24
CA TYR C 73 -16.42 3.22 8.10
C TYR C 73 -16.31 4.70 8.43
N ILE C 74 -15.81 5.50 7.46
CA ILE C 74 -15.74 6.94 7.63
C ILE C 74 -16.30 7.64 6.39
N GLN C 75 -16.65 8.91 6.56
CA GLN C 75 -17.34 9.71 5.55
C GLN C 75 -17.39 11.13 6.07
N PHE C 76 -17.68 12.09 5.19
CA PHE C 76 -17.81 13.46 5.67
C PHE C 76 -19.12 13.60 6.45
N SER C 77 -19.27 14.75 7.13
CA SER C 77 -20.52 15.08 7.82
C SER C 77 -21.70 15.00 6.87
N ASN C 78 -22.79 14.37 7.35
CA ASN C 78 -24.08 14.26 6.65
C ASN C 78 -24.56 15.63 6.11
N ASN D 1 -19.99 12.38 29.22
CA ASN D 1 -19.61 12.28 27.82
C ASN D 1 -18.81 13.48 27.38
N GLN D 2 -19.40 14.67 27.60
CA GLN D 2 -18.76 15.99 27.43
C GLN D 2 -17.38 16.09 28.06
N ARG D 4 -15.64 13.60 29.10
CA ARG D 4 -14.71 12.54 28.71
C ARG D 4 -14.02 12.90 27.40
N ALA D 5 -14.76 13.64 26.55
CA ALA D 5 -14.25 14.09 25.25
C ALA D 5 -13.22 15.21 25.41
N GLN D 6 -13.55 16.25 26.20
CA GLN D 6 -12.65 17.37 26.41
C GLN D 6 -11.33 16.98 27.12
N ALA D 8 -9.80 14.07 26.85
CA ALA D 8 -9.06 13.40 25.78
C ALA D 8 -8.59 14.41 24.71
N LEU D 9 -9.54 15.21 24.19
CA LEU D 9 -9.24 16.27 23.23
C LEU D 9 -8.03 17.09 23.65
N GLN D 10 -7.99 17.49 24.94
CA GLN D 10 -6.88 18.22 25.50
C GLN D 10 -5.63 17.38 25.77
N VAL D 12 -4.48 15.00 24.38
CA VAL D 12 -3.85 14.46 23.20
C VAL D 12 -3.38 15.57 22.25
N ASN D 13 -4.19 16.62 22.09
CA ASN D 13 -3.80 17.80 21.29
C ASN D 13 -2.67 18.56 22.00
N GLY E 1 16.11 -7.92 14.82
CA GLY E 1 15.46 -7.58 16.08
C GLY E 1 14.40 -8.59 16.47
N PRO E 2 14.62 -9.33 17.55
CA PRO E 2 13.65 -10.38 17.95
C PRO E 2 12.27 -9.77 18.18
N PRO E 3 11.24 -10.60 18.35
CA PRO E 3 9.90 -10.03 18.60
C PRO E 3 9.56 -9.88 20.08
N SER E 4 8.98 -8.71 20.40
CA SER E 4 8.48 -8.38 21.74
C SER E 4 7.24 -7.52 21.59
N ARG E 5 6.67 -7.07 22.70
CA ARG E 5 5.60 -6.07 22.64
C ARG E 5 6.12 -4.63 22.62
N VAL E 6 7.40 -4.42 22.33
CA VAL E 6 8.01 -3.09 22.32
C VAL E 6 8.58 -2.78 20.94
N ILE E 7 8.01 -1.74 20.28
CA ILE E 7 8.51 -1.19 19.02
C ILE E 7 9.39 0.03 19.32
N HIS E 8 10.44 0.20 18.53
CA HIS E 8 11.38 1.32 18.62
C HIS E 8 11.24 2.19 17.36
N ILE E 9 11.12 3.50 17.56
CA ILE E 9 10.91 4.45 16.45
C ILE E 9 12.10 5.43 16.40
N ARG E 10 12.83 5.41 15.28
CA ARG E 10 14.19 5.94 15.22
C ARG E 10 14.24 7.35 14.64
N LYS E 11 13.63 7.58 13.50
CA LYS E 11 13.50 8.93 13.02
C LYS E 11 12.19 9.49 13.58
N LEU E 12 12.18 10.78 13.88
CA LEU E 12 10.97 11.41 14.41
C LEU E 12 11.09 12.90 14.18
N PRO E 13 9.99 13.60 13.88
CA PRO E 13 10.06 15.07 13.82
C PRO E 13 10.40 15.67 15.18
N ILE E 14 10.36 16.99 15.31
CA ILE E 14 10.76 17.65 16.54
C ILE E 14 9.56 17.99 17.42
N ASP E 15 8.46 18.41 16.80
CA ASP E 15 7.25 18.83 17.51
C ASP E 15 6.19 17.75 17.49
N VAL E 16 6.60 16.47 17.51
CA VAL E 16 5.65 15.36 17.57
C VAL E 16 5.02 15.34 18.95
N THR E 17 3.71 15.59 19.01
CA THR E 17 2.99 15.30 20.23
C THR E 17 3.11 13.83 20.60
N GLU E 18 2.88 13.54 21.88
CA GLU E 18 2.82 12.16 22.35
C GLU E 18 1.67 11.40 21.67
N GLY E 19 0.54 12.08 21.43
CA GLY E 19 -0.61 11.49 20.78
C GLY E 19 -0.36 11.10 19.34
N GLU E 20 0.59 11.75 18.68
CA GLU E 20 0.91 11.33 17.32
C GLU E 20 1.68 10.01 17.30
N VAL E 21 2.52 9.74 18.33
CA VAL E 21 3.23 8.46 18.38
C VAL E 21 2.32 7.35 18.91
N ILE E 22 1.30 7.68 19.71
CA ILE E 22 0.32 6.67 20.09
C ILE E 22 -0.55 6.30 18.91
N SER E 23 -1.02 7.31 18.17
CA SER E 23 -1.90 7.04 17.03
C SER E 23 -1.29 6.01 16.11
N LEU E 24 0.03 5.90 16.14
CA LEU E 24 0.78 4.96 15.31
C LEU E 24 0.41 3.51 15.61
N GLY E 25 0.23 3.16 16.88
CA GLY E 25 -0.13 1.79 17.17
C GLY E 25 -1.63 1.51 17.15
N LEU E 26 -2.46 2.54 17.31
CA LEU E 26 -3.88 2.30 17.55
C LEU E 26 -4.58 1.46 16.49
N PRO E 27 -4.31 1.56 15.17
CA PRO E 27 -5.04 0.70 14.23
C PRO E 27 -4.67 -0.79 14.36
N PHE E 28 -3.47 -1.09 14.87
CA PHE E 28 -2.96 -2.44 15.06
C PHE E 28 -3.34 -3.02 16.41
N GLY E 29 -3.50 -2.21 17.44
CA GLY E 29 -3.95 -2.75 18.70
C GLY E 29 -3.81 -1.76 19.84
N LYS E 30 -4.37 -2.16 20.97
CA LYS E 30 -4.23 -1.38 22.18
C LYS E 30 -2.75 -1.10 22.48
N VAL E 31 -2.46 0.14 22.87
CA VAL E 31 -1.12 0.63 23.21
C VAL E 31 -1.09 0.75 24.72
N THR E 32 -0.09 0.11 25.37
CA THR E 32 -0.13 0.00 26.83
C THR E 32 0.85 0.91 27.58
N ASN E 33 1.90 1.39 26.94
CA ASN E 33 2.91 2.18 27.63
C ASN E 33 3.58 3.08 26.61
N LEU E 34 4.18 4.19 27.11
CA LEU E 34 4.81 5.17 26.26
C LEU E 34 6.01 5.83 26.93
N LEU E 35 7.11 5.90 26.18
CA LEU E 35 8.29 6.58 26.65
C LEU E 35 8.79 7.43 25.50
N MET E 36 8.75 8.75 25.68
CA MET E 36 9.27 9.69 24.70
C MET E 36 10.74 9.96 25.03
N LEU E 37 11.58 9.93 24.00
CA LEU E 37 12.97 10.40 24.12
C LEU E 37 13.18 11.58 23.17
N LYS E 38 12.77 12.79 23.62
CA LYS E 38 12.78 13.95 22.74
C LYS E 38 14.19 14.42 22.42
N GLY E 39 15.18 14.01 23.22
CA GLY E 39 16.57 14.29 22.89
C GLY E 39 17.05 13.66 21.58
N LYS E 40 16.74 12.38 21.35
CA LYS E 40 17.26 11.66 20.19
C LYS E 40 16.22 11.48 19.08
N ASN E 41 15.12 12.25 19.10
CA ASN E 41 14.02 12.08 18.12
C ASN E 41 13.60 10.61 18.01
N GLN E 42 13.34 10.00 19.16
CA GLN E 42 13.05 8.58 19.20
C GLN E 42 11.94 8.33 20.22
N ALA E 43 11.26 7.21 20.07
CA ALA E 43 10.17 6.88 20.97
C ALA E 43 10.16 5.38 21.20
N PHE E 44 9.46 4.98 22.26
CA PHE E 44 9.33 3.59 22.70
C PHE E 44 7.86 3.30 22.95
N ILE E 45 7.26 2.44 22.14
CA ILE E 45 5.87 2.03 22.27
C ILE E 45 5.82 0.62 22.83
N GLU E 46 4.83 0.35 23.68
CA GLU E 46 4.54 -1.01 24.13
C GLU E 46 3.11 -1.37 23.76
N MET E 47 2.96 -2.43 22.96
CA MET E 47 1.63 -2.87 22.60
C MET E 47 1.09 -3.83 23.64
N ASN E 48 -0.21 -4.06 23.60
CA ASN E 48 -0.81 -5.09 24.43
C ASN E 48 -0.27 -6.48 24.12
N THR E 49 -0.15 -6.83 22.84
CA THR E 49 0.13 -8.19 22.38
C THR E 49 1.31 -8.15 21.42
N GLU E 50 2.17 -9.18 21.47
CA GLU E 50 3.21 -9.30 20.46
C GLU E 50 2.63 -9.47 19.07
N GLU E 51 1.39 -9.93 18.96
CA GLU E 51 0.79 -10.11 17.65
C GLU E 51 0.47 -8.76 17.01
N ALA E 52 -0.12 -7.83 17.78
CA ALA E 52 -0.28 -6.44 17.36
C ALA E 52 1.07 -5.80 17.06
N ALA E 53 2.04 -5.98 17.97
CA ALA E 53 3.39 -5.49 17.73
C ALA E 53 3.97 -6.07 16.44
N ASN E 54 3.80 -7.38 16.25
CA ASN E 54 4.27 -8.03 15.03
C ASN E 54 3.60 -7.45 13.79
N THR E 55 2.27 -7.36 13.81
CA THR E 55 1.52 -6.79 12.69
C THR E 55 1.94 -5.35 12.38
N MET E 56 2.02 -4.49 13.42
CA MET E 56 2.59 -3.14 13.32
C MET E 56 3.90 -3.10 12.54
N VAL E 57 4.95 -3.71 13.09
CA VAL E 57 6.26 -3.69 12.43
C VAL E 57 6.20 -4.25 11.02
N ASN E 58 5.31 -5.22 10.76
CA ASN E 58 5.18 -5.78 9.42
C ASN E 58 4.61 -4.75 8.45
N TYR E 59 3.45 -4.19 8.79
CA TYR E 59 2.81 -3.22 7.91
C TYR E 59 3.76 -2.07 7.57
N TYR E 60 4.55 -1.60 8.53
CA TYR E 60 5.47 -0.51 8.25
C TYR E 60 6.83 -0.98 7.77
N THR E 61 7.07 -2.30 7.70
CA THR E 61 8.20 -2.73 6.88
C THR E 61 7.82 -2.81 5.41
N SER E 62 6.52 -2.65 5.09
CA SER E 62 6.05 -2.56 3.72
C SER E 62 5.76 -1.12 3.29
N VAL E 63 4.94 -0.40 4.05
CA VAL E 63 4.68 1.02 3.75
C VAL E 63 5.63 1.85 4.60
N THR E 64 6.02 3.03 4.11
CA THR E 64 6.88 3.93 4.90
C THR E 64 6.03 4.65 5.93
N PRO E 65 6.38 4.58 7.23
CA PRO E 65 5.63 5.36 8.22
C PRO E 65 6.08 6.82 8.18
N VAL E 66 5.10 7.73 8.31
CA VAL E 66 5.31 9.18 8.26
C VAL E 66 4.62 9.85 9.43
N LEU E 67 5.21 10.95 9.89
CA LEU E 67 4.65 11.73 10.99
C LEU E 67 4.93 13.21 10.71
N ARG E 68 3.88 14.01 10.56
CA ARG E 68 4.00 15.43 10.24
C ARG E 68 4.82 15.67 8.97
N GLY E 69 4.85 14.70 8.06
CA GLY E 69 5.50 14.86 6.77
C GLY E 69 6.87 14.23 6.69
N GLN E 70 7.45 13.75 7.84
CA GLN E 70 8.79 13.21 7.97
C GLN E 70 8.72 11.70 7.95
N PRO E 71 9.47 11.00 7.09
CA PRO E 71 9.38 9.53 7.03
C PRO E 71 10.05 8.81 8.20
N ILE E 72 9.26 8.36 9.19
CA ILE E 72 9.81 7.80 10.43
C ILE E 72 10.13 6.32 10.26
N TYR E 73 11.10 5.86 11.04
CA TYR E 73 11.57 4.49 11.02
C TYR E 73 10.99 3.73 12.20
N ILE E 74 10.64 2.45 12.01
CA ILE E 74 10.14 1.59 13.09
C ILE E 74 10.95 0.30 13.11
N GLN E 75 10.86 -0.43 14.22
CA GLN E 75 11.60 -1.67 14.37
C GLN E 75 11.16 -2.31 15.67
N PHE E 76 11.56 -3.56 15.86
CA PHE E 76 11.41 -4.25 17.14
C PHE E 76 12.58 -3.90 18.05
N SER E 77 12.29 -3.53 19.30
CA SER E 77 13.33 -3.15 20.25
C SER E 77 14.28 -4.31 20.52
N ASN E 78 15.58 -4.10 20.24
CA ASN E 78 16.56 -5.19 20.30
C ASN E 78 16.68 -5.77 21.71
N HIS E 79 16.80 -4.92 22.72
CA HIS E 79 16.97 -5.36 24.11
C HIS E 79 15.70 -5.99 24.67
N ASN F 1 9.62 14.58 30.10
CA ASN F 1 8.26 14.84 29.62
C ASN F 1 7.36 13.65 29.87
N GLN F 2 7.75 12.77 30.79
CA GLN F 2 6.96 11.58 31.01
C GLN F 2 5.54 11.93 31.43
N ARG F 4 3.50 14.31 30.07
CA ARG F 4 2.77 14.45 28.80
C ARG F 4 2.53 13.05 28.21
N ALA F 5 3.52 12.17 28.37
CA ALA F 5 3.40 10.81 27.87
C ALA F 5 2.18 10.10 28.47
N GLN F 6 2.03 10.19 29.78
CA GLN F 6 1.03 9.41 30.47
C GLN F 6 -0.38 9.92 30.27
N ALA F 8 -1.63 11.40 27.66
CA ALA F 8 -1.91 10.79 26.35
C ALA F 8 -2.36 9.32 26.47
N LEU F 9 -1.50 8.54 27.13
CA LEU F 9 -1.76 7.11 27.33
C LEU F 9 -3.11 6.87 28.00
N GLN F 10 -3.44 7.64 29.04
CA GLN F 10 -4.70 7.48 29.80
C GLN F 10 -5.96 7.81 28.99
N VAL F 12 -6.25 7.73 25.61
CA VAL F 12 -6.49 6.77 24.52
C VAL F 12 -7.00 5.45 25.08
N ASN F 13 -6.28 4.95 26.07
CA ASN F 13 -6.71 3.83 26.88
C ASN F 13 -7.53 4.32 28.08
N SER G 4 -6.30 9.62 -22.56
CA SER G 4 -7.12 8.61 -23.22
C SER G 4 -7.91 7.70 -22.24
N ARG G 5 -8.85 6.96 -22.80
CA ARG G 5 -9.70 6.08 -22.00
C ARG G 5 -9.44 4.60 -22.25
N VAL G 6 -8.57 4.25 -23.18
CA VAL G 6 -8.31 2.85 -23.50
C VAL G 6 -7.18 2.34 -22.61
N ILE G 7 -7.16 1.02 -22.36
CA ILE G 7 -6.30 0.39 -21.36
C ILE G 7 -5.87 -0.97 -21.88
N HIS G 8 -4.57 -1.18 -21.99
CA HIS G 8 -4.02 -2.40 -22.57
C HIS G 8 -3.74 -3.37 -21.44
N ILE G 9 -4.59 -4.43 -21.34
CA ILE G 9 -4.42 -5.53 -20.40
C ILE G 9 -3.50 -6.56 -21.05
N ARG G 10 -2.57 -7.09 -20.27
CA ARG G 10 -1.61 -8.07 -20.77
C ARG G 10 -1.49 -9.17 -19.75
N LYS G 11 -0.86 -10.27 -20.17
CA LYS G 11 -0.57 -11.41 -19.30
C LYS G 11 -1.82 -11.98 -18.65
N LEU G 12 -2.89 -12.07 -19.42
CA LEU G 12 -4.10 -12.64 -18.88
C LEU G 12 -3.94 -14.16 -18.72
N PRO G 13 -4.64 -14.76 -17.76
CA PRO G 13 -4.72 -16.22 -17.71
C PRO G 13 -5.27 -16.80 -19.01
N ILE G 14 -5.05 -18.11 -19.21
CA ILE G 14 -5.53 -18.75 -20.44
C ILE G 14 -7.06 -18.79 -20.45
N ASP G 15 -7.65 -19.24 -19.34
CA ASP G 15 -9.10 -19.34 -19.18
C ASP G 15 -9.76 -18.00 -18.85
N VAL G 16 -9.28 -16.87 -19.43
CA VAL G 16 -9.90 -15.56 -19.15
C VAL G 16 -11.20 -15.43 -19.91
N THR G 17 -12.21 -14.83 -19.27
CA THR G 17 -13.51 -14.63 -19.88
C THR G 17 -13.72 -13.15 -20.14
N GLU G 18 -14.72 -12.89 -20.97
CA GLU G 18 -14.97 -11.52 -21.41
C GLU G 18 -15.32 -10.65 -20.21
N GLY G 19 -16.18 -11.18 -19.33
CA GLY G 19 -16.59 -10.51 -18.11
C GLY G 19 -15.50 -10.36 -17.07
N GLU G 20 -14.49 -11.23 -17.08
CA GLU G 20 -13.36 -11.03 -16.18
C GLU G 20 -12.60 -9.76 -16.52
N VAL G 21 -12.42 -9.47 -17.81
CA VAL G 21 -11.66 -8.28 -18.21
C VAL G 21 -12.50 -7.03 -18.05
N ILE G 22 -13.77 -7.07 -18.45
CA ILE G 22 -14.63 -5.89 -18.27
C ILE G 22 -14.67 -5.51 -16.80
N SER G 23 -14.81 -6.48 -15.90
CA SER G 23 -14.95 -6.11 -14.51
C SER G 23 -13.62 -5.69 -13.88
N LEU G 24 -12.53 -5.73 -14.64
CA LEU G 24 -11.28 -5.16 -14.15
C LEU G 24 -11.41 -3.65 -13.90
N GLY G 25 -12.30 -2.96 -14.62
CA GLY G 25 -12.40 -1.53 -14.55
C GLY G 25 -13.77 -1.09 -14.07
N LEU G 26 -14.57 -2.07 -13.72
CA LEU G 26 -15.89 -1.74 -13.22
C LEU G 26 -15.84 -1.04 -11.85
N PRO G 27 -14.85 -1.35 -10.96
CA PRO G 27 -14.74 -0.55 -9.72
C PRO G 27 -14.38 0.93 -9.95
N PHE G 28 -13.62 1.25 -10.99
CA PHE G 28 -13.16 2.60 -11.20
C PHE G 28 -14.07 3.40 -12.11
N GLY G 29 -14.78 2.73 -13.02
CA GLY G 29 -15.68 3.46 -13.86
C GLY G 29 -16.65 2.57 -14.58
N LYS G 30 -16.96 2.98 -15.80
CA LYS G 30 -18.00 2.32 -16.59
C LYS G 30 -17.36 2.03 -17.93
N VAL G 31 -17.27 0.75 -18.27
CA VAL G 31 -16.60 0.32 -19.50
C VAL G 31 -17.57 0.53 -20.65
N THR G 32 -17.05 0.99 -21.77
CA THR G 32 -17.84 1.12 -22.98
C THR G 32 -17.58 0.03 -24.03
N ASN G 33 -16.39 -0.57 -24.08
CA ASN G 33 -16.13 -1.65 -25.03
C ASN G 33 -14.89 -2.40 -24.56
N LEU G 34 -14.77 -3.64 -25.04
CA LEU G 34 -13.72 -4.61 -24.71
C LEU G 34 -13.24 -5.26 -26.00
N LEU G 35 -11.94 -5.17 -26.28
CA LEU G 35 -11.34 -5.86 -27.42
C LEU G 35 -10.32 -6.87 -26.91
N MET G 36 -10.46 -8.13 -27.36
CA MET G 36 -9.67 -9.23 -26.83
C MET G 36 -8.86 -9.88 -27.94
N LEU G 37 -7.57 -10.08 -27.69
CA LEU G 37 -6.66 -10.68 -28.66
C LEU G 37 -6.10 -11.96 -28.03
N LYS G 38 -6.37 -13.12 -28.65
CA LYS G 38 -5.93 -14.40 -28.10
C LYS G 38 -4.47 -14.74 -28.45
N GLY G 39 -3.68 -13.77 -28.92
CA GLY G 39 -2.30 -14.02 -29.29
C GLY G 39 -1.39 -14.26 -28.09
N LYS G 40 -1.28 -13.25 -27.23
CA LYS G 40 -0.50 -13.36 -26.01
C LYS G 40 -1.40 -13.35 -24.78
N ASN G 41 -2.70 -13.60 -24.98
CA ASN G 41 -3.71 -13.41 -23.94
C ASN G 41 -3.60 -11.99 -23.36
N GLN G 42 -4.06 -11.05 -24.20
CA GLN G 42 -4.11 -9.64 -23.91
C GLN G 42 -5.50 -9.16 -24.32
N ALA G 43 -5.76 -7.86 -24.13
CA ALA G 43 -7.09 -7.32 -24.38
C ALA G 43 -7.09 -5.81 -24.13
N PHE G 44 -7.92 -5.09 -24.89
CA PHE G 44 -8.06 -3.63 -24.76
C PHE G 44 -9.39 -3.33 -24.11
N ILE G 45 -9.38 -2.52 -23.07
CA ILE G 45 -10.61 -2.08 -22.42
C ILE G 45 -10.68 -0.58 -22.62
N GLU G 46 -11.82 -0.09 -23.11
CA GLU G 46 -12.02 1.34 -23.30
C GLU G 46 -13.04 1.80 -22.27
N MET G 47 -12.63 2.71 -21.40
CA MET G 47 -13.49 3.19 -20.34
C MET G 47 -14.25 4.43 -20.82
N ASN G 48 -15.24 4.86 -20.02
CA ASN G 48 -16.07 6.01 -20.42
C ASN G 48 -15.38 7.35 -20.16
N THR G 49 -14.67 7.52 -19.04
CA THR G 49 -13.97 8.76 -18.73
C THR G 49 -12.48 8.53 -18.52
N GLU G 50 -11.68 9.51 -18.96
CA GLU G 50 -10.24 9.44 -18.72
C GLU G 50 -9.92 9.61 -17.25
N GLU G 51 -10.87 10.14 -16.46
CA GLU G 51 -10.67 10.16 -15.01
C GLU G 51 -10.62 8.73 -14.47
N ALA G 52 -11.70 7.98 -14.70
CA ALA G 52 -11.73 6.59 -14.26
C ALA G 52 -10.66 5.75 -14.95
N ALA G 53 -10.25 6.15 -16.18
CA ALA G 53 -9.17 5.46 -16.86
C ALA G 53 -7.82 5.76 -16.20
N ASN G 54 -7.63 7.02 -15.77
CA ASN G 54 -6.42 7.40 -15.06
C ASN G 54 -6.42 6.82 -13.66
N THR G 55 -7.54 6.97 -12.93
CA THR G 55 -7.64 6.38 -11.59
C THR G 55 -7.32 4.88 -11.61
N MET G 56 -7.66 4.17 -12.69
CA MET G 56 -7.34 2.76 -12.79
C MET G 56 -5.83 2.54 -12.82
N VAL G 57 -5.15 3.10 -13.82
CA VAL G 57 -3.69 2.98 -13.87
C VAL G 57 -3.04 3.52 -12.58
N ASN G 58 -3.65 4.51 -11.94
CA ASN G 58 -3.11 5.03 -10.69
C ASN G 58 -3.22 3.99 -9.57
N TYR G 59 -4.41 3.42 -9.40
CA TYR G 59 -4.58 2.43 -8.35
C TYR G 59 -3.66 1.24 -8.57
N TYR G 60 -3.33 0.92 -9.82
CA TYR G 60 -2.55 -0.28 -10.12
C TYR G 60 -1.06 -0.01 -10.31
N THR G 61 -0.60 1.21 -10.06
CA THR G 61 0.82 1.41 -9.90
C THR G 61 1.23 1.19 -8.44
N SER G 62 0.41 1.68 -7.50
CA SER G 62 0.66 1.44 -6.08
C SER G 62 0.44 -0.02 -5.73
N VAL G 63 -0.45 -0.70 -6.46
CA VAL G 63 -0.90 -2.07 -6.16
C VAL G 63 -0.67 -2.93 -7.39
N THR G 64 -0.39 -4.22 -7.13
CA THR G 64 -0.22 -5.24 -8.16
C THR G 64 -1.57 -5.67 -8.77
N PRO G 65 -1.74 -5.60 -10.09
CA PRO G 65 -3.04 -5.94 -10.70
C PRO G 65 -3.17 -7.44 -10.90
N VAL G 66 -4.31 -8.01 -10.50
CA VAL G 66 -4.44 -9.47 -10.44
C VAL G 66 -5.83 -9.98 -10.83
N LEU G 67 -5.86 -11.09 -11.56
CA LEU G 67 -7.11 -11.74 -11.96
C LEU G 67 -7.16 -13.13 -11.33
N ARG G 68 -8.12 -13.35 -10.44
CA ARG G 68 -8.28 -14.62 -9.72
C ARG G 68 -6.95 -15.14 -9.15
N GLY G 69 -6.23 -14.27 -8.43
CA GLY G 69 -4.93 -14.61 -7.89
C GLY G 69 -3.79 -14.63 -8.87
N GLN G 70 -4.06 -14.43 -10.17
CA GLN G 70 -3.05 -14.48 -11.22
C GLN G 70 -2.64 -13.08 -11.69
N PRO G 71 -1.39 -12.68 -11.50
CA PRO G 71 -0.99 -11.30 -11.81
C PRO G 71 -0.97 -10.99 -13.31
N ILE G 72 -1.44 -9.77 -13.65
CA ILE G 72 -1.59 -9.27 -15.02
C ILE G 72 -0.96 -7.90 -15.12
N TYR G 73 -0.80 -7.44 -16.35
CA TYR G 73 -0.26 -6.12 -16.67
C TYR G 73 -1.37 -5.25 -17.24
N ILE G 74 -1.70 -4.16 -16.54
CA ILE G 74 -2.50 -3.07 -17.10
C ILE G 74 -1.56 -1.94 -17.43
N GLN G 75 -1.80 -1.30 -18.57
CA GLN G 75 -1.05 -0.12 -18.93
C GLN G 75 -1.98 0.78 -19.71
N PHE G 76 -1.68 2.07 -19.72
CA PHE G 76 -2.44 3.00 -20.55
C PHE G 76 -2.49 2.52 -22.00
N SER G 77 -3.40 3.11 -22.77
CA SER G 77 -3.73 2.54 -24.07
C SER G 77 -2.50 2.38 -24.94
N ASN G 78 -2.47 1.29 -25.71
CA ASN G 78 -1.58 1.26 -26.84
C ASN G 78 -2.00 2.28 -27.88
N HIS G 79 -3.23 2.78 -27.77
CA HIS G 79 -3.85 3.80 -28.62
C HIS G 79 -4.10 3.30 -30.04
N LYS G 80 -3.85 2.01 -30.32
CA LYS G 80 -4.11 1.42 -31.64
C LYS G 80 -5.61 1.38 -31.96
N ASN H 1 -15.21 -12.39 -31.21
CA ASN H 1 -15.73 -12.31 -29.84
C ASN H 1 -16.70 -11.15 -29.63
N GLN H 2 -17.26 -10.62 -30.72
CA GLN H 2 -18.29 -9.59 -30.67
C GLN H 2 -19.50 -10.08 -29.86
N ARG H 4 -19.92 -12.56 -27.69
CA ARG H 4 -19.60 -12.76 -26.27
C ARG H 4 -19.29 -11.45 -25.56
N ALA H 5 -18.47 -10.61 -26.22
CA ALA H 5 -18.12 -9.31 -25.66
C ALA H 5 -19.36 -8.49 -25.37
N GLN H 6 -20.31 -8.52 -26.28
CA GLN H 6 -21.48 -7.69 -26.11
C GLN H 6 -22.36 -8.21 -24.97
N ALA H 8 -21.49 -9.91 -22.42
CA ALA H 8 -20.76 -9.57 -21.19
C ALA H 8 -20.86 -8.08 -20.83
N LEU H 9 -20.60 -7.18 -21.78
CA LEU H 9 -20.70 -5.74 -21.53
C LEU H 9 -22.07 -5.36 -20.96
N GLN H 10 -23.15 -5.82 -21.59
CA GLN H 10 -24.50 -5.56 -21.07
C GLN H 10 -24.66 -6.17 -19.70
N VAL H 12 -22.89 -7.01 -17.25
CA VAL H 12 -22.26 -6.39 -16.09
C VAL H 12 -22.97 -5.08 -15.71
N ASN H 13 -23.40 -4.30 -16.72
CA ASN H 13 -23.92 -2.92 -16.55
C ASN H 13 -25.33 -2.83 -15.92
N SER I 4 21.84 28.06 19.64
CA SER I 4 21.19 26.91 20.29
C SER I 4 19.65 27.08 20.44
N ARG I 5 18.98 26.04 20.95
CA ARG I 5 17.55 26.12 21.28
C ARG I 5 17.26 26.17 22.77
N VAL I 6 18.28 25.96 23.62
CA VAL I 6 18.16 26.08 25.07
C VAL I 6 18.39 27.54 25.45
N ILE I 7 17.61 28.03 26.42
CA ILE I 7 17.64 29.44 26.84
C ILE I 7 17.61 29.52 28.36
N HIS I 8 18.56 30.27 28.92
CA HIS I 8 18.70 30.46 30.37
C HIS I 8 18.19 31.83 30.75
N ILE I 9 17.33 31.89 31.77
CA ILE I 9 16.75 33.14 32.27
C ILE I 9 17.14 33.30 33.74
N ARG I 10 17.46 34.53 34.15
CA ARG I 10 17.86 34.85 35.52
C ARG I 10 17.23 36.16 35.99
N LYS I 11 17.29 36.37 37.30
CA LYS I 11 16.88 37.60 37.97
C LYS I 11 15.36 37.80 37.95
N LEU I 12 14.59 36.71 37.82
CA LEU I 12 13.13 36.73 37.83
C LEU I 12 12.59 37.20 39.17
N PRO I 13 11.35 37.69 39.23
CA PRO I 13 10.72 37.85 40.54
C PRO I 13 10.66 36.52 41.30
N ILE I 14 10.61 36.60 42.63
CA ILE I 14 10.50 35.40 43.44
C ILE I 14 9.08 34.84 43.38
N ASP I 15 8.08 35.73 43.37
CA ASP I 15 6.70 35.35 43.04
C ASP I 15 6.59 35.29 41.50
N VAL I 16 7.03 34.16 40.96
CA VAL I 16 7.01 33.92 39.52
C VAL I 16 6.27 32.61 39.26
N THR I 17 5.19 32.67 38.48
CA THR I 17 4.47 31.48 38.06
C THR I 17 5.12 30.88 36.81
N GLU I 18 4.74 29.64 36.50
CA GLU I 18 5.30 28.99 35.30
C GLU I 18 4.69 29.55 34.01
N GLY I 19 3.43 29.99 34.04
CA GLY I 19 2.82 30.61 32.87
C GLY I 19 3.50 31.87 32.36
N GLU I 20 4.08 32.67 33.26
CA GLU I 20 4.80 33.86 32.82
C GLU I 20 6.08 33.48 32.11
N VAL I 21 6.80 32.49 32.64
CA VAL I 21 8.03 32.07 31.96
C VAL I 21 7.74 31.65 30.53
N ILE I 22 6.67 30.87 30.31
CA ILE I 22 6.28 30.56 28.94
C ILE I 22 5.78 31.83 28.23
N SER I 23 5.13 32.74 28.95
CA SER I 23 4.63 33.97 28.33
C SER I 23 5.75 34.77 27.64
N LEU I 24 7.00 34.50 28.02
CA LEU I 24 8.10 35.25 27.45
C LEU I 24 8.45 34.79 26.06
N GLY I 25 8.34 33.49 25.77
CA GLY I 25 8.73 32.93 24.50
C GLY I 25 7.65 32.85 23.43
N LEU I 26 6.40 32.67 23.86
CA LEU I 26 5.31 32.52 22.91
C LEU I 26 5.14 33.69 21.94
N PRO I 27 5.57 34.93 22.23
CA PRO I 27 5.73 35.91 21.13
C PRO I 27 6.53 35.40 19.93
N PHE I 28 7.57 34.61 20.18
CA PHE I 28 8.55 34.22 19.17
C PHE I 28 8.32 32.82 18.60
N GLY I 29 7.55 31.98 19.28
CA GLY I 29 7.31 30.62 18.83
C GLY I 29 6.83 29.77 19.98
N LYS I 30 6.64 28.47 19.67
CA LYS I 30 6.19 27.53 20.69
C LYS I 30 7.31 27.08 21.62
N VAL I 31 6.99 27.01 22.90
CA VAL I 31 7.92 26.56 23.93
C VAL I 31 7.66 25.08 24.15
N THR I 32 8.70 24.25 23.95
CA THR I 32 8.56 22.81 24.01
C THR I 32 8.99 22.22 25.34
N ASN I 33 9.79 22.95 26.13
CA ASN I 33 10.19 22.45 27.45
C ASN I 33 10.56 23.59 28.40
N LEU I 34 9.95 23.57 29.58
CA LEU I 34 10.34 24.45 30.68
C LEU I 34 11.04 23.61 31.76
N LEU I 35 11.92 24.28 32.52
CA LEU I 35 12.68 23.69 33.62
C LEU I 35 12.98 24.83 34.62
N MET I 36 12.08 25.01 35.59
CA MET I 36 12.19 26.10 36.55
C MET I 36 12.91 25.64 37.81
N LEU I 37 13.92 26.42 38.21
CA LEU I 37 14.77 26.08 39.35
C LEU I 37 14.54 27.07 40.48
N LYS I 38 13.88 26.60 41.55
CA LYS I 38 13.37 27.51 42.58
C LYS I 38 14.48 28.09 43.47
N GLY I 39 15.59 27.35 43.65
CA GLY I 39 16.63 27.77 44.58
C GLY I 39 17.23 29.14 44.28
N LYS I 40 17.55 29.41 43.01
CA LYS I 40 18.17 30.69 42.65
C LYS I 40 17.27 31.57 41.80
N ASN I 41 15.98 31.25 41.66
CA ASN I 41 15.00 32.10 40.97
C ASN I 41 15.14 32.08 39.44
N GLN I 42 16.03 31.24 38.90
CA GLN I 42 16.27 31.09 37.46
C GLN I 42 15.42 29.98 36.84
N ALA I 43 15.31 30.00 35.51
CA ALA I 43 14.57 28.97 34.79
C ALA I 43 15.26 28.73 33.45
N PHE I 44 14.81 27.69 32.76
CA PHE I 44 15.26 27.42 31.40
C PHE I 44 14.03 27.28 30.51
N ILE I 45 14.15 27.64 29.23
CA ILE I 45 13.11 27.39 28.23
C ILE I 45 13.79 26.86 26.98
N GLU I 46 13.10 25.96 26.28
CA GLU I 46 13.57 25.40 25.02
C GLU I 46 12.56 25.74 23.93
N MET I 47 13.06 26.21 22.81
CA MET I 47 12.25 26.65 21.68
C MET I 47 12.38 25.61 20.56
N ASN I 48 11.34 25.56 19.72
CA ASN I 48 11.31 24.63 18.59
C ASN I 48 12.50 24.85 17.63
N THR I 49 12.76 26.10 17.25
CA THR I 49 13.86 26.45 16.34
C THR I 49 14.94 27.27 17.03
N GLU I 50 16.17 27.16 16.49
CA GLU I 50 17.17 28.16 16.78
C GLU I 50 16.69 29.56 16.43
N GLU I 51 15.84 29.70 15.41
CA GLU I 51 15.34 31.01 15.02
C GLU I 51 14.48 31.61 16.14
N ALA I 52 13.57 30.82 16.70
CA ALA I 52 12.69 31.34 17.74
C ALA I 52 13.48 31.77 18.95
N ALA I 53 14.64 31.14 19.18
CA ALA I 53 15.52 31.48 20.29
C ALA I 53 16.50 32.58 19.92
N ASN I 54 17.00 32.57 18.68
CA ASN I 54 17.78 33.69 18.16
C ASN I 54 17.03 34.99 18.31
N THR I 55 15.81 35.05 17.77
CA THR I 55 15.12 36.32 17.84
C THR I 55 14.63 36.60 19.26
N MET I 56 14.48 35.55 20.07
CA MET I 56 14.06 35.72 21.46
C MET I 56 15.05 36.59 22.25
N VAL I 57 16.35 36.31 22.17
CA VAL I 57 17.26 37.01 23.05
C VAL I 57 17.71 38.31 22.42
N ASN I 58 17.90 38.29 21.10
CA ASN I 58 18.30 39.52 20.42
C ASN I 58 17.35 40.66 20.73
N TYR I 59 16.05 40.37 20.83
CA TYR I 59 15.13 41.41 21.24
C TYR I 59 15.29 41.69 22.71
N TYR I 60 15.58 40.67 23.49
CA TYR I 60 15.62 40.81 24.94
C TYR I 60 16.97 41.33 25.41
N THR I 61 18.03 41.09 24.66
CA THR I 61 19.27 41.83 24.85
C THR I 61 19.22 43.25 24.28
N SER I 62 18.22 43.60 23.48
CA SER I 62 18.09 44.99 23.06
C SER I 62 17.12 45.71 23.96
N VAL I 63 15.89 45.24 24.02
CA VAL I 63 14.91 45.79 24.94
C VAL I 63 14.94 44.98 26.23
N THR I 64 15.08 45.67 27.36
CA THR I 64 15.24 45.00 28.64
C THR I 64 13.91 44.36 29.08
N PRO I 65 13.94 43.12 29.55
CA PRO I 65 12.72 42.36 29.81
C PRO I 65 12.15 42.60 31.20
N VAL I 66 10.81 42.57 31.27
CA VAL I 66 10.07 43.03 32.46
C VAL I 66 8.91 42.07 32.74
N LEU I 67 9.04 41.27 33.81
CA LEU I 67 7.96 40.37 34.25
C LEU I 67 7.42 40.85 35.59
N ARG I 68 6.16 41.32 35.58
CA ARG I 68 5.55 41.97 36.76
C ARG I 68 6.38 43.15 37.22
N GLY I 69 6.84 43.97 36.26
CA GLY I 69 7.72 45.08 36.57
C GLY I 69 9.05 44.72 37.22
N GLN I 70 9.89 43.95 36.53
CA GLN I 70 11.19 43.54 37.09
C GLN I 70 12.19 43.20 35.99
N PRO I 71 13.40 43.74 36.04
CA PRO I 71 14.40 43.41 35.02
C PRO I 71 14.77 41.93 35.07
N ILE I 72 15.18 41.41 33.91
CA ILE I 72 15.39 39.99 33.74
C ILE I 72 16.62 39.81 32.84
N TYR I 73 17.29 38.68 32.97
CA TYR I 73 18.44 38.35 32.12
C TYR I 73 18.18 37.11 31.28
N ILE I 74 18.38 37.22 29.96
CA ILE I 74 18.24 36.12 29.01
C ILE I 74 19.54 35.88 28.26
N GLN I 75 19.84 34.61 27.98
CA GLN I 75 21.09 34.19 27.33
C GLN I 75 20.94 32.73 26.92
N PHE I 76 21.77 32.30 25.95
CA PHE I 76 21.79 30.90 25.50
C PHE I 76 22.52 30.04 26.52
N SER I 77 21.96 28.89 26.86
CA SER I 77 22.69 27.85 27.57
C SER I 77 23.39 28.39 28.84
N ASN I 78 24.62 27.95 29.11
CA ASN I 78 25.36 28.39 30.31
C ASN I 78 24.58 28.12 31.60
N ASN J 1 5.43 21.83 40.40
CA ASN J 1 6.78 22.20 40.02
C ASN J 1 7.12 21.60 38.67
N GLN J 2 7.77 20.43 38.66
CA GLN J 2 8.15 19.86 37.39
C GLN J 2 6.81 19.53 36.76
N ARG J 4 4.18 21.08 37.33
CA ARG J 4 3.52 22.36 37.10
C ARG J 4 4.05 23.02 35.85
N ALA J 5 5.33 22.78 35.55
CA ALA J 5 5.83 23.09 34.22
C ALA J 5 4.92 22.49 33.15
N GLN J 6 4.75 21.17 33.23
CA GLN J 6 4.07 20.40 32.22
C GLN J 6 2.58 20.73 32.10
N ALA J 8 1.67 23.61 32.70
CA ALA J 8 1.68 24.88 32.02
C ALA J 8 1.95 24.61 30.55
N LEU J 9 2.91 23.71 30.32
CA LEU J 9 3.33 23.41 28.95
C LEU J 9 2.19 22.85 28.11
N GLN J 10 1.30 22.05 28.70
CA GLN J 10 0.20 21.51 27.89
C GLN J 10 -0.82 22.57 27.58
N VAL J 12 -0.71 25.54 26.55
CA VAL J 12 -0.51 26.38 25.39
C VAL J 12 -0.06 25.63 24.14
N ASN J 13 0.45 24.42 24.33
CA ASN J 13 0.98 23.57 23.26
C ASN J 13 -0.09 22.68 22.63
N GLY K 1 -1.75 -17.54 17.75
CA GLY K 1 -1.91 -16.11 17.77
C GLY K 1 -0.56 -15.44 17.68
N PRO K 2 0.09 -15.28 18.82
CA PRO K 2 1.38 -14.58 18.85
C PRO K 2 2.33 -15.22 17.81
N PRO K 3 3.37 -14.48 17.42
CA PRO K 3 4.35 -15.09 16.50
C PRO K 3 5.15 -16.23 17.12
N SER K 4 5.37 -17.28 16.34
CA SER K 4 5.99 -18.49 16.89
C SER K 4 6.85 -19.15 15.82
N ARG K 5 7.55 -20.21 16.22
CA ARG K 5 8.35 -20.96 15.26
C ARG K 5 7.52 -22.05 14.56
N VAL K 6 6.46 -22.52 15.19
CA VAL K 6 5.55 -23.48 14.60
C VAL K 6 4.41 -22.76 13.87
N ILE K 7 3.90 -23.41 12.83
CA ILE K 7 2.98 -22.81 11.87
C ILE K 7 1.86 -23.79 11.61
N HIS K 8 0.63 -23.34 11.84
CA HIS K 8 -0.55 -24.20 11.75
C HIS K 8 -1.08 -24.20 10.32
N ILE K 9 -1.04 -25.34 9.67
CA ILE K 9 -1.51 -25.50 8.29
C ILE K 9 -2.84 -26.24 8.34
N ARG K 10 -3.88 -25.65 7.77
CA ARG K 10 -5.22 -26.23 7.81
C ARG K 10 -5.77 -26.39 6.40
N LYS K 11 -6.90 -27.09 6.32
CA LYS K 11 -7.64 -27.36 5.07
C LYS K 11 -6.73 -27.91 3.97
N LEU K 12 -5.90 -28.92 4.32
CA LEU K 12 -5.03 -29.55 3.33
C LEU K 12 -5.77 -30.53 2.41
N PRO K 13 -5.22 -30.79 1.22
CA PRO K 13 -5.73 -31.91 0.40
C PRO K 13 -5.59 -33.26 1.13
N ILE K 14 -6.22 -34.29 0.56
CA ILE K 14 -6.14 -35.64 1.12
C ILE K 14 -4.98 -36.44 0.53
N ASP K 15 -4.60 -36.14 -0.71
CA ASP K 15 -3.45 -36.73 -1.39
C ASP K 15 -2.15 -36.02 -1.04
N VAL K 16 -2.13 -35.24 0.02
CA VAL K 16 -0.95 -34.48 0.35
C VAL K 16 0.07 -35.43 0.98
N THR K 17 1.33 -35.29 0.56
CA THR K 17 2.47 -35.98 1.16
C THR K 17 3.18 -35.06 2.16
N GLU K 18 3.88 -35.70 3.11
CA GLU K 18 4.72 -34.97 4.07
C GLU K 18 5.64 -33.99 3.37
N GLY K 19 6.36 -34.43 2.34
CA GLY K 19 7.30 -33.56 1.67
C GLY K 19 6.66 -32.37 1.00
N GLU K 20 5.33 -32.37 0.90
CA GLU K 20 4.63 -31.25 0.29
C GLU K 20 4.37 -30.15 1.30
N VAL K 21 3.88 -30.52 2.50
CA VAL K 21 3.77 -29.56 3.59
C VAL K 21 5.13 -29.04 4.05
N ILE K 22 6.22 -29.79 3.85
CA ILE K 22 7.56 -29.27 4.10
C ILE K 22 7.91 -28.20 3.10
N SER K 23 7.59 -28.41 1.82
CA SER K 23 7.93 -27.46 0.77
C SER K 23 7.27 -26.10 0.96
N LEU K 24 6.21 -26.03 1.78
CA LEU K 24 5.55 -24.77 2.08
C LEU K 24 6.44 -23.82 2.86
N GLY K 25 7.45 -24.35 3.55
CA GLY K 25 8.34 -23.53 4.35
C GLY K 25 9.79 -23.55 3.90
N LEU K 26 10.14 -24.43 2.97
CA LEU K 26 11.52 -24.44 2.47
C LEU K 26 11.91 -23.17 1.71
N PRO K 27 11.01 -22.42 1.05
CA PRO K 27 11.44 -21.15 0.42
C PRO K 27 11.73 -20.05 1.42
N PHE K 28 10.89 -19.95 2.45
CA PHE K 28 11.07 -19.03 3.57
C PHE K 28 11.71 -19.79 4.71
N GLY K 29 13.03 -19.93 4.63
CA GLY K 29 13.71 -20.72 5.65
C GLY K 29 13.80 -22.24 5.48
N LYS K 30 13.69 -22.94 6.61
CA LYS K 30 14.15 -24.31 6.78
C LYS K 30 13.23 -25.00 7.76
N VAL K 31 12.64 -26.12 7.36
CA VAL K 31 11.71 -26.87 8.20
C VAL K 31 12.48 -27.83 9.09
N THR K 32 12.20 -27.77 10.41
CA THR K 32 12.86 -28.62 11.40
C THR K 32 11.93 -29.68 12.01
N ASN K 33 10.61 -29.54 11.88
CA ASN K 33 9.75 -30.59 12.42
C ASN K 33 8.39 -30.54 11.71
N LEU K 34 7.64 -31.64 11.89
CA LEU K 34 6.36 -31.85 11.22
C LEU K 34 5.48 -32.72 12.07
N LEU K 35 4.27 -32.27 12.35
CA LEU K 35 3.25 -33.12 12.94
C LEU K 35 2.08 -33.17 12.00
N MET K 36 1.67 -34.37 11.65
CA MET K 36 0.56 -34.62 10.73
C MET K 36 -0.63 -35.06 11.58
N LEU K 37 -1.77 -34.41 11.41
CA LEU K 37 -2.98 -34.80 12.11
C LEU K 37 -3.81 -35.67 11.17
N LYS K 38 -4.36 -36.78 11.69
CA LYS K 38 -4.98 -37.78 10.83
C LYS K 38 -6.20 -37.20 10.07
N GLY K 39 -7.22 -36.73 10.80
CA GLY K 39 -8.39 -36.15 10.19
C GLY K 39 -8.23 -34.65 9.87
N LYS K 40 -9.31 -34.08 9.31
CA LYS K 40 -9.47 -32.65 9.00
C LYS K 40 -8.26 -32.01 8.31
N ASN K 41 -7.27 -32.82 7.92
CA ASN K 41 -6.16 -32.40 7.05
C ASN K 41 -5.35 -31.24 7.62
N GLN K 42 -4.94 -31.40 8.87
CA GLN K 42 -4.18 -30.39 9.57
C GLN K 42 -2.72 -30.83 9.64
N ALA K 43 -1.83 -29.85 9.72
CA ALA K 43 -0.43 -30.16 9.90
C ALA K 43 0.20 -28.98 10.64
N PHE K 44 1.15 -29.27 11.53
CA PHE K 44 2.01 -28.30 12.17
C PHE K 44 3.41 -28.45 11.58
N ILE K 45 4.00 -27.36 11.12
CA ILE K 45 5.40 -27.39 10.77
C ILE K 45 6.17 -26.48 11.71
N GLU K 46 7.45 -26.74 11.84
CA GLU K 46 8.32 -25.95 12.68
C GLU K 46 9.49 -25.47 11.83
N MET K 47 9.69 -24.16 11.80
CA MET K 47 10.77 -23.52 11.07
C MET K 47 12.02 -23.48 11.92
N ASN K 48 13.12 -23.12 11.28
CA ASN K 48 14.36 -22.90 11.99
C ASN K 48 14.21 -21.69 12.90
N THR K 49 14.40 -20.50 12.30
CA THR K 49 14.31 -19.19 12.90
C THR K 49 12.84 -18.77 13.10
N GLU K 50 12.63 -17.81 14.00
CA GLU K 50 11.31 -17.20 14.05
C GLU K 50 11.10 -16.21 12.89
N GLU K 51 12.18 -15.65 12.33
CA GLU K 51 12.01 -14.67 11.25
C GLU K 51 11.40 -15.30 9.99
N ALA K 52 11.84 -16.53 9.64
CA ALA K 52 11.24 -17.26 8.51
C ALA K 52 9.76 -17.55 8.74
N ALA K 53 9.38 -17.91 9.97
CA ALA K 53 7.97 -18.05 10.33
C ALA K 53 7.18 -16.79 10.02
N ASN K 54 7.74 -15.61 10.35
CA ASN K 54 7.05 -14.34 10.09
C ASN K 54 6.99 -14.05 8.59
N THR K 55 8.15 -14.09 7.92
CA THR K 55 8.17 -13.92 6.47
C THR K 55 7.23 -14.91 5.78
N MET K 56 7.18 -16.16 6.23
CA MET K 56 6.21 -17.09 5.67
C MET K 56 4.82 -16.50 5.83
N VAL K 57 4.32 -16.46 7.07
CA VAL K 57 2.92 -16.09 7.29
C VAL K 57 2.64 -14.73 6.64
N ASN K 58 3.62 -13.83 6.63
CA ASN K 58 3.43 -12.51 6.05
C ASN K 58 3.18 -12.60 4.56
N TYR K 59 4.02 -13.34 3.86
CA TYR K 59 3.73 -13.75 2.50
C TYR K 59 2.28 -14.22 2.42
N TYR K 60 1.96 -15.33 3.10
CA TYR K 60 0.67 -15.93 2.79
C TYR K 60 -0.51 -15.20 3.38
N THR K 61 -0.36 -13.94 3.79
CA THR K 61 -1.51 -13.15 4.19
C THR K 61 -2.07 -12.34 3.02
N SER K 62 -1.23 -12.07 2.00
CA SER K 62 -1.62 -11.35 0.80
C SER K 62 -2.08 -12.26 -0.32
N VAL K 63 -1.75 -13.55 -0.24
CA VAL K 63 -2.02 -14.48 -1.31
C VAL K 63 -2.70 -15.69 -0.69
N THR K 64 -3.60 -16.30 -1.45
CA THR K 64 -4.23 -17.50 -0.99
C THR K 64 -3.14 -18.56 -0.95
N PRO K 65 -3.07 -19.40 0.10
CA PRO K 65 -2.02 -20.43 0.20
C PRO K 65 -2.15 -21.54 -0.75
N VAL K 66 -1.31 -21.66 -1.76
CA VAL K 66 -1.66 -22.52 -2.90
C VAL K 66 -0.81 -23.80 -2.89
N LEU K 67 -1.50 -24.98 -3.06
CA LEU K 67 -0.86 -26.32 -3.02
C LEU K 67 -1.40 -27.18 -4.16
N ARG K 68 -0.77 -27.04 -5.32
CA ARG K 68 -1.25 -27.60 -6.59
C ARG K 68 -2.73 -27.25 -6.79
N GLY K 69 -2.98 -25.94 -6.98
CA GLY K 69 -4.30 -25.39 -7.11
C GLY K 69 -5.15 -25.30 -5.85
N GLN K 70 -5.20 -26.34 -5.03
CA GLN K 70 -6.06 -26.34 -3.84
C GLN K 70 -5.62 -25.29 -2.81
N PRO K 71 -6.50 -24.38 -2.40
CA PRO K 71 -6.21 -23.50 -1.27
C PRO K 71 -6.15 -24.21 0.09
N ILE K 72 -5.39 -23.60 1.03
CA ILE K 72 -5.22 -24.08 2.41
C ILE K 72 -5.25 -22.89 3.35
N TYR K 73 -4.92 -23.13 4.63
CA TYR K 73 -4.85 -22.09 5.66
C TYR K 73 -3.49 -22.16 6.31
N ILE K 74 -2.76 -21.03 6.29
CA ILE K 74 -1.49 -20.88 7.02
C ILE K 74 -1.68 -19.85 8.12
N GLN K 75 -1.63 -20.29 9.37
CA GLN K 75 -1.69 -19.39 10.50
C GLN K 75 -0.58 -19.78 11.48
N PHE K 76 -0.23 -18.86 12.36
CA PHE K 76 0.70 -19.18 13.43
C PHE K 76 0.04 -20.16 14.37
N SER K 77 0.82 -21.12 14.84
CA SER K 77 0.26 -22.11 15.74
C SER K 77 0.06 -21.52 17.13
N ASN K 78 -1.10 -21.80 17.70
CA ASN K 78 -1.32 -21.51 19.11
C ASN K 78 -0.38 -22.30 20.04
N HIS K 79 0.39 -23.25 19.51
CA HIS K 79 1.29 -24.18 20.26
C HIS K 79 0.53 -25.24 21.05
N ASN L 1 2.13 -40.06 10.84
CA ASN L 1 3.14 -41.06 11.25
C ASN L 1 4.59 -40.49 11.16
N GLN L 2 5.31 -40.67 12.28
CA GLN L 2 6.62 -40.07 12.51
C GLN L 2 7.68 -40.45 11.46
N ARG L 4 7.36 -41.23 8.25
CA ARG L 4 7.17 -40.52 6.98
C ARG L 4 7.64 -39.08 7.11
N ALA L 5 7.28 -38.48 8.25
CA ALA L 5 7.75 -37.13 8.58
C ALA L 5 9.27 -37.07 8.55
N GLN L 6 9.94 -38.01 9.23
CA GLN L 6 11.40 -37.98 9.33
C GLN L 6 12.11 -38.22 8.02
N ALA L 8 10.65 -37.64 5.10
CA ALA L 8 10.31 -36.39 4.43
C ALA L 8 11.33 -35.28 4.70
N LEU L 9 11.51 -35.01 6.00
CA LEU L 9 12.38 -33.93 6.46
C LEU L 9 13.82 -34.14 6.04
N GLN L 10 14.28 -35.39 5.94
CA GLN L 10 15.63 -35.69 5.52
C GLN L 10 15.84 -35.44 4.03
N VAL L 12 14.40 -33.56 1.87
CA VAL L 12 14.37 -32.17 1.41
C VAL L 12 15.45 -31.32 2.10
N ASN L 13 16.26 -31.99 2.94
CA ASN L 13 17.42 -31.37 3.62
C ASN L 13 18.66 -31.47 2.74
N PRO M 2 -9.11 15.80 -12.68
CA PRO M 2 -8.81 16.45 -13.98
C PRO M 2 -7.30 16.52 -14.32
N PRO M 3 -6.76 15.56 -15.07
CA PRO M 3 -5.35 15.63 -15.50
C PRO M 3 -4.99 16.97 -16.15
N SER M 4 -3.87 17.56 -15.69
CA SER M 4 -3.44 18.92 -16.02
C SER M 4 -1.97 19.09 -15.67
N ARG M 5 -1.35 20.10 -16.30
CA ARG M 5 0.05 20.41 -16.03
C ARG M 5 0.23 21.53 -15.02
N VAL M 6 -0.85 22.09 -14.50
CA VAL M 6 -0.77 23.08 -13.44
C VAL M 6 -1.31 22.49 -12.15
N ILE M 7 -0.78 22.98 -11.03
CA ILE M 7 -1.06 22.46 -9.71
C ILE M 7 -1.39 23.62 -8.78
N HIS M 8 -2.42 23.46 -7.97
CA HIS M 8 -2.89 24.51 -7.10
C HIS M 8 -2.53 24.18 -5.65
N ILE M 9 -1.43 24.77 -5.18
CA ILE M 9 -0.99 24.64 -3.80
C ILE M 9 -1.80 25.58 -2.90
N ARG M 10 -2.13 25.11 -1.69
CA ARG M 10 -2.94 25.86 -0.75
C ARG M 10 -2.33 25.81 0.65
N LYS M 11 -2.72 26.79 1.48
CA LYS M 11 -2.31 26.87 2.89
C LYS M 11 -0.80 26.97 3.08
N LEU M 12 -0.16 27.77 2.24
CA LEU M 12 1.27 27.99 2.34
C LEU M 12 1.62 28.83 3.57
N PRO M 13 2.90 28.72 4.06
CA PRO M 13 3.41 29.67 5.07
C PRO M 13 3.13 31.11 4.69
N ILE M 14 3.23 32.01 5.66
CA ILE M 14 2.79 33.37 5.35
C ILE M 14 3.92 34.14 4.67
N ASP M 15 5.16 33.82 5.01
CA ASP M 15 6.33 34.42 4.39
C ASP M 15 7.06 33.36 3.58
N VAL M 16 6.43 32.86 2.53
CA VAL M 16 7.05 31.82 1.69
C VAL M 16 7.71 32.53 0.51
N THR M 17 8.87 32.01 0.11
CA THR M 17 9.58 32.47 -1.07
C THR M 17 9.04 31.75 -2.33
N GLU M 18 9.29 32.37 -3.48
CA GLU M 18 8.90 31.74 -4.74
C GLU M 18 9.71 30.47 -4.96
N GLY M 19 10.99 30.50 -4.62
CA GLY M 19 11.85 29.33 -4.76
C GLY M 19 11.51 28.16 -3.86
N GLU M 20 10.74 28.38 -2.78
CA GLU M 20 10.35 27.26 -1.92
C GLU M 20 9.16 26.51 -2.50
N VAL M 21 8.16 27.25 -2.98
CA VAL M 21 7.08 26.64 -3.76
C VAL M 21 7.64 25.88 -4.96
N ILE M 22 8.44 26.55 -5.79
CA ILE M 22 9.03 25.88 -6.95
C ILE M 22 9.75 24.60 -6.52
N SER M 23 10.57 24.68 -5.46
CA SER M 23 11.35 23.57 -4.92
C SER M 23 10.52 22.34 -4.57
N LEU M 24 9.18 22.48 -4.55
CA LEU M 24 8.29 21.37 -4.21
C LEU M 24 8.10 20.43 -5.38
N GLY M 25 7.82 20.99 -6.56
CA GLY M 25 7.68 20.31 -7.83
C GLY M 25 8.96 19.97 -8.54
N LEU M 26 10.11 20.30 -8.00
CA LEU M 26 11.35 20.04 -8.72
C LEU M 26 11.82 18.59 -8.74
N PRO M 27 11.77 17.85 -7.64
CA PRO M 27 12.22 16.44 -7.72
C PRO M 27 11.44 15.64 -8.76
N PHE M 28 10.15 15.97 -8.96
CA PHE M 28 9.24 15.18 -9.79
C PHE M 28 9.36 15.50 -11.27
N GLY M 29 9.50 16.78 -11.60
CA GLY M 29 9.78 17.14 -12.96
C GLY M 29 10.28 18.57 -13.01
N LYS M 30 10.43 19.06 -14.22
CA LYS M 30 10.94 20.40 -14.48
C LYS M 30 9.78 21.39 -14.45
N VAL M 31 10.04 22.57 -13.88
CA VAL M 31 9.05 23.64 -13.78
C VAL M 31 9.36 24.70 -14.84
N THR M 32 8.33 25.30 -15.42
CA THR M 32 8.55 26.35 -16.40
C THR M 32 7.71 27.61 -16.14
N ASN M 33 6.71 27.55 -15.28
CA ASN M 33 6.02 28.77 -14.92
C ASN M 33 5.44 28.60 -13.53
N LEU M 34 5.42 29.71 -12.77
CA LEU M 34 4.81 29.81 -11.45
C LEU M 34 4.04 31.12 -11.40
N LEU M 35 2.91 31.13 -10.69
CA LEU M 35 2.17 32.35 -10.41
C LEU M 35 1.81 32.37 -8.93
N MET M 36 2.44 33.28 -8.18
CA MET M 36 2.14 33.43 -6.78
C MET M 36 0.79 34.11 -6.58
N LEU M 37 0.18 33.87 -5.42
CA LEU M 37 -1.12 34.43 -5.10
C LEU M 37 -1.09 35.14 -3.75
N LYS M 38 -1.98 36.12 -3.60
CA LYS M 38 -2.08 36.87 -2.37
C LYS M 38 -3.06 36.27 -1.36
N GLY M 39 -4.07 35.54 -1.83
CA GLY M 39 -5.14 35.08 -0.96
C GLY M 39 -4.78 33.73 -0.37
N LYS M 40 -5.20 33.53 0.89
CA LYS M 40 -5.06 32.27 1.62
C LYS M 40 -3.70 31.61 1.41
N ASN M 41 -2.71 32.42 1.01
CA ASN M 41 -1.36 31.97 0.68
C ASN M 41 -1.39 30.77 -0.26
N GLN M 42 -1.91 31.03 -1.45
CA GLN M 42 -1.92 30.00 -2.47
C GLN M 42 -0.96 30.38 -3.58
N ALA M 43 -0.80 29.45 -4.52
CA ALA M 43 0.12 29.53 -5.65
C ALA M 43 -0.26 28.49 -6.67
N PHE M 44 0.15 28.71 -7.91
CA PHE M 44 -0.02 27.77 -9.00
C PHE M 44 1.38 27.42 -9.48
N ILE M 45 1.70 26.12 -9.53
CA ILE M 45 2.98 25.67 -10.08
C ILE M 45 2.65 24.89 -11.34
N GLU M 46 3.32 25.22 -12.44
CA GLU M 46 3.05 24.63 -13.74
C GLU M 46 4.28 23.86 -14.20
N MET M 47 4.09 22.65 -14.70
CA MET M 47 5.21 21.76 -14.99
C MET M 47 5.32 21.49 -16.49
N ASN M 48 6.43 20.86 -16.90
CA ASN M 48 6.63 20.67 -18.34
C ASN M 48 5.72 19.56 -18.87
N THR M 49 5.61 18.46 -18.14
CA THR M 49 4.78 17.35 -18.50
C THR M 49 3.70 17.17 -17.43
N GLU M 50 2.63 16.44 -17.78
CA GLU M 50 1.73 16.02 -16.71
C GLU M 50 2.41 15.00 -15.82
N GLU M 51 3.04 13.99 -16.40
CA GLU M 51 3.58 12.86 -15.66
C GLU M 51 4.17 13.25 -14.31
N ALA M 52 4.81 14.44 -14.27
CA ALA M 52 5.23 15.05 -13.02
C ALA M 52 4.03 15.44 -12.16
N ALA M 53 3.09 16.20 -12.72
CA ALA M 53 1.96 16.71 -11.94
C ALA M 53 1.19 15.58 -11.26
N ASN M 54 1.09 14.41 -11.90
CA ASN M 54 0.46 13.25 -11.26
C ASN M 54 1.35 12.65 -10.18
N THR M 55 2.59 12.29 -10.53
CA THR M 55 3.45 11.71 -9.51
C THR M 55 3.55 12.64 -8.31
N MET M 56 3.49 13.95 -8.55
CA MET M 56 3.36 15.01 -7.55
C MET M 56 2.14 14.80 -6.67
N VAL M 57 0.93 14.98 -7.22
CA VAL M 57 -0.27 14.86 -6.40
C VAL M 57 -0.33 13.49 -5.72
N ASN M 58 0.14 12.45 -6.41
CA ASN M 58 0.15 11.11 -5.82
C ASN M 58 1.10 11.03 -4.64
N TYR M 59 2.38 11.36 -4.87
CA TYR M 59 3.33 11.29 -3.77
C TYR M 59 2.92 12.18 -2.61
N TYR M 60 2.08 13.21 -2.84
CA TYR M 60 1.70 14.14 -1.77
C TYR M 60 0.38 13.82 -1.09
N THR M 61 -0.33 12.76 -1.52
CA THR M 61 -1.39 12.19 -0.67
C THR M 61 -0.80 11.24 0.37
N SER M 62 0.29 10.54 0.03
CA SER M 62 0.95 9.65 0.98
C SER M 62 1.84 10.41 1.95
N VAL M 63 2.39 11.53 1.50
CA VAL M 63 3.26 12.42 2.28
C VAL M 63 2.69 13.83 2.10
N THR M 64 2.03 14.38 3.15
CA THR M 64 1.67 15.81 3.10
C THR M 64 2.92 16.65 3.41
N PRO M 65 3.32 17.57 2.53
CA PRO M 65 4.61 18.23 2.72
C PRO M 65 4.49 19.37 3.71
N VAL M 66 5.60 19.68 4.37
CA VAL M 66 5.63 20.70 5.40
C VAL M 66 6.64 21.77 4.98
N LEU M 67 6.19 23.03 4.96
CA LEU M 67 7.03 24.19 4.68
C LEU M 67 6.98 25.13 5.88
N ARG M 68 8.14 25.31 6.53
CA ARG M 68 8.22 26.11 7.76
C ARG M 68 7.17 25.64 8.76
N GLY M 69 7.11 24.33 8.98
CA GLY M 69 6.23 23.77 9.98
C GLY M 69 4.75 23.77 9.65
N GLN M 70 4.36 24.20 8.46
CA GLN M 70 2.96 24.28 8.09
C GLN M 70 2.66 23.21 7.04
N PRO M 71 1.67 22.35 7.26
CA PRO M 71 1.19 21.47 6.17
C PRO M 71 0.73 22.29 4.98
N ILE M 72 1.16 21.85 3.79
CA ILE M 72 0.77 22.47 2.54
C ILE M 72 -0.05 21.44 1.77
N TYR M 73 -1.23 21.85 1.31
CA TYR M 73 -2.23 20.94 0.80
C TYR M 73 -2.29 21.08 -0.72
N ILE M 74 -1.26 20.52 -1.38
CA ILE M 74 -1.18 20.47 -2.83
C ILE M 74 -2.33 19.66 -3.41
N GLN M 75 -2.89 20.16 -4.52
CA GLN M 75 -4.10 19.61 -5.14
C GLN M 75 -3.96 19.73 -6.64
N PHE M 76 -4.81 19.01 -7.36
CA PHE M 76 -4.74 19.13 -8.79
C PHE M 76 -5.32 20.47 -9.24
N SER M 77 -5.23 20.70 -10.54
CA SER M 77 -5.59 21.97 -11.15
C SER M 77 -7.06 22.29 -10.96
N ASN M 78 -7.32 23.46 -10.37
CA ASN M 78 -8.69 23.98 -10.36
C ASN M 78 -9.24 24.06 -11.78
N HIS M 79 -8.39 24.49 -12.72
CA HIS M 79 -8.76 24.56 -14.13
C HIS M 79 -7.47 24.68 -14.94
N LYS M 80 -7.37 23.91 -16.03
CA LYS M 80 -6.29 24.04 -17.00
C LYS M 80 -6.92 24.24 -18.38
N GLU M 81 -6.65 25.40 -18.97
CA GLU M 81 -7.18 25.75 -20.29
C GLU M 81 -6.09 25.80 -21.36
N ASN N 1 4.96 39.66 -6.80
CA ASN N 1 5.00 40.11 -8.20
C ASN N 1 5.66 39.07 -9.13
N GLN N 2 5.21 39.04 -10.39
CA GLN N 2 5.77 38.13 -11.38
C GLN N 2 7.30 38.17 -11.37
N ARG N 4 9.29 38.32 -9.09
CA ARG N 4 9.91 37.54 -8.04
C ARG N 4 9.96 36.09 -8.48
N ALA N 5 8.84 35.68 -9.10
CA ALA N 5 8.70 34.34 -9.66
C ALA N 5 9.71 34.07 -10.75
N GLN N 6 9.86 35.01 -11.67
CA GLN N 6 10.77 34.82 -12.79
C GLN N 6 12.25 34.73 -12.34
N ALA N 8 13.34 33.84 -9.53
CA ALA N 8 13.39 32.53 -8.88
C ALA N 8 13.49 31.38 -9.92
N LEU N 9 12.47 31.32 -10.78
CA LEU N 9 12.39 30.33 -11.85
C LEU N 9 13.71 30.21 -12.62
N GLN N 10 14.23 31.34 -13.08
CA GLN N 10 15.42 31.29 -13.92
C GLN N 10 16.63 30.75 -13.16
N VAL N 12 17.00 28.78 -10.60
CA VAL N 12 16.93 27.31 -10.43
C VAL N 12 17.01 26.52 -11.76
N ASN N 13 16.28 26.97 -12.81
CA ASN N 13 16.30 26.35 -14.15
C ASN N 13 17.68 25.78 -14.54
N PRO O 3 27.28 15.03 12.94
CA PRO O 3 26.30 15.89 12.27
C PRO O 3 26.76 17.34 12.11
N SER O 4 26.38 18.02 11.01
CA SER O 4 26.84 19.38 10.74
C SER O 4 25.75 20.12 9.96
N ARG O 5 25.91 21.46 9.83
CA ARG O 5 25.01 22.22 8.96
C ARG O 5 25.28 21.96 7.48
N VAL O 6 26.53 21.70 7.13
CA VAL O 6 26.88 21.44 5.74
C VAL O 6 26.46 20.04 5.34
N ILE O 7 25.97 19.88 4.12
CA ILE O 7 25.65 18.57 3.56
C ILE O 7 26.56 18.35 2.37
N HIS O 8 27.00 17.10 2.19
CA HIS O 8 27.80 16.68 1.03
C HIS O 8 26.90 15.87 0.11
N ILE O 9 26.55 16.43 -1.05
CA ILE O 9 25.75 15.74 -2.04
C ILE O 9 26.71 15.17 -3.07
N ARG O 10 26.50 13.90 -3.47
CA ARG O 10 27.58 13.11 -4.06
C ARG O 10 27.46 12.89 -5.56
N LYS O 11 26.25 12.76 -6.12
CA LYS O 11 26.16 12.56 -7.57
C LYS O 11 25.16 13.54 -8.14
N LEU O 12 25.67 14.65 -8.76
CA LEU O 12 24.88 15.57 -9.57
C LEU O 12 24.88 15.13 -11.01
N PRO O 13 23.90 15.60 -11.79
CA PRO O 13 24.07 15.57 -13.25
C PRO O 13 25.29 16.36 -13.69
N ILE O 14 25.72 16.11 -14.93
CA ILE O 14 26.86 16.86 -15.44
C ILE O 14 26.42 18.27 -15.84
N ASP O 15 25.15 18.45 -16.21
CA ASP O 15 24.63 19.77 -16.56
C ASP O 15 23.90 20.44 -15.39
N VAL O 16 24.33 20.15 -14.10
CA VAL O 16 23.63 20.63 -12.91
C VAL O 16 23.89 22.12 -12.73
N THR O 17 22.91 22.78 -12.13
CA THR O 17 22.87 24.20 -11.89
C THR O 17 23.02 24.49 -10.40
N GLU O 18 23.40 25.72 -10.08
CA GLU O 18 23.45 26.14 -8.68
C GLU O 18 22.06 26.09 -8.06
N GLY O 19 21.09 26.77 -8.70
CA GLY O 19 19.72 26.74 -8.20
C GLY O 19 19.21 25.33 -7.95
N GLU O 20 19.59 24.39 -8.82
CA GLU O 20 19.16 23.00 -8.65
C GLU O 20 19.66 22.44 -7.33
N VAL O 21 20.92 22.67 -7.00
CA VAL O 21 21.50 22.17 -5.76
C VAL O 21 21.00 22.93 -4.53
N ILE O 22 20.66 24.22 -4.69
CA ILE O 22 20.04 24.98 -3.62
C ILE O 22 18.64 24.45 -3.30
N SER O 23 17.85 24.14 -4.35
CA SER O 23 16.40 23.93 -4.18
C SER O 23 16.08 22.68 -3.39
N LEU O 24 17.07 21.79 -3.22
CA LEU O 24 16.83 20.57 -2.46
C LEU O 24 16.65 20.85 -0.98
N GLY O 25 17.41 21.80 -0.42
CA GLY O 25 17.27 22.25 0.95
C GLY O 25 16.21 23.29 1.18
N LEU O 26 15.70 23.90 0.12
CA LEU O 26 14.69 24.92 0.30
C LEU O 26 13.45 24.46 1.05
N PRO O 27 12.89 23.26 0.83
CA PRO O 27 11.69 22.89 1.64
C PRO O 27 11.99 22.53 3.10
N PHE O 28 13.25 22.28 3.47
CA PHE O 28 13.63 21.94 4.84
C PHE O 28 14.12 23.15 5.65
N GLY O 29 14.43 24.25 4.99
CA GLY O 29 14.95 25.41 5.65
C GLY O 29 15.59 26.30 4.59
N LYS O 30 16.29 27.34 5.05
CA LYS O 30 16.95 28.22 4.10
C LYS O 30 18.45 27.94 4.04
N VAL O 31 19.03 28.23 2.89
CA VAL O 31 20.38 27.82 2.50
C VAL O 31 21.23 29.08 2.49
N THR O 32 22.33 29.07 3.24
CA THR O 32 23.10 30.30 3.45
C THR O 32 24.34 30.42 2.57
N ASN O 33 24.97 29.32 2.17
CA ASN O 33 25.98 29.36 1.10
C ASN O 33 25.95 28.03 0.34
N LEU O 34 26.81 27.93 -0.69
CA LEU O 34 26.89 26.76 -1.57
C LEU O 34 28.25 26.73 -2.25
N LEU O 35 28.92 25.57 -2.20
CA LEU O 35 30.15 25.33 -2.95
C LEU O 35 29.91 24.17 -3.88
N MET O 36 30.27 24.32 -5.16
CA MET O 36 30.07 23.27 -6.17
C MET O 36 31.43 22.85 -6.72
N LEU O 37 31.96 21.75 -6.19
CA LEU O 37 33.16 21.17 -6.74
C LEU O 37 32.97 20.82 -8.21
N LYS O 38 34.09 20.83 -8.94
CA LYS O 38 34.12 20.46 -10.34
C LYS O 38 34.74 19.08 -10.49
N GLY O 39 34.34 18.37 -11.54
CA GLY O 39 34.95 17.12 -11.93
C GLY O 39 34.34 15.87 -11.33
N LYS O 40 33.99 15.90 -10.05
CA LYS O 40 33.47 14.71 -9.41
C LYS O 40 31.95 14.73 -9.26
N ASN O 41 31.30 15.82 -9.69
CA ASN O 41 29.86 16.00 -9.59
C ASN O 41 29.40 15.92 -8.13
N GLN O 42 29.97 16.84 -7.34
CA GLN O 42 29.75 16.93 -5.90
C GLN O 42 29.54 18.39 -5.54
N ALA O 43 28.59 18.66 -4.68
CA ALA O 43 28.38 20.00 -4.14
C ALA O 43 28.19 19.92 -2.63
N PHE O 44 28.29 21.08 -2.00
CA PHE O 44 28.14 21.25 -0.57
C PHE O 44 27.14 22.36 -0.32
N ILE O 45 26.20 22.13 0.58
CA ILE O 45 25.21 23.14 0.93
C ILE O 45 25.28 23.39 2.43
N GLU O 46 24.73 24.52 2.85
CA GLU O 46 24.74 24.86 4.26
C GLU O 46 23.41 25.47 4.59
N MET O 47 22.74 24.97 5.61
CA MET O 47 21.43 25.46 5.97
C MET O 47 21.53 26.50 7.09
N ASN O 48 20.39 27.12 7.36
CA ASN O 48 20.34 28.14 8.40
C ASN O 48 20.68 27.53 9.75
N THR O 49 19.85 26.60 10.20
CA THR O 49 20.01 25.87 11.45
C THR O 49 20.46 24.45 11.13
N GLU O 50 21.19 23.85 12.07
CA GLU O 50 21.60 22.46 11.88
C GLU O 50 20.42 21.50 11.94
N GLU O 51 19.39 21.83 12.71
CA GLU O 51 18.22 20.96 12.77
C GLU O 51 17.52 20.88 11.41
N ALA O 52 17.51 21.98 10.64
CA ALA O 52 16.95 21.93 9.29
C ALA O 52 17.78 21.04 8.36
N ALA O 53 19.09 20.96 8.59
CA ALA O 53 19.88 20.02 7.82
C ALA O 53 19.76 18.60 8.35
N ASN O 54 19.36 18.41 9.62
CA ASN O 54 19.12 17.03 10.07
C ASN O 54 17.79 16.51 9.53
N THR O 55 16.74 17.36 9.45
CA THR O 55 15.49 16.92 8.87
C THR O 55 15.66 16.51 7.42
N MET O 56 16.40 17.32 6.66
CA MET O 56 16.54 17.08 5.22
C MET O 56 17.19 15.72 4.96
N VAL O 57 18.32 15.45 5.61
CA VAL O 57 18.95 14.13 5.49
C VAL O 57 18.00 13.05 6.02
N ASN O 58 17.41 13.26 7.19
CA ASN O 58 16.39 12.33 7.68
C ASN O 58 15.34 12.08 6.64
N TYR O 59 14.89 13.12 5.94
CA TYR O 59 13.94 12.90 4.88
C TYR O 59 14.56 12.03 3.80
N TYR O 60 15.80 12.33 3.41
CA TYR O 60 16.42 11.66 2.26
C TYR O 60 17.21 10.41 2.63
N THR O 61 17.03 9.87 3.85
CA THR O 61 17.42 8.49 4.08
C THR O 61 16.30 7.56 3.65
N SER O 62 15.10 7.80 4.16
CA SER O 62 13.96 6.98 3.85
C SER O 62 13.38 7.30 2.48
N VAL O 63 13.93 8.28 1.80
CA VAL O 63 13.52 8.56 0.42
C VAL O 63 14.78 8.69 -0.43
N THR O 64 14.66 8.28 -1.70
CA THR O 64 15.65 8.37 -2.68
C THR O 64 15.72 9.84 -3.07
N PRO O 65 16.79 10.50 -2.65
CA PRO O 65 17.12 11.85 -3.19
C PRO O 65 17.33 11.93 -4.72
N VAL O 66 16.48 12.75 -5.39
CA VAL O 66 16.52 12.87 -6.85
C VAL O 66 16.81 14.31 -7.29
N LEU O 67 17.38 14.42 -8.49
CA LEU O 67 17.62 15.71 -9.11
C LEU O 67 17.60 15.52 -10.61
N ARG O 68 16.55 16.05 -11.25
CA ARG O 68 16.36 15.91 -12.69
C ARG O 68 16.07 14.46 -13.04
N GLY O 69 15.33 13.77 -12.17
CA GLY O 69 15.08 12.35 -12.32
C GLY O 69 16.30 11.46 -12.24
N GLN O 70 17.31 11.84 -11.48
CA GLN O 70 18.57 11.09 -11.39
C GLN O 70 18.86 10.73 -9.94
N PRO O 71 20.00 10.06 -9.62
CA PRO O 71 20.32 9.79 -8.21
C PRO O 71 21.36 10.74 -7.64
N ILE O 72 21.03 11.38 -6.52
CA ILE O 72 22.01 12.10 -5.73
C ILE O 72 22.10 11.36 -4.39
N TYR O 73 23.22 11.55 -3.70
CA TYR O 73 23.47 10.92 -2.41
C TYR O 73 23.96 11.99 -1.44
N ILE O 74 23.17 12.31 -0.43
CA ILE O 74 23.55 13.35 0.52
C ILE O 74 23.95 12.72 1.84
N GLN O 75 24.81 13.44 2.59
CA GLN O 75 25.40 13.03 3.86
C GLN O 75 25.88 14.29 4.58
N PHE O 76 26.59 14.12 5.70
CA PHE O 76 27.02 15.25 6.51
C PHE O 76 28.49 15.58 6.23
N SER O 77 28.76 16.79 5.77
CA SER O 77 30.11 17.14 5.31
C SER O 77 31.12 17.16 6.46
N ASN O 78 30.74 17.79 7.58
CA ASN O 78 31.60 17.96 8.75
C ASN O 78 32.81 18.84 8.46
N HIS O 79 32.66 19.85 7.60
CA HIS O 79 33.79 20.72 7.26
C HIS O 79 33.42 22.20 7.42
N ASN P 1 31.67 31.00 -10.68
CA ASN P 1 31.33 29.96 -9.71
C ASN P 1 30.67 30.55 -8.49
N GLN P 2 31.45 31.28 -7.69
CA GLN P 2 30.89 32.06 -6.60
C GLN P 2 29.81 32.97 -7.14
N ARG P 4 27.84 32.66 -9.77
CA ARG P 4 26.58 31.97 -10.02
C ARG P 4 25.87 31.55 -8.73
N ALA P 5 26.64 31.20 -7.70
CA ALA P 5 26.05 30.87 -6.40
C ALA P 5 25.22 32.03 -5.88
N GLN P 6 25.86 33.17 -5.58
CA GLN P 6 25.21 34.34 -5.00
C GLN P 6 24.04 34.95 -5.82
N ALA P 8 22.05 32.97 -7.33
CA ALA P 8 20.98 32.03 -6.98
C ALA P 8 20.38 32.24 -5.56
N LEU P 9 21.27 32.26 -4.54
CA LEU P 9 20.85 32.55 -3.17
C LEU P 9 20.05 33.84 -3.06
N GLN P 10 20.42 34.88 -3.81
CA GLN P 10 19.62 36.11 -3.77
C GLN P 10 18.27 35.90 -4.42
N VAL P 12 16.23 33.43 -4.88
CA VAL P 12 15.21 32.76 -4.07
C VAL P 12 14.58 33.71 -3.06
N ASN P 13 15.49 34.41 -2.34
CA ASN P 13 15.22 35.37 -1.25
C ASN P 13 14.14 36.39 -1.56
N PRO Q 2 8.79 -21.45 -27.30
CA PRO Q 2 7.57 -22.20 -27.62
C PRO Q 2 7.01 -22.98 -26.41
N PRO Q 3 5.65 -23.15 -26.31
CA PRO Q 3 5.03 -23.79 -25.13
C PRO Q 3 5.69 -25.09 -24.65
N SER Q 4 6.12 -25.13 -23.37
CA SER Q 4 6.78 -26.29 -22.77
C SER Q 4 6.40 -26.39 -21.30
N ARG Q 5 6.59 -27.60 -20.76
CA ARG Q 5 6.35 -27.90 -19.35
C ARG Q 5 7.62 -27.82 -18.50
N VAL Q 6 8.80 -27.65 -19.12
CA VAL Q 6 10.05 -27.53 -18.37
C VAL Q 6 10.43 -26.06 -18.23
N ILE Q 7 10.96 -25.71 -17.06
CA ILE Q 7 11.21 -24.32 -16.70
C ILE Q 7 12.67 -24.16 -16.33
N HIS Q 8 13.35 -23.26 -17.03
CA HIS Q 8 14.73 -22.91 -16.68
C HIS Q 8 14.74 -21.90 -15.53
N ILE Q 9 15.53 -22.18 -14.51
CA ILE Q 9 15.58 -21.33 -13.32
C ILE Q 9 17.05 -20.97 -13.08
N ARG Q 10 17.36 -19.67 -13.14
CA ARG Q 10 18.72 -19.17 -13.12
C ARG Q 10 19.01 -18.35 -11.86
N LYS Q 11 20.32 -18.13 -11.62
CA LYS Q 11 20.81 -17.23 -10.56
C LYS Q 11 20.44 -17.73 -9.16
N LEU Q 12 20.45 -19.04 -8.95
CA LEU Q 12 20.13 -19.54 -7.62
C LEU Q 12 21.33 -19.39 -6.72
N PRO Q 13 21.12 -19.36 -5.37
CA PRO Q 13 22.26 -19.33 -4.43
C PRO Q 13 23.26 -20.44 -4.72
N ILE Q 14 24.39 -20.43 -4.04
CA ILE Q 14 25.35 -21.50 -4.29
C ILE Q 14 24.98 -22.79 -3.57
N ASP Q 15 24.07 -22.72 -2.59
CA ASP Q 15 23.78 -23.85 -1.73
C ASP Q 15 22.32 -24.31 -1.80
N VAL Q 16 21.62 -24.06 -2.93
CA VAL Q 16 20.22 -24.46 -3.06
C VAL Q 16 20.05 -25.95 -2.79
N THR Q 17 19.07 -26.27 -1.94
CA THR Q 17 18.70 -27.68 -1.76
C THR Q 17 17.61 -28.03 -2.77
N GLU Q 18 17.65 -29.26 -3.26
CA GLU Q 18 16.72 -29.66 -4.31
C GLU Q 18 15.28 -29.47 -3.87
N GLY Q 19 15.02 -29.55 -2.56
N GLY Q 19 15.02 -29.55 -2.56
CA GLY Q 19 13.68 -29.32 -2.05
CA GLY Q 19 13.68 -29.31 -2.06
C GLY Q 19 13.20 -27.89 -2.20
C GLY Q 19 13.20 -27.89 -2.20
N GLU Q 20 14.12 -26.93 -2.25
CA GLU Q 20 13.71 -25.52 -2.41
C GLU Q 20 13.34 -25.18 -3.85
N VAL Q 21 13.98 -25.81 -4.84
CA VAL Q 21 13.57 -25.54 -6.22
C VAL Q 21 12.19 -26.13 -6.50
N ILE Q 22 11.92 -27.37 -6.08
CA ILE Q 22 10.59 -27.89 -6.38
C ILE Q 22 9.53 -27.15 -5.55
N SER Q 23 9.90 -26.68 -4.34
CA SER Q 23 8.96 -25.96 -3.49
C SER Q 23 8.41 -24.70 -4.18
N LEU Q 24 9.11 -24.18 -5.20
CA LEU Q 24 8.62 -23.06 -5.98
C LEU Q 24 7.61 -23.50 -7.01
N GLY Q 25 7.56 -24.80 -7.30
CA GLY Q 25 6.65 -25.34 -8.28
C GLY Q 25 5.40 -25.90 -7.62
N LEU Q 26 5.60 -26.71 -6.59
CA LEU Q 26 4.55 -27.33 -5.79
C LEU Q 26 3.33 -26.44 -5.56
N PRO Q 27 3.48 -25.10 -5.42
CA PRO Q 27 2.27 -24.25 -5.41
C PRO Q 27 1.46 -24.36 -6.68
N PHE Q 28 2.11 -24.33 -7.85
CA PHE Q 28 1.45 -24.17 -9.14
C PHE Q 28 1.00 -25.48 -9.77
N GLY Q 29 1.68 -26.58 -9.49
CA GLY Q 29 1.25 -27.89 -9.93
C GLY Q 29 2.22 -28.96 -9.47
N LYS Q 30 1.92 -30.21 -9.81
CA LYS Q 30 2.82 -31.30 -9.49
C LYS Q 30 4.14 -31.10 -10.21
N VAL Q 31 5.24 -31.39 -9.51
CA VAL Q 31 6.57 -31.45 -10.11
C VAL Q 31 6.88 -32.91 -10.37
N THR Q 32 7.24 -33.24 -11.61
CA THR Q 32 7.34 -34.64 -12.01
C THR Q 32 8.77 -35.09 -12.29
N ASN Q 33 9.65 -34.18 -12.67
CA ASN Q 33 11.09 -34.47 -12.64
C ASN Q 33 11.80 -33.13 -12.53
N LEU Q 34 13.09 -33.17 -12.17
CA LEU Q 34 13.90 -31.97 -11.98
C LEU Q 34 15.35 -32.31 -12.29
N LEU Q 35 16.16 -31.28 -12.51
CA LEU Q 35 17.59 -31.44 -12.79
C LEU Q 35 18.33 -30.24 -12.23
N MET Q 36 19.40 -30.51 -11.48
CA MET Q 36 20.23 -29.48 -10.87
C MET Q 36 21.52 -29.31 -11.65
N LEU Q 37 21.92 -28.05 -11.81
CA LEU Q 37 23.16 -27.65 -12.47
C LEU Q 37 23.79 -26.59 -11.56
N LYS Q 38 24.50 -27.06 -10.54
CA LYS Q 38 25.09 -26.18 -9.53
C LYS Q 38 26.38 -25.50 -10.00
N GLY Q 39 26.95 -25.95 -11.13
CA GLY Q 39 28.09 -25.24 -11.69
C GLY Q 39 27.71 -23.89 -12.27
N LYS Q 40 26.59 -23.81 -12.98
CA LYS Q 40 26.16 -22.58 -13.62
C LYS Q 40 25.26 -21.71 -12.73
N ASN Q 41 24.95 -22.19 -11.50
CA ASN Q 41 23.88 -21.67 -10.62
C ASN Q 41 22.53 -21.64 -11.34
N GLN Q 42 22.22 -22.75 -12.02
CA GLN Q 42 21.00 -22.92 -12.79
C GLN Q 42 20.38 -24.26 -12.41
N ALA Q 43 19.19 -24.52 -12.93
CA ALA Q 43 18.46 -25.75 -12.65
C ALA Q 43 17.28 -25.78 -13.61
N PHE Q 44 16.76 -26.99 -13.84
CA PHE Q 44 15.58 -27.16 -14.67
C PHE Q 44 14.54 -27.95 -13.90
N ILE Q 45 13.29 -27.63 -14.12
CA ILE Q 45 12.18 -28.22 -13.38
C ILE Q 45 11.07 -28.51 -14.38
N GLU Q 46 10.36 -29.61 -14.16
CA GLU Q 46 9.38 -30.11 -15.13
C GLU Q 46 8.00 -30.10 -14.49
N MET Q 47 7.09 -29.33 -15.08
CA MET Q 47 5.75 -29.18 -14.54
C MET Q 47 4.79 -30.18 -15.19
N ASN Q 48 3.85 -30.68 -14.38
CA ASN Q 48 2.96 -31.76 -14.80
C ASN Q 48 2.07 -31.36 -15.99
N THR Q 49 1.42 -30.20 -15.91
CA THR Q 49 0.59 -29.65 -16.98
C THR Q 49 1.19 -28.32 -17.43
N GLU Q 50 1.32 -28.13 -18.74
CA GLU Q 50 1.95 -26.91 -19.21
C GLU Q 50 1.21 -25.64 -18.82
N GLU Q 51 -0.04 -25.74 -18.30
CA GLU Q 51 -0.74 -24.54 -17.81
C GLU Q 51 -0.22 -24.08 -16.45
N ALA Q 52 0.19 -25.02 -15.61
CA ALA Q 52 0.82 -24.68 -14.34
C ALA Q 52 2.19 -24.05 -14.57
N ALA Q 53 2.90 -24.44 -15.64
CA ALA Q 53 4.12 -23.72 -15.98
C ALA Q 53 3.83 -22.31 -16.49
N ASN Q 54 2.68 -22.10 -17.13
CA ASN Q 54 2.31 -20.75 -17.54
C ASN Q 54 1.86 -19.93 -16.35
N THR Q 55 1.04 -20.54 -15.49
CA THR Q 55 0.56 -19.86 -14.29
C THR Q 55 1.73 -19.51 -13.37
N MET Q 56 2.73 -20.40 -13.27
CA MET Q 56 3.90 -20.11 -12.47
C MET Q 56 4.65 -18.90 -12.98
N VAL Q 57 5.05 -18.92 -14.26
CA VAL Q 57 5.98 -17.91 -14.74
C VAL Q 57 5.37 -16.52 -14.63
N ASN Q 58 4.08 -16.38 -14.98
CA ASN Q 58 3.43 -15.08 -14.90
C ASN Q 58 3.47 -14.52 -13.49
N TYR Q 59 3.50 -15.39 -12.49
CA TYR Q 59 3.58 -14.92 -11.11
C TYR Q 59 4.95 -14.35 -10.83
N TYR Q 60 6.02 -15.07 -11.19
CA TYR Q 60 7.36 -14.64 -10.78
C TYR Q 60 7.89 -13.52 -11.66
N THR Q 61 7.30 -13.34 -12.85
CA THR Q 61 7.59 -12.14 -13.63
C THR Q 61 6.98 -10.88 -13.03
N SER Q 62 5.98 -11.02 -12.15
CA SER Q 62 5.45 -9.87 -11.43
C SER Q 62 5.94 -9.79 -10.00
N VAL Q 63 5.84 -10.87 -9.24
CA VAL Q 63 6.37 -10.94 -7.88
C VAL Q 63 7.76 -11.56 -7.96
N THR Q 64 8.77 -10.81 -7.57
CA THR Q 64 10.10 -11.39 -7.59
C THR Q 64 10.11 -12.65 -6.72
N PRO Q 65 10.81 -13.70 -7.15
CA PRO Q 65 10.88 -14.93 -6.34
C PRO Q 65 12.13 -14.91 -5.51
N VAL Q 66 11.98 -14.86 -4.19
CA VAL Q 66 13.14 -14.69 -3.30
C VAL Q 66 13.43 -16.02 -2.62
N LEU Q 67 14.62 -16.55 -2.88
CA LEU Q 67 15.08 -17.82 -2.34
C LEU Q 67 16.40 -17.57 -1.61
N ARG Q 68 16.41 -17.84 -0.31
CA ARG Q 68 17.58 -17.59 0.55
C ARG Q 68 17.88 -16.10 0.69
N GLY Q 69 16.84 -15.28 0.67
CA GLY Q 69 16.97 -13.84 0.57
C GLY Q 69 17.52 -13.33 -0.75
N GLN Q 70 17.79 -14.19 -1.72
CA GLN Q 70 18.35 -13.72 -2.98
C GLN Q 70 17.34 -13.83 -4.12
N PRO Q 71 17.11 -12.76 -4.89
CA PRO Q 71 16.25 -12.87 -6.09
C PRO Q 71 16.73 -13.97 -7.04
N ILE Q 72 15.78 -14.57 -7.76
CA ILE Q 72 16.13 -15.62 -8.73
C ILE Q 72 15.27 -15.50 -9.98
N TYR Q 73 15.82 -16.00 -11.10
CA TYR Q 73 15.29 -15.76 -12.44
C TYR Q 73 14.54 -16.98 -12.95
N ILE Q 74 13.28 -16.78 -13.37
CA ILE Q 74 12.46 -17.83 -13.98
C ILE Q 74 12.47 -17.67 -15.50
N GLN Q 75 12.69 -18.78 -16.19
CA GLN Q 75 12.89 -18.79 -17.64
C GLN Q 75 12.13 -19.96 -18.20
N PHE Q 76 11.55 -19.76 -19.35
CA PHE Q 76 10.66 -20.76 -19.88
C PHE Q 76 11.38 -21.79 -20.73
N SER Q 77 12.69 -21.61 -20.94
CA SER Q 77 13.50 -22.40 -21.88
C SER Q 77 13.17 -23.88 -21.81
N ASN Q 78 13.13 -24.50 -22.97
CA ASN Q 78 12.86 -25.93 -23.07
C ASN Q 78 14.17 -26.72 -23.18
N ASN R 1 24.73 -36.46 -8.11
CA ASN R 1 24.01 -35.19 -8.07
C ASN R 1 22.50 -35.39 -8.23
N GLN R 2 22.12 -36.30 -9.12
CA GLN R 2 20.72 -36.50 -9.36
C GLN R 2 20.11 -37.18 -8.15
N ARG R 4 20.36 -36.59 -4.93
CA ARG R 4 19.76 -35.62 -4.04
C ARG R 4 18.42 -35.13 -4.63
N ALA R 5 18.37 -35.02 -5.97
CA ALA R 5 17.16 -34.56 -6.63
C ALA R 5 16.04 -35.61 -6.56
N GLN R 6 16.34 -36.87 -6.90
CA GLN R 6 15.34 -37.95 -6.83
C GLN R 6 14.76 -38.29 -5.44
N ALA R 8 14.29 -36.08 -3.01
CA ALA R 8 13.35 -34.98 -2.79
C ALA R 8 12.08 -35.13 -3.63
N LEU R 9 12.24 -35.62 -4.88
CA LEU R 9 11.10 -35.81 -5.76
C LEU R 9 10.15 -36.85 -5.19
N GLN R 10 10.69 -38.00 -4.82
CA GLN R 10 9.92 -39.08 -4.22
C GLN R 10 9.33 -38.70 -2.88
N VAL R 12 7.99 -35.84 -2.08
CA VAL R 12 6.75 -35.08 -2.35
C VAL R 12 5.79 -35.90 -3.23
N ASN R 13 6.30 -36.47 -4.33
CA ASN R 13 5.51 -37.32 -5.21
C ASN R 13 5.24 -38.70 -4.62
N PRO S 2 -11.25 54.71 28.97
CA PRO S 2 -12.11 53.53 29.00
C PRO S 2 -12.00 52.74 30.31
N PRO S 3 -13.07 52.71 31.13
CA PRO S 3 -13.07 52.00 32.40
C PRO S 3 -13.51 50.54 32.31
N SER S 4 -12.69 49.69 31.71
CA SER S 4 -13.03 48.29 31.47
C SER S 4 -11.74 47.47 31.48
N ARG S 5 -11.89 46.14 31.37
CA ARG S 5 -10.77 45.20 31.49
C ARG S 5 -10.55 44.31 30.27
N VAL S 6 -11.58 44.11 29.44
CA VAL S 6 -11.51 43.18 28.31
C VAL S 6 -10.69 43.80 27.19
N ILE S 7 -9.65 43.07 26.74
CA ILE S 7 -8.81 43.46 25.61
C ILE S 7 -9.16 42.55 24.45
N HIS S 8 -9.82 43.09 23.43
CA HIS S 8 -10.18 42.29 22.27
C HIS S 8 -8.93 41.96 21.45
N ILE S 9 -8.69 40.67 21.24
CA ILE S 9 -7.58 40.16 20.45
C ILE S 9 -8.16 39.68 19.12
N ARG S 10 -7.52 40.08 18.01
CA ARG S 10 -7.97 39.67 16.68
C ARG S 10 -6.81 39.24 15.80
N LYS S 11 -7.19 38.52 14.72
CA LYS S 11 -6.28 37.99 13.69
C LYS S 11 -5.29 36.96 14.28
N LEU S 12 -5.82 36.07 15.13
CA LEU S 12 -5.07 34.99 15.74
C LEU S 12 -4.90 33.83 14.78
N PRO S 13 -3.86 33.00 14.96
CA PRO S 13 -3.68 31.87 14.06
C PRO S 13 -4.82 30.87 14.13
N ILE S 14 -4.78 29.84 13.28
CA ILE S 14 -5.85 28.83 13.25
C ILE S 14 -5.62 27.72 14.30
N ASP S 15 -4.38 27.55 14.78
CA ASP S 15 -4.05 26.56 15.80
C ASP S 15 -3.89 27.19 17.19
N VAL S 16 -4.47 28.36 17.42
CA VAL S 16 -4.24 29.05 18.69
C VAL S 16 -5.04 28.34 19.77
N THR S 17 -4.44 28.22 20.95
CA THR S 17 -5.11 27.62 22.09
C THR S 17 -5.61 28.70 23.05
N GLU S 18 -6.39 28.25 24.02
CA GLU S 18 -6.73 29.09 25.16
C GLU S 18 -5.49 29.62 25.86
N GLY S 19 -4.46 28.79 25.98
CA GLY S 19 -3.29 29.19 26.69
C GLY S 19 -2.50 30.24 25.95
N GLU S 20 -2.41 30.12 24.62
CA GLU S 20 -1.66 31.09 23.81
C GLU S 20 -2.29 32.47 23.93
N VAL S 21 -3.62 32.54 23.94
CA VAL S 21 -4.35 33.79 24.07
C VAL S 21 -4.12 34.45 25.44
N ILE S 22 -4.09 33.65 26.52
CA ILE S 22 -3.83 34.18 27.85
C ILE S 22 -2.41 34.74 27.96
N SER S 23 -1.42 33.96 27.55
CA SER S 23 -0.04 34.31 27.83
C SER S 23 0.33 35.61 27.09
N LEU S 24 -0.65 36.18 26.39
CA LEU S 24 -0.55 37.57 25.96
C LEU S 24 -0.71 38.53 27.14
N GLY S 25 -1.73 38.32 27.97
CA GLY S 25 -1.96 39.12 29.16
C GLY S 25 -1.12 38.78 30.39
N LEU S 26 -0.30 37.75 30.29
CA LEU S 26 0.41 37.23 31.45
C LEU S 26 1.60 38.09 31.90
N PRO S 27 2.42 38.63 30.99
CA PRO S 27 3.55 39.45 31.46
C PRO S 27 3.15 40.85 31.97
N PHE S 28 1.88 41.24 31.90
CA PHE S 28 1.43 42.56 32.36
C PHE S 28 0.44 42.56 33.52
N GLY S 29 -0.26 41.46 33.77
CA GLY S 29 -1.11 41.34 34.94
C GLY S 29 -1.41 39.86 35.31
N LYS S 30 -2.58 39.64 35.90
CA LYS S 30 -3.06 38.30 36.21
C LYS S 30 -4.38 38.14 35.49
N VAL S 31 -4.40 37.27 34.48
CA VAL S 31 -5.59 37.04 33.66
C VAL S 31 -6.65 36.29 34.47
N THR S 32 -7.89 36.77 34.39
CA THR S 32 -8.96 36.24 35.21
C THR S 32 -9.91 35.34 34.45
N ASN S 33 -10.48 35.81 33.35
CA ASN S 33 -11.33 34.93 32.56
C ASN S 33 -11.06 35.12 31.07
N LEU S 34 -11.64 34.21 30.27
CA LEU S 34 -11.45 34.19 28.83
C LEU S 34 -12.74 33.78 28.11
N LEU S 35 -12.91 34.27 26.87
CA LEU S 35 -13.94 33.80 25.93
C LEU S 35 -13.40 33.82 24.50
N MET S 36 -13.67 32.76 23.73
CA MET S 36 -13.09 32.59 22.40
C MET S 36 -14.18 32.14 21.42
N LEU S 37 -13.96 32.35 20.12
CA LEU S 37 -14.87 31.85 19.10
C LEU S 37 -14.09 31.71 17.78
N LYS S 38 -14.21 30.52 17.15
CA LYS S 38 -13.37 30.16 16.01
C LYS S 38 -13.50 31.16 14.87
N GLY S 39 -14.71 31.66 14.59
CA GLY S 39 -14.88 32.68 13.57
C GLY S 39 -13.93 33.86 13.69
N LYS S 40 -13.33 34.29 12.56
CA LYS S 40 -12.42 35.44 12.43
C LYS S 40 -11.18 35.37 13.32
N ASN S 41 -11.04 34.26 14.05
CA ASN S 41 -9.89 34.02 14.94
C ASN S 41 -9.70 35.15 15.94
N GLN S 42 -10.75 35.42 16.72
CA GLN S 42 -10.70 36.47 17.72
C GLN S 42 -11.09 35.95 19.10
N ALA S 43 -10.47 36.54 20.12
CA ALA S 43 -10.60 36.06 21.48
C ALA S 43 -10.72 37.24 22.44
N PHE S 44 -11.19 36.93 23.64
CA PHE S 44 -11.40 37.88 24.71
C PHE S 44 -10.59 37.47 25.93
N ILE S 45 -9.95 38.46 26.57
CA ILE S 45 -9.10 38.18 27.72
C ILE S 45 -9.32 39.23 28.79
N GLU S 46 -10.18 38.94 29.77
CA GLU S 46 -10.46 39.92 30.81
C GLU S 46 -9.33 39.92 31.84
N MET S 47 -8.93 41.12 32.24
CA MET S 47 -7.78 41.29 33.11
C MET S 47 -8.26 41.71 34.49
N ASN S 48 -7.52 41.31 35.53
CA ASN S 48 -7.90 41.67 36.90
C ASN S 48 -7.77 43.18 37.12
N THR S 49 -6.56 43.71 36.96
CA THR S 49 -6.26 45.13 37.19
C THR S 49 -6.37 45.93 35.90
N GLU S 50 -7.04 47.09 35.97
CA GLU S 50 -7.11 48.02 34.83
C GLU S 50 -5.74 48.64 34.52
N GLU S 51 -4.81 48.62 35.48
CA GLU S 51 -3.43 49.03 35.20
C GLU S 51 -2.78 48.09 34.21
N ALA S 52 -2.98 46.78 34.38
CA ALA S 52 -2.52 45.80 33.41
C ALA S 52 -3.23 45.95 32.07
N ALA S 53 -4.55 46.18 32.10
CA ALA S 53 -5.28 46.58 30.90
C ALA S 53 -4.61 47.77 30.20
N ASN S 54 -4.25 48.80 30.97
CA ASN S 54 -3.55 49.96 30.40
C ASN S 54 -2.14 49.59 29.94
N THR S 55 -1.34 48.97 30.84
CA THR S 55 0.06 48.61 30.56
C THR S 55 0.20 47.55 29.46
N MET S 56 -0.91 47.05 28.94
CA MET S 56 -0.88 46.10 27.84
C MET S 56 -1.26 46.72 26.50
N VAL S 57 -2.27 47.60 26.46
CA VAL S 57 -2.64 48.22 25.20
C VAL S 57 -1.59 49.21 24.73
N ASN S 58 -0.90 49.87 25.67
CA ASN S 58 0.11 50.85 25.29
C ASN S 58 1.29 50.17 24.60
N TYR S 59 1.76 49.06 25.17
CA TYR S 59 2.86 48.32 24.56
C TYR S 59 2.50 47.94 23.14
N TYR S 60 1.38 47.27 22.97
CA TYR S 60 0.95 46.80 21.65
C TYR S 60 0.14 47.89 20.94
N THR S 61 0.73 49.09 20.85
CA THR S 61 0.15 50.17 20.06
C THR S 61 1.00 50.47 18.83
N SER S 62 2.31 50.70 19.01
CA SER S 62 3.19 50.76 17.85
C SER S 62 4.06 49.52 17.73
N VAL S 63 4.38 48.87 18.85
CA VAL S 63 4.95 47.53 18.82
C VAL S 63 3.84 46.57 18.43
N THR S 64 3.84 46.11 17.18
CA THR S 64 2.73 45.28 16.73
C THR S 64 2.73 43.95 17.49
N PRO S 65 1.60 43.55 18.05
CA PRO S 65 1.56 42.32 18.85
C PRO S 65 1.74 41.10 17.96
N VAL S 66 2.60 40.20 18.41
CA VAL S 66 2.96 39.02 17.65
C VAL S 66 2.75 37.77 18.50
N LEU S 67 2.39 36.68 17.85
CA LEU S 67 2.12 35.41 18.54
C LEU S 67 2.61 34.26 17.67
N ARG S 68 3.58 33.50 18.18
CA ARG S 68 4.25 32.45 17.43
C ARG S 68 4.83 33.02 16.14
N GLY S 69 5.30 34.26 16.20
CA GLY S 69 5.90 34.92 15.06
C GLY S 69 4.95 35.57 14.08
N GLN S 70 3.64 35.41 14.29
CA GLN S 70 2.58 35.89 13.43
C GLN S 70 1.97 37.18 13.97
N PRO S 71 1.89 38.26 13.19
CA PRO S 71 1.26 39.48 13.72
C PRO S 71 -0.21 39.26 14.03
N ILE S 72 -0.64 39.81 15.16
CA ILE S 72 -2.02 39.77 15.65
C ILE S 72 -2.37 41.20 15.98
N TYR S 73 -3.46 41.41 16.71
CA TYR S 73 -3.89 42.78 16.96
C TYR S 73 -4.78 42.81 18.20
N ILE S 74 -4.56 43.82 19.03
CA ILE S 74 -5.27 44.02 20.30
C ILE S 74 -6.15 45.28 20.22
N GLN S 75 -7.17 45.33 21.08
CA GLN S 75 -8.12 46.43 21.11
C GLN S 75 -8.86 46.45 22.44
N PHE S 76 -9.12 47.65 22.96
CA PHE S 76 -10.01 47.85 24.09
C PHE S 76 -11.45 47.74 23.63
N SER S 77 -12.15 46.65 23.97
CA SER S 77 -13.54 46.55 23.55
C SER S 77 -14.47 46.95 24.71
N ASN S 78 -15.75 47.06 24.37
CA ASN S 78 -16.80 47.36 25.33
C ASN S 78 -16.99 46.13 26.24
N HIS S 79 -17.10 46.36 27.54
CA HIS S 79 -17.36 45.27 28.48
C HIS S 79 -18.87 45.07 28.69
N ASN T 1 -15.55 24.22 25.58
CA ASN T 1 -15.68 25.67 25.37
C ASN T 1 -15.29 26.48 26.63
N GLN T 2 -16.25 26.67 27.52
CA GLN T 2 -15.95 27.31 28.79
C GLN T 2 -14.88 26.53 29.59
N ARG T 4 -12.42 24.50 28.63
CA ARG T 4 -11.06 24.50 28.11
C ARG T 4 -10.38 25.82 28.45
N ALA T 5 -11.23 26.86 28.55
CA ALA T 5 -10.84 28.16 29.08
C ALA T 5 -10.33 28.04 30.51
N GLN T 6 -11.21 27.59 31.41
CA GLN T 6 -10.87 27.48 32.80
C GLN T 6 -9.67 26.56 33.08
N ALA T 8 -6.96 26.28 31.10
CA ALA T 8 -5.77 27.05 30.76
C ALA T 8 -5.54 28.14 31.79
N LEU T 9 -6.66 28.79 32.15
CA LEU T 9 -6.65 29.83 33.16
C LEU T 9 -5.97 29.33 34.43
N GLN T 10 -6.49 28.27 35.02
CA GLN T 10 -5.92 27.72 36.23
C GLN T 10 -4.48 27.17 35.96
N VAL T 12 -2.06 28.17 34.35
CA VAL T 12 -0.95 29.12 34.30
C VAL T 12 -0.90 29.99 35.56
N ASN T 13 -2.04 30.14 36.25
CA ASN T 13 -2.16 30.88 37.50
C ASN T 13 -2.19 29.93 38.69
N PRO U 2 -10.28 51.44 7.54
CA PRO U 2 -10.10 50.59 6.35
C PRO U 2 -8.66 50.07 6.20
N PRO U 3 -8.28 49.05 6.99
CA PRO U 3 -6.89 48.54 6.92
C PRO U 3 -6.62 47.76 5.64
N SER U 4 -5.53 48.12 4.97
CA SER U 4 -5.08 47.41 3.79
C SER U 4 -3.56 47.36 3.82
N ARG U 5 -3.01 46.26 3.32
CA ARG U 5 -1.56 46.09 3.31
C ARG U 5 -0.85 47.18 2.53
N VAL U 6 -1.58 47.95 1.73
CA VAL U 6 -1.00 48.99 0.87
C VAL U 6 -1.48 50.35 1.37
N ILE U 7 -0.57 51.33 1.34
CA ILE U 7 -0.83 52.68 1.84
C ILE U 7 -0.42 53.69 0.76
N HIS U 8 -1.04 54.84 0.83
CA HIS U 8 -1.00 55.84 -0.23
C HIS U 8 -0.23 57.03 0.30
N ILE U 9 1.02 57.21 -0.16
CA ILE U 9 1.88 58.28 0.33
C ILE U 9 1.70 59.48 -0.60
N ARG U 10 1.26 60.59 -0.05
CA ARG U 10 1.07 61.78 -0.86
C ARG U 10 2.07 62.86 -0.39
N LYS U 11 2.23 63.90 -1.23
CA LYS U 11 3.12 65.06 -0.96
C LYS U 11 4.57 64.64 -0.80
N LEU U 12 5.00 63.66 -1.59
CA LEU U 12 6.37 63.16 -1.50
C LEU U 12 7.32 64.15 -2.18
N PRO U 13 8.56 64.29 -1.71
CA PRO U 13 9.49 65.21 -2.37
C PRO U 13 9.87 64.71 -3.76
N ILE U 14 10.43 65.63 -4.55
CA ILE U 14 11.03 65.29 -5.83
C ILE U 14 12.39 64.64 -5.60
N ASP U 15 12.81 63.82 -6.56
CA ASP U 15 14.06 63.06 -6.52
C ASP U 15 14.03 61.97 -5.45
N VAL U 16 12.88 61.73 -4.80
CA VAL U 16 12.75 60.52 -4.01
C VAL U 16 13.34 59.34 -4.76
N THR U 17 14.23 58.63 -4.09
CA THR U 17 14.71 57.36 -4.55
C THR U 17 13.62 56.32 -4.30
N GLU U 18 13.66 55.21 -5.07
CA GLU U 18 12.92 54.00 -4.73
C GLU U 18 13.19 53.58 -3.29
N GLY U 19 14.48 53.40 -2.99
CA GLY U 19 14.90 53.06 -1.64
C GLY U 19 14.34 53.96 -0.57
N GLU U 20 14.46 55.27 -0.75
CA GLU U 20 13.93 56.21 0.25
C GLU U 20 12.48 55.91 0.59
N VAL U 21 11.71 55.35 -0.36
CA VAL U 21 10.31 55.05 -0.09
C VAL U 21 10.15 53.70 0.59
N ILE U 22 11.03 52.74 0.28
CA ILE U 22 10.96 51.45 0.97
C ILE U 22 11.30 51.66 2.44
N SER U 23 12.31 52.49 2.72
CA SER U 23 12.79 52.79 4.08
C SER U 23 11.68 53.18 5.06
N LEU U 24 10.69 53.98 4.63
CA LEU U 24 9.57 54.26 5.52
C LEU U 24 8.94 53.00 6.10
N GLY U 25 8.92 51.90 5.30
CA GLY U 25 8.26 50.66 5.70
C GLY U 25 9.06 49.73 6.59
N LEU U 26 10.38 49.70 6.44
CA LEU U 26 11.20 48.72 7.13
C LEU U 26 11.09 48.74 8.65
N PRO U 27 10.74 49.85 9.34
CA PRO U 27 10.48 49.73 10.78
C PRO U 27 9.38 48.75 11.12
N PHE U 28 8.33 48.64 10.30
CA PHE U 28 7.09 47.98 10.68
C PHE U 28 6.89 46.61 10.07
N GLY U 29 7.56 46.29 8.97
CA GLY U 29 7.32 45.03 8.30
C GLY U 29 8.30 44.80 7.17
N LYS U 30 7.91 43.93 6.24
CA LYS U 30 8.65 43.71 5.01
C LYS U 30 7.86 44.37 3.88
N VAL U 31 8.56 44.98 2.95
CA VAL U 31 7.88 45.68 1.86
C VAL U 31 7.75 44.71 0.69
N THR U 32 6.52 44.45 0.25
CA THR U 32 6.28 43.47 -0.81
C THR U 32 6.16 44.12 -2.19
N ASN U 33 5.36 45.18 -2.35
CA ASN U 33 5.30 45.89 -3.63
C ASN U 33 5.47 47.41 -3.46
N LEU U 34 5.83 48.05 -4.57
CA LEU U 34 6.05 49.50 -4.62
C LEU U 34 5.66 50.00 -5.99
N LEU U 35 4.69 50.92 -6.07
CA LEU U 35 4.43 51.68 -7.30
C LEU U 35 4.69 53.17 -7.05
N MET U 36 5.55 53.77 -7.88
CA MET U 36 6.03 55.15 -7.70
C MET U 36 5.46 56.10 -8.73
N LEU U 37 4.43 56.84 -8.34
CA LEU U 37 3.75 57.76 -9.26
C LEU U 37 4.51 59.08 -9.32
N LYS U 38 5.67 59.01 -9.99
CA LYS U 38 6.54 60.16 -10.22
C LYS U 38 5.81 61.27 -10.98
N GLY U 39 6.32 62.49 -10.86
CA GLY U 39 5.66 63.58 -11.53
C GLY U 39 4.44 64.06 -10.75
N LYS U 40 3.69 63.12 -10.14
CA LYS U 40 2.61 63.50 -9.26
C LYS U 40 3.08 63.62 -7.80
N ASN U 41 4.32 63.22 -7.53
CA ASN U 41 4.93 63.29 -6.18
C ASN U 41 4.16 62.43 -5.20
N GLN U 42 3.97 61.17 -5.59
CA GLN U 42 3.20 60.22 -4.82
C GLN U 42 3.79 58.83 -5.07
N ALA U 43 3.50 57.93 -4.14
CA ALA U 43 3.99 56.56 -4.16
C ALA U 43 2.96 55.68 -3.48
N PHE U 44 2.86 54.45 -3.98
CA PHE U 44 2.08 53.38 -3.35
C PHE U 44 3.07 52.33 -2.90
N ILE U 45 2.94 51.87 -1.65
CA ILE U 45 3.75 50.74 -1.18
C ILE U 45 2.86 49.72 -0.47
N GLU U 46 3.29 48.46 -0.48
CA GLU U 46 2.51 47.34 0.04
C GLU U 46 3.29 46.60 1.12
N MET U 47 2.61 46.27 2.22
CA MET U 47 3.23 45.71 3.41
C MET U 47 2.96 44.20 3.43
N ASN U 48 3.92 43.42 3.94
CA ASN U 48 3.78 41.96 3.95
C ASN U 48 2.49 41.53 4.65
N THR U 49 2.05 42.31 5.64
CA THR U 49 0.88 42.01 6.45
C THR U 49 0.11 43.31 6.61
N GLU U 50 -1.17 43.18 6.94
CA GLU U 50 -2.00 44.35 7.14
C GLU U 50 -1.87 44.90 8.56
N GLU U 51 -1.42 44.08 9.50
CA GLU U 51 -1.15 44.61 10.82
C GLU U 51 0.05 45.55 10.77
N ALA U 52 1.10 45.18 10.02
CA ALA U 52 2.19 46.09 9.75
C ALA U 52 1.68 47.37 9.08
N ALA U 53 0.71 47.26 8.17
CA ALA U 53 0.11 48.45 7.59
C ALA U 53 -0.62 49.28 8.65
N ASN U 54 -1.36 48.66 9.57
CA ASN U 54 -2.08 49.43 10.58
C ASN U 54 -1.13 50.12 11.58
N THR U 55 -0.20 49.35 12.17
CA THR U 55 0.65 49.97 13.18
C THR U 55 1.56 51.04 12.54
N MET U 56 1.91 50.87 11.27
CA MET U 56 2.60 51.92 10.51
C MET U 56 1.84 53.24 10.48
N VAL U 57 0.66 53.23 9.82
CA VAL U 57 -0.10 54.46 9.58
C VAL U 57 -0.40 55.18 10.88
N ASN U 58 -0.77 54.41 11.92
CA ASN U 58 -0.98 54.98 13.24
C ASN U 58 0.26 55.74 13.71
N TYR U 59 1.45 55.17 13.51
CA TYR U 59 2.68 55.80 14.01
C TYR U 59 2.94 57.14 13.32
N TYR U 60 3.01 57.16 11.99
CA TYR U 60 3.48 58.36 11.30
C TYR U 60 2.55 59.56 11.49
N THR U 61 1.27 59.31 11.79
CA THR U 61 0.37 60.40 12.17
C THR U 61 0.89 61.12 13.42
N SER U 62 1.57 60.40 14.31
CA SER U 62 2.13 61.02 15.52
C SER U 62 3.53 61.57 15.28
N VAL U 63 4.54 60.71 15.13
CA VAL U 63 5.90 61.18 14.90
C VAL U 63 6.04 61.72 13.48
N THR U 64 6.82 62.78 13.33
CA THR U 64 6.81 63.57 12.10
C THR U 64 7.35 62.73 10.93
N PRO U 65 6.51 62.44 9.91
CA PRO U 65 7.04 61.72 8.75
C PRO U 65 7.69 62.72 7.82
N VAL U 66 9.02 62.80 7.86
CA VAL U 66 9.75 63.84 7.13
C VAL U 66 10.81 63.17 6.28
N LEU U 67 10.75 63.41 4.97
CA LEU U 67 11.82 63.05 4.06
C LEU U 67 12.41 64.32 3.45
N ARG U 68 13.74 64.37 3.37
CA ARG U 68 14.44 65.42 2.66
C ARG U 68 13.87 66.78 3.07
N GLY U 69 13.64 66.92 4.37
CA GLY U 69 13.17 68.17 4.93
C GLY U 69 11.84 68.63 4.41
N GLN U 70 10.83 67.78 4.53
CA GLN U 70 9.50 68.06 4.01
C GLN U 70 8.51 67.14 4.72
N PRO U 71 7.43 67.64 5.28
CA PRO U 71 6.42 66.72 5.82
C PRO U 71 5.79 65.93 4.69
N ILE U 72 5.34 64.72 5.02
CA ILE U 72 4.66 63.84 4.09
C ILE U 72 3.40 63.32 4.77
N TYR U 73 2.35 63.12 3.96
CA TYR U 73 1.11 62.48 4.38
C TYR U 73 1.16 60.98 4.09
N ILE U 74 0.58 60.19 4.98
CA ILE U 74 0.62 58.73 4.90
C ILE U 74 -0.73 58.16 5.32
N GLN U 75 -1.44 57.53 4.40
CA GLN U 75 -2.73 56.99 4.79
C GLN U 75 -3.02 55.68 4.07
N PHE U 76 -3.95 54.92 4.66
CA PHE U 76 -4.40 53.63 4.14
C PHE U 76 -4.89 53.76 2.71
N SER U 77 -4.38 52.90 1.85
CA SER U 77 -4.77 53.05 0.47
C SER U 77 -6.26 52.77 0.35
N ASN U 78 -6.84 53.37 -0.69
CA ASN U 78 -8.27 53.25 -1.00
C ASN U 78 -8.67 51.83 -1.43
N HIS U 79 -7.71 50.91 -1.66
CA HIS U 79 -7.95 49.53 -2.09
C HIS U 79 -6.91 48.57 -1.50
N LYS U 80 -7.28 47.28 -1.39
CA LYS U 80 -6.46 46.22 -0.76
C LYS U 80 -5.46 45.58 -1.73
N GLU U 81 -5.64 45.80 -3.04
CA GLU U 81 -4.80 45.25 -4.08
C GLU U 81 -3.81 46.31 -4.58
N LEU U 82 -2.53 45.93 -4.61
CA LEU U 82 -1.51 46.72 -5.32
C LEU U 82 -0.82 45.79 -6.33
N LYS U 83 -1.07 46.01 -7.61
CA LYS U 83 -0.45 45.24 -8.68
C LYS U 83 0.13 46.17 -9.74
N THR U 84 1.14 45.68 -10.45
CA THR U 84 1.70 46.41 -11.62
C THR U 84 0.96 46.10 -12.94
N ASN V 1 9.26 48.20 -17.37
CA ASN V 1 8.87 49.20 -16.38
C ASN V 1 8.64 48.55 -15.02
N GLN V 2 8.72 49.36 -13.96
CA GLN V 2 8.64 48.92 -12.56
C GLN V 2 9.90 48.14 -12.21
N ARG V 4 12.90 49.49 -11.62
CA ARG V 4 13.64 50.06 -10.51
C ARG V 4 13.04 49.59 -9.23
N ALA V 5 11.73 49.83 -9.06
CA ALA V 5 11.08 49.38 -7.84
C ALA V 5 11.45 47.95 -7.51
N GLN V 6 11.46 47.07 -8.49
CA GLN V 6 11.65 45.65 -8.21
C GLN V 6 13.10 45.29 -7.83
N ALA V 8 15.00 47.47 -6.30
CA ALA V 8 15.12 47.95 -4.92
C ALA V 8 14.63 46.89 -3.94
N LEU V 9 13.35 46.57 -4.09
CA LEU V 9 12.67 45.59 -3.26
C LEU V 9 13.46 44.30 -3.13
N GLN V 10 14.24 43.95 -4.13
CA GLN V 10 14.93 42.69 -4.15
C GLN V 10 16.23 42.73 -3.38
N VAL V 12 16.42 44.83 -0.80
CA VAL V 12 15.93 44.93 0.57
C VAL V 12 15.50 43.57 1.13
N ASN V 13 14.96 42.68 0.27
CA ASN V 13 14.51 41.32 0.67
C ASN V 13 15.57 40.27 0.39
N SER W 4 34.50 61.04 11.61
CA SER W 4 34.39 59.86 10.75
C SER W 4 32.99 59.73 10.16
N ARG W 5 32.89 58.89 9.12
CA ARG W 5 31.61 58.54 8.49
C ARG W 5 31.14 57.12 8.78
N VAL W 6 32.07 56.15 8.97
CA VAL W 6 31.69 54.80 9.35
C VAL W 6 30.81 54.85 10.58
N ILE W 7 29.76 54.02 10.57
CA ILE W 7 28.73 54.06 11.60
C ILE W 7 28.46 52.63 12.03
N HIS W 8 28.35 52.43 13.35
CA HIS W 8 28.25 51.10 13.92
C HIS W 8 26.77 50.84 14.24
N ILE W 9 26.16 49.94 13.48
CA ILE W 9 24.81 49.48 13.75
C ILE W 9 24.97 48.17 14.50
N ARG W 10 24.08 47.93 15.46
CA ARG W 10 24.24 46.84 16.40
C ARG W 10 22.84 46.42 16.81
N LYS W 11 22.71 45.18 17.26
CA LYS W 11 21.42 44.57 17.60
C LYS W 11 20.49 44.55 16.40
N LEU W 12 21.04 44.19 15.23
CA LEU W 12 20.25 43.97 14.03
C LEU W 12 19.46 42.67 14.14
N PRO W 13 18.40 42.53 13.34
CA PRO W 13 17.70 41.25 13.29
C PRO W 13 18.60 40.13 12.80
N ILE W 14 18.28 38.90 13.24
CA ILE W 14 18.98 37.69 12.82
C ILE W 14 18.84 37.48 11.31
N ASP W 15 17.78 38.02 10.73
CA ASP W 15 17.44 37.87 9.33
C ASP W 15 17.60 39.18 8.57
N VAL W 16 18.66 39.93 8.82
CA VAL W 16 18.72 41.27 8.23
C VAL W 16 19.47 41.11 6.92
N THR W 17 19.01 41.82 5.88
CA THR W 17 19.66 41.81 4.57
C THR W 17 20.45 43.11 4.36
N GLU W 18 21.45 43.03 3.46
CA GLU W 18 22.29 44.19 3.15
C GLU W 18 21.47 45.41 2.77
N GLY W 19 20.34 45.21 2.09
CA GLY W 19 19.57 46.35 1.62
C GLY W 19 18.85 47.07 2.74
N GLU W 20 18.33 46.30 3.70
CA GLU W 20 17.69 46.89 4.88
C GLU W 20 18.64 47.79 5.64
N VAL W 21 19.86 47.31 5.91
CA VAL W 21 20.79 48.05 6.76
C VAL W 21 21.22 49.32 6.06
N ILE W 22 21.53 49.22 4.76
CA ILE W 22 21.87 50.37 3.95
C ILE W 22 20.72 51.34 3.94
N SER W 23 19.51 50.83 3.96
CA SER W 23 18.42 51.76 3.72
C SER W 23 18.09 52.58 4.96
N LEU W 24 18.78 52.26 6.06
CA LEU W 24 18.69 53.00 7.32
C LEU W 24 19.24 54.43 7.17
N GLY W 25 20.36 54.59 6.45
CA GLY W 25 20.92 55.88 6.12
C GLY W 25 20.29 56.63 4.97
N LEU W 26 19.46 55.96 4.16
CA LEU W 26 18.93 56.62 2.98
C LEU W 26 18.12 57.87 3.32
N PRO W 27 17.25 57.89 4.33
CA PRO W 27 16.54 59.14 4.67
C PRO W 27 17.45 60.30 5.05
N PHE W 28 18.77 60.09 5.22
CA PHE W 28 19.73 61.09 5.70
C PHE W 28 20.85 61.43 4.72
N GLY W 29 21.18 60.55 3.79
CA GLY W 29 22.32 60.79 2.94
C GLY W 29 22.49 59.64 1.98
N LYS W 30 23.69 59.49 1.45
CA LYS W 30 24.01 58.45 0.49
C LYS W 30 24.93 57.43 1.15
N VAL W 31 24.62 56.14 0.96
CA VAL W 31 25.40 55.08 1.60
C VAL W 31 26.38 54.56 0.56
N THR W 32 27.66 54.56 0.92
CA THR W 32 28.75 54.31 -0.01
C THR W 32 29.49 53.01 0.24
N ASN W 33 29.26 52.38 1.37
CA ASN W 33 29.85 51.08 1.62
C ASN W 33 29.13 50.46 2.80
N LEU W 34 29.38 49.17 2.97
CA LEU W 34 28.63 48.36 3.90
C LEU W 34 29.52 47.18 4.28
N LEU W 35 29.55 46.85 5.58
CA LEU W 35 30.17 45.64 6.04
C LEU W 35 29.26 44.96 7.05
N MET W 36 28.83 43.74 6.71
CA MET W 36 28.08 42.83 7.58
C MET W 36 29.08 42.05 8.47
N LEU W 37 29.06 42.31 9.78
CA LEU W 37 29.77 41.45 10.73
C LEU W 37 29.10 40.07 10.80
N LYS W 38 29.88 39.00 10.57
CA LYS W 38 29.41 37.61 10.38
C LYS W 38 28.79 36.97 11.63
N GLY W 39 29.63 36.73 12.64
CA GLY W 39 29.16 36.02 13.83
C GLY W 39 28.26 36.83 14.72
N LYS W 40 28.33 38.16 14.65
CA LYS W 40 27.44 39.00 15.44
C LYS W 40 26.31 39.54 14.55
N ASN W 41 25.31 40.14 15.19
CA ASN W 41 24.17 40.71 14.48
C ASN W 41 24.32 42.23 14.42
N GLN W 42 25.36 42.66 13.72
CA GLN W 42 25.69 44.08 13.60
C GLN W 42 26.40 44.32 12.26
N ALA W 43 26.54 45.60 11.89
CA ALA W 43 27.16 45.98 10.61
C ALA W 43 27.83 47.34 10.73
N PHE W 44 28.34 47.83 9.59
CA PHE W 44 29.05 49.11 9.49
C PHE W 44 28.67 49.75 8.16
N ILE W 45 27.84 50.80 8.20
CA ILE W 45 27.53 51.59 7.00
C ILE W 45 28.45 52.78 6.95
N GLU W 46 28.98 53.06 5.76
CA GLU W 46 29.81 54.23 5.56
C GLU W 46 28.98 55.26 4.80
N MET W 47 28.92 56.48 5.33
CA MET W 47 28.17 57.57 4.72
C MET W 47 29.04 58.33 3.71
N ASN W 48 28.39 59.16 2.88
CA ASN W 48 29.16 59.92 1.90
C ASN W 48 29.85 61.11 2.58
N THR W 49 29.11 61.80 3.44
CA THR W 49 29.50 63.02 4.12
C THR W 49 29.55 62.81 5.62
N GLU W 50 30.47 63.55 6.27
CA GLU W 50 30.50 63.56 7.72
C GLU W 50 29.17 64.06 8.31
N GLU W 51 28.45 64.96 7.61
CA GLU W 51 27.24 65.52 8.21
C GLU W 51 26.09 64.52 8.28
N ALA W 52 25.93 63.68 7.23
CA ALA W 52 24.83 62.72 7.21
C ALA W 52 25.11 61.58 8.18
N ALA W 53 26.39 61.17 8.28
CA ALA W 53 26.82 60.30 9.37
C ALA W 53 26.41 60.88 10.74
N ASN W 54 26.74 62.16 10.98
CA ASN W 54 26.20 62.86 12.14
C ASN W 54 24.67 62.79 12.15
N THR W 55 23.98 63.61 11.35
CA THR W 55 22.50 63.71 11.37
C THR W 55 21.80 62.38 11.62
N MET W 56 22.41 61.26 11.23
CA MET W 56 21.83 59.95 11.57
C MET W 56 22.01 59.65 13.04
N VAL W 57 23.27 59.64 13.52
CA VAL W 57 23.52 59.37 14.93
C VAL W 57 22.80 60.36 15.84
N ASN W 58 22.68 61.63 15.44
CA ASN W 58 21.94 62.53 16.33
C ASN W 58 20.45 62.30 16.27
N TYR W 59 19.93 61.88 15.12
CA TYR W 59 18.51 61.56 15.07
C TYR W 59 18.23 60.36 15.95
N TYR W 60 19.05 59.29 15.80
CA TYR W 60 18.87 58.00 16.47
C TYR W 60 19.44 57.97 17.89
N THR W 61 20.03 59.08 18.32
CA THR W 61 20.22 59.32 19.74
C THR W 61 18.94 59.84 20.38
N SER W 62 18.04 60.41 19.60
CA SER W 62 16.81 60.90 20.19
C SER W 62 15.61 60.03 19.88
N VAL W 63 15.62 59.31 18.76
CA VAL W 63 14.59 58.33 18.47
C VAL W 63 15.20 56.95 18.56
N THR W 64 14.33 55.97 18.68
CA THR W 64 14.77 54.60 18.72
C THR W 64 14.84 54.07 17.28
N PRO W 65 16.00 53.62 16.83
CA PRO W 65 16.12 52.98 15.50
C PRO W 65 15.55 51.57 15.53
N VAL W 66 14.49 51.36 14.75
CA VAL W 66 13.72 50.12 14.72
C VAL W 66 13.74 49.54 13.29
N LEU W 67 14.36 48.37 13.11
CA LEU W 67 14.31 47.62 11.86
C LEU W 67 13.36 46.45 12.08
N ARG W 68 12.14 46.57 11.57
CA ARG W 68 11.14 45.49 11.56
C ARG W 68 10.69 45.13 12.97
N GLY W 69 10.57 46.13 13.83
CA GLY W 69 10.17 45.93 15.19
C GLY W 69 11.30 45.63 16.14
N GLN W 70 12.52 45.43 15.63
CA GLN W 70 13.68 45.14 16.47
C GLN W 70 14.45 46.43 16.71
N PRO W 71 14.49 46.94 17.94
CA PRO W 71 15.35 48.09 18.21
C PRO W 71 16.82 47.78 17.93
N ILE W 72 17.44 48.62 17.10
CA ILE W 72 18.86 48.52 16.79
C ILE W 72 19.56 49.70 17.46
N TYR W 73 20.88 49.70 17.39
CA TYR W 73 21.73 50.66 18.11
C TYR W 73 22.65 51.33 17.10
N ILE W 74 22.37 52.57 16.76
CA ILE W 74 23.21 53.30 15.82
C ILE W 74 24.09 54.27 16.62
N GLN W 75 25.38 54.27 16.31
CA GLN W 75 26.40 55.02 17.00
C GLN W 75 27.58 55.17 16.04
N PHE W 76 28.48 56.11 16.34
CA PHE W 76 29.64 56.36 15.51
C PHE W 76 30.64 55.19 15.51
N SER W 77 31.75 55.41 14.82
CA SER W 77 32.63 54.31 14.41
C SER W 77 33.28 53.64 15.60
N ASN W 78 33.11 52.31 15.69
CA ASN W 78 33.86 51.56 16.70
C ASN W 78 35.37 51.77 16.51
N HIS W 79 35.88 51.44 15.30
CA HIS W 79 37.30 51.48 14.96
C HIS W 79 37.66 52.53 13.92
N LYS W 80 36.85 52.70 12.86
CA LYS W 80 37.21 53.54 11.73
C LYS W 80 36.19 54.66 11.47
N ASN X 1 30.26 37.98 0.45
CA ASN X 1 29.50 39.02 1.15
C ASN X 1 29.71 40.36 0.51
N GLN X 2 30.85 40.55 -0.14
CA GLN X 2 31.08 41.77 -0.92
C GLN X 2 30.00 41.86 -2.00
N ARG X 4 27.18 40.66 -2.54
CA ARG X 4 25.84 40.93 -2.08
C ARG X 4 25.69 42.39 -1.64
N ALA X 5 26.73 42.95 -1.00
CA ALA X 5 26.71 44.35 -0.55
C ALA X 5 26.74 45.32 -1.71
N GLN X 6 27.62 45.09 -2.69
CA GLN X 6 27.53 45.85 -3.94
C GLN X 6 26.17 45.77 -4.66
N ALA X 8 23.28 45.23 -3.44
CA ALA X 8 22.49 46.08 -2.54
C ALA X 8 22.82 47.57 -2.62
N LEU X 9 24.11 47.91 -2.48
CA LEU X 9 24.55 49.30 -2.60
C LEU X 9 24.02 49.93 -3.89
N GLN X 10 24.23 49.25 -5.02
CA GLN X 10 23.86 49.76 -6.33
C GLN X 10 22.35 49.87 -6.57
N VAL X 12 19.50 49.93 -4.36
CA VAL X 12 18.80 50.90 -3.53
C VAL X 12 19.37 52.37 -3.55
N ASN X 13 20.63 52.56 -3.95
CA ASN X 13 21.17 53.92 -3.97
C ASN X 13 20.49 54.75 -5.07
N PRO Y 3 -37.77 -39.80 -5.82
CA PRO Y 3 -36.82 -40.84 -5.46
C PRO Y 3 -36.37 -41.71 -6.62
N SER Y 4 -37.06 -41.61 -7.75
CA SER Y 4 -36.85 -42.45 -8.93
C SER Y 4 -35.78 -41.91 -9.89
N ARG Y 5 -35.07 -40.85 -9.51
CA ARG Y 5 -34.02 -40.31 -10.35
C ARG Y 5 -32.90 -41.32 -10.52
N VAL Y 6 -32.02 -41.06 -11.50
CA VAL Y 6 -31.13 -42.14 -11.91
C VAL Y 6 -29.79 -42.10 -11.16
N ILE Y 7 -28.89 -41.16 -11.47
CA ILE Y 7 -27.48 -41.32 -11.11
C ILE Y 7 -27.03 -40.27 -10.10
N HIS Y 8 -26.16 -40.70 -9.19
CA HIS Y 8 -25.56 -39.85 -8.17
C HIS Y 8 -24.05 -39.75 -8.42
N ILE Y 9 -23.53 -38.52 -8.52
CA ILE Y 9 -22.13 -38.26 -8.79
C ILE Y 9 -21.46 -37.68 -7.55
N ARG Y 10 -20.27 -38.22 -7.18
CA ARG Y 10 -19.59 -37.87 -5.94
C ARG Y 10 -18.17 -37.40 -6.21
N LYS Y 11 -17.72 -36.48 -5.36
CA LYS Y 11 -16.31 -36.09 -5.27
C LYS Y 11 -15.86 -35.27 -6.48
N LEU Y 12 -16.75 -34.42 -7.00
CA LEU Y 12 -16.38 -33.69 -8.20
C LEU Y 12 -15.35 -32.62 -7.90
N PRO Y 13 -14.55 -32.22 -8.88
CA PRO Y 13 -13.66 -31.07 -8.68
C PRO Y 13 -14.40 -29.88 -8.08
N ILE Y 14 -13.66 -28.98 -7.44
CA ILE Y 14 -14.33 -27.83 -6.83
C ILE Y 14 -14.82 -26.90 -7.93
N ASP Y 15 -14.02 -26.71 -8.95
CA ASP Y 15 -14.31 -25.86 -10.11
C ASP Y 15 -15.06 -26.62 -11.22
N VAL Y 16 -15.99 -27.54 -10.91
CA VAL Y 16 -16.82 -28.08 -11.98
C VAL Y 16 -17.71 -26.98 -12.53
N THR Y 17 -18.10 -27.14 -13.79
CA THR Y 17 -19.27 -26.44 -14.30
C THR Y 17 -20.40 -27.45 -14.42
N GLU Y 18 -21.53 -27.00 -14.96
CA GLU Y 18 -22.63 -27.93 -15.17
C GLU Y 18 -22.52 -28.67 -16.50
N GLY Y 19 -21.92 -28.03 -17.50
CA GLY Y 19 -21.73 -28.69 -18.77
C GLY Y 19 -20.84 -29.90 -18.68
N GLU Y 20 -19.98 -29.94 -17.65
CA GLU Y 20 -19.09 -31.08 -17.46
C GLU Y 20 -19.83 -32.25 -16.81
N VAL Y 21 -20.75 -31.98 -15.89
CA VAL Y 21 -21.57 -33.08 -15.40
C VAL Y 21 -22.47 -33.60 -16.52
N ILE Y 22 -22.97 -32.69 -17.36
CA ILE Y 22 -23.86 -33.07 -18.43
C ILE Y 22 -23.12 -33.98 -19.40
N SER Y 23 -21.88 -33.64 -19.72
CA SER Y 23 -21.07 -34.41 -20.65
C SER Y 23 -20.68 -35.80 -20.11
N LEU Y 24 -21.16 -36.21 -18.93
CA LEU Y 24 -20.90 -37.55 -18.43
C LEU Y 24 -21.99 -38.54 -18.83
N GLY Y 25 -23.24 -38.14 -18.75
CA GLY Y 25 -24.30 -39.02 -19.18
C GLY Y 25 -24.66 -38.87 -20.62
N LEU Y 26 -24.02 -37.96 -21.34
CA LEU Y 26 -24.48 -37.67 -22.70
C LEU Y 26 -24.04 -38.72 -23.70
N PRO Y 27 -22.77 -39.15 -23.73
CA PRO Y 27 -22.42 -40.27 -24.61
C PRO Y 27 -23.37 -41.43 -24.47
N PHE Y 28 -23.92 -41.62 -23.28
CA PHE Y 28 -24.73 -42.78 -22.97
C PHE Y 28 -26.21 -42.55 -23.22
N GLY Y 29 -26.62 -41.36 -23.62
CA GLY Y 29 -28.03 -41.12 -23.75
C GLY Y 29 -28.39 -39.65 -23.73
N LYS Y 30 -29.49 -39.33 -23.06
CA LYS Y 30 -30.02 -37.97 -23.03
C LYS Y 30 -30.44 -37.64 -21.62
N VAL Y 31 -30.02 -36.45 -21.16
CA VAL Y 31 -30.19 -35.99 -19.80
C VAL Y 31 -31.39 -35.07 -19.75
N THR Y 32 -32.31 -35.35 -18.83
CA THR Y 32 -33.59 -34.65 -18.74
C THR Y 32 -33.66 -33.63 -17.63
N ASN Y 33 -32.79 -33.73 -16.63
CA ASN Y 33 -32.81 -32.90 -15.44
C ASN Y 33 -31.42 -32.98 -14.85
N LEU Y 34 -31.10 -32.01 -14.00
CA LEU Y 34 -29.78 -31.87 -13.38
C LEU Y 34 -30.02 -31.23 -12.03
N LEU Y 35 -29.31 -31.72 -11.02
CA LEU Y 35 -29.29 -31.07 -9.73
C LEU Y 35 -27.85 -31.03 -9.25
N MET Y 36 -27.39 -29.87 -8.81
CA MET Y 36 -26.08 -29.80 -8.18
C MET Y 36 -26.27 -29.33 -6.74
N LEU Y 37 -25.40 -29.82 -5.85
CA LEU Y 37 -25.49 -29.57 -4.41
C LEU Y 37 -24.27 -28.77 -3.99
N LYS Y 38 -24.33 -27.43 -4.13
CA LYS Y 38 -23.15 -26.62 -3.83
C LYS Y 38 -22.68 -26.84 -2.40
N GLY Y 39 -23.63 -27.10 -1.50
CA GLY Y 39 -23.34 -27.33 -0.10
C GLY Y 39 -22.33 -28.43 0.16
N LYS Y 40 -22.21 -29.41 -0.75
CA LYS Y 40 -21.38 -30.56 -0.44
C LYS Y 40 -20.86 -31.28 -1.69
N ASN Y 41 -20.79 -30.59 -2.84
CA ASN Y 41 -20.02 -31.04 -4.00
C ASN Y 41 -20.52 -32.38 -4.56
N GLN Y 42 -21.81 -32.45 -4.89
CA GLN Y 42 -22.42 -33.56 -5.61
C GLN Y 42 -23.45 -33.07 -6.61
N ALA Y 43 -23.51 -33.79 -7.72
CA ALA Y 43 -24.48 -33.55 -8.76
C ALA Y 43 -25.36 -34.78 -8.90
N PHE Y 44 -26.52 -34.58 -9.51
CA PHE Y 44 -27.48 -35.61 -9.89
C PHE Y 44 -27.81 -35.40 -11.37
N ILE Y 45 -27.68 -36.43 -12.20
CA ILE Y 45 -28.26 -36.39 -13.54
C ILE Y 45 -29.49 -37.25 -13.55
N GLU Y 46 -30.46 -36.85 -14.36
CA GLU Y 46 -31.61 -37.66 -14.66
C GLU Y 46 -31.46 -38.02 -16.13
N MET Y 47 -31.77 -39.26 -16.48
CA MET Y 47 -31.77 -39.67 -17.87
C MET Y 47 -33.17 -40.09 -18.26
N ASN Y 48 -33.48 -39.89 -19.54
CA ASN Y 48 -34.73 -40.41 -20.06
C ASN Y 48 -34.69 -41.92 -20.09
N THR Y 49 -33.53 -42.48 -20.37
CA THR Y 49 -33.37 -43.91 -20.65
C THR Y 49 -32.75 -44.56 -19.41
N GLU Y 50 -33.57 -45.28 -18.61
CA GLU Y 50 -33.03 -46.00 -17.45
C GLU Y 50 -32.09 -47.11 -17.88
N GLU Y 51 -32.16 -47.53 -19.15
CA GLU Y 51 -31.09 -48.33 -19.73
C GLU Y 51 -29.76 -47.58 -19.70
N ALA Y 52 -29.76 -46.33 -20.17
CA ALA Y 52 -28.54 -45.53 -20.24
C ALA Y 52 -27.98 -45.23 -18.85
N ALA Y 53 -28.86 -45.09 -17.85
CA ALA Y 53 -28.46 -44.96 -16.45
C ALA Y 53 -27.67 -46.18 -16.01
N ASN Y 54 -28.13 -47.37 -16.39
CA ASN Y 54 -27.45 -48.64 -16.15
C ASN Y 54 -26.09 -48.62 -16.84
N THR Y 55 -26.08 -48.72 -18.17
CA THR Y 55 -24.85 -48.80 -18.95
C THR Y 55 -23.82 -47.77 -18.49
N MET Y 56 -24.29 -46.62 -18.02
CA MET Y 56 -23.40 -45.58 -17.51
C MET Y 56 -22.79 -45.96 -16.17
N VAL Y 57 -23.60 -46.47 -15.22
CA VAL Y 57 -23.03 -46.83 -13.92
C VAL Y 57 -22.09 -48.04 -14.03
N ASN Y 58 -22.43 -49.06 -14.83
CA ASN Y 58 -21.54 -50.21 -14.94
C ASN Y 58 -20.29 -49.89 -15.76
N TYR Y 59 -20.37 -48.96 -16.71
CA TYR Y 59 -19.16 -48.58 -17.45
C TYR Y 59 -18.20 -47.83 -16.54
N TYR Y 60 -18.73 -47.08 -15.57
CA TYR Y 60 -17.86 -46.26 -14.75
C TYR Y 60 -17.30 -47.00 -13.55
N THR Y 61 -18.02 -47.97 -12.99
CA THR Y 61 -17.34 -48.89 -12.08
C THR Y 61 -16.17 -49.58 -12.76
N SER Y 62 -16.16 -49.61 -14.10
CA SER Y 62 -15.10 -50.21 -14.90
C SER Y 62 -14.10 -49.22 -15.46
N VAL Y 63 -14.47 -47.96 -15.67
CA VAL Y 63 -13.50 -46.97 -16.12
C VAL Y 63 -13.82 -45.63 -15.44
N THR Y 64 -12.88 -45.14 -14.62
CA THR Y 64 -13.15 -43.98 -13.79
C THR Y 64 -13.14 -42.70 -14.63
N PRO Y 65 -14.10 -41.80 -14.40
CA PRO Y 65 -14.21 -40.62 -15.26
C PRO Y 65 -13.07 -39.61 -15.09
N VAL Y 66 -12.40 -39.58 -13.93
CA VAL Y 66 -11.26 -38.69 -13.66
C VAL Y 66 -11.42 -37.31 -14.32
N LEU Y 67 -12.56 -36.67 -14.04
CA LEU Y 67 -12.85 -35.31 -14.47
C LEU Y 67 -11.91 -34.27 -13.85
N ARG Y 68 -11.33 -33.39 -14.68
CA ARG Y 68 -10.39 -32.33 -14.26
C ARG Y 68 -9.14 -32.89 -13.56
N GLY Y 69 -8.75 -34.12 -13.90
CA GLY Y 69 -7.69 -34.80 -13.18
C GLY Y 69 -8.07 -35.26 -11.78
N GLN Y 70 -9.32 -35.68 -11.59
CA GLN Y 70 -9.77 -36.06 -10.26
C GLN Y 70 -10.79 -37.18 -10.40
N PRO Y 71 -10.56 -38.32 -9.75
CA PRO Y 71 -11.47 -39.46 -9.94
C PRO Y 71 -12.88 -39.18 -9.46
N ILE Y 72 -13.85 -39.61 -10.25
CA ILE Y 72 -15.28 -39.40 -10.01
C ILE Y 72 -15.94 -40.74 -9.72
N TYR Y 73 -17.02 -40.71 -8.94
CA TYR Y 73 -17.71 -41.93 -8.54
C TYR Y 73 -19.22 -41.81 -8.68
N ILE Y 74 -19.81 -42.84 -9.28
CA ILE Y 74 -21.18 -42.85 -9.76
C ILE Y 74 -21.89 -44.06 -9.17
N GLN Y 75 -23.10 -43.86 -8.65
CA GLN Y 75 -23.71 -44.92 -7.84
C GLN Y 75 -25.22 -44.78 -7.68
N PHE Y 76 -25.99 -45.07 -8.75
CA PHE Y 76 -27.46 -45.11 -8.71
C PHE Y 76 -28.03 -43.89 -7.96
N SER Y 77 -29.02 -44.09 -7.09
CA SER Y 77 -29.84 -42.99 -6.60
C SER Y 77 -29.78 -42.95 -5.09
N ASN Y 78 -29.20 -41.87 -4.55
CA ASN Y 78 -29.29 -41.55 -3.14
C ASN Y 78 -30.59 -40.85 -2.77
N HIS Y 79 -31.40 -40.42 -3.75
CA HIS Y 79 -32.69 -39.74 -3.50
C HIS Y 79 -33.49 -39.51 -4.80
N ASN Z 1 -27.44 -20.98 -9.40
CA ASN Z 1 -27.40 -22.34 -8.86
C ASN Z 1 -28.16 -23.27 -9.80
N GLN Z 2 -29.48 -23.10 -9.89
CA GLN Z 2 -30.24 -23.87 -10.88
C GLN Z 2 -30.01 -23.25 -12.25
N ARG Z 4 -27.45 -22.15 -13.97
CA ARG Z 4 -26.42 -22.72 -14.84
C ARG Z 4 -26.78 -24.15 -15.32
N ALA Z 5 -27.59 -24.88 -14.53
CA ALA Z 5 -28.06 -26.19 -14.96
C ALA Z 5 -28.97 -26.06 -16.18
N GLN Z 6 -29.97 -25.19 -16.09
CA GLN Z 6 -30.92 -24.92 -17.15
C GLN Z 6 -30.18 -24.35 -18.40
N ALA Z 8 -27.38 -25.05 -19.30
CA ALA Z 8 -26.55 -26.08 -19.93
C ALA Z 8 -27.40 -27.18 -20.54
N LEU Z 9 -28.46 -27.56 -19.83
CA LEU Z 9 -29.45 -28.45 -20.42
C LEU Z 9 -29.92 -27.90 -21.75
N GLN Z 10 -30.62 -26.76 -21.77
CA GLN Z 10 -31.14 -26.19 -23.04
C GLN Z 10 -30.11 -26.02 -24.16
N VAL Z 12 -27.71 -28.03 -24.76
CA VAL Z 12 -27.49 -29.39 -25.24
C VAL Z 12 -28.78 -29.96 -25.78
N ASN Z 13 -29.79 -30.04 -24.90
CA ASN Z 13 -31.15 -30.39 -25.28
C ASN Z 13 -31.78 -29.24 -26.10
N ARG AA 5 -4.73 -28.68 -31.87
CA ARG AA 5 -5.65 -27.76 -31.22
C ARG AA 5 -7.06 -27.83 -31.80
N VAL AA 6 -7.16 -27.87 -33.12
CA VAL AA 6 -8.42 -28.03 -33.81
C VAL AA 6 -8.67 -29.51 -34.05
N ILE AA 7 -9.85 -29.99 -33.67
CA ILE AA 7 -10.21 -31.39 -33.77
C ILE AA 7 -11.47 -31.55 -34.60
N HIS AA 8 -11.38 -32.35 -35.66
CA HIS AA 8 -12.48 -32.63 -36.58
C HIS AA 8 -13.36 -33.74 -35.98
N ILE AA 9 -14.68 -33.55 -36.03
CA ILE AA 9 -15.63 -34.57 -35.65
C ILE AA 9 -16.49 -34.87 -36.87
N ARG AA 10 -16.75 -36.17 -37.12
CA ARG AA 10 -17.42 -36.63 -38.33
C ARG AA 10 -18.49 -37.66 -37.97
N LYS AA 11 -19.45 -37.82 -38.87
CA LYS AA 11 -20.51 -38.84 -38.73
C LYS AA 11 -21.42 -38.54 -37.52
N LEU AA 12 -21.77 -37.25 -37.34
CA LEU AA 12 -22.65 -36.82 -36.26
C LEU AA 12 -24.09 -37.20 -36.53
N PRO AA 13 -24.94 -37.24 -35.49
CA PRO AA 13 -26.37 -37.39 -35.75
C PRO AA 13 -26.90 -36.31 -36.66
N ILE AA 14 -27.98 -36.64 -37.36
CA ILE AA 14 -28.68 -35.63 -38.15
C ILE AA 14 -29.31 -34.59 -37.21
N ASP AA 15 -29.79 -35.02 -36.06
CA ASP AA 15 -30.48 -34.13 -35.12
C ASP AA 15 -29.53 -33.67 -34.02
N VAL AA 16 -28.33 -33.24 -34.42
CA VAL AA 16 -27.32 -32.86 -33.45
C VAL AA 16 -27.48 -31.38 -33.16
N THR AA 17 -27.30 -31.05 -31.88
CA THR AA 17 -27.25 -29.69 -31.35
C THR AA 17 -25.79 -29.29 -31.10
N GLU AA 18 -25.52 -27.99 -31.18
CA GLU AA 18 -24.15 -27.54 -30.92
C GLU AA 18 -23.71 -27.88 -29.51
N GLY AA 19 -24.64 -27.90 -28.56
CA GLY AA 19 -24.32 -28.23 -27.19
C GLY AA 19 -23.82 -29.65 -27.01
N GLU AA 20 -24.31 -30.59 -27.83
CA GLU AA 20 -23.86 -31.99 -27.73
C GLU AA 20 -22.44 -32.13 -28.24
N VAL AA 21 -22.14 -31.53 -29.39
CA VAL AA 21 -20.78 -31.57 -29.94
C VAL AA 21 -19.79 -31.04 -28.92
N ILE AA 22 -20.04 -29.82 -28.45
CA ILE AA 22 -19.28 -29.22 -27.37
C ILE AA 22 -19.15 -30.20 -26.21
N SER AA 23 -20.26 -30.82 -25.82
CA SER AA 23 -20.27 -31.68 -24.65
C SER AA 23 -19.24 -32.79 -24.75
N LEU AA 24 -18.82 -33.15 -25.97
CA LEU AA 24 -17.80 -34.18 -26.13
C LEU AA 24 -16.46 -33.69 -25.62
N GLY AA 25 -16.17 -32.39 -25.82
CA GLY AA 25 -14.92 -31.77 -25.43
C GLY AA 25 -14.75 -31.41 -23.96
N LEU AA 26 -15.86 -31.14 -23.27
CA LEU AA 26 -15.77 -30.64 -21.90
C LEU AA 26 -14.96 -31.54 -20.96
N PRO AA 27 -15.21 -32.89 -20.87
CA PRO AA 27 -14.48 -33.67 -19.86
C PRO AA 27 -12.95 -33.67 -19.99
N PHE AA 28 -12.42 -32.98 -20.98
CA PHE AA 28 -10.99 -33.00 -21.23
C PHE AA 28 -10.38 -31.62 -21.29
N GLY AA 29 -11.19 -30.55 -21.24
CA GLY AA 29 -10.62 -29.21 -21.35
C GLY AA 29 -11.70 -28.15 -21.44
N LYS AA 30 -11.38 -27.11 -22.19
CA LYS AA 30 -12.22 -25.93 -22.29
C LYS AA 30 -12.32 -25.56 -23.76
N VAL AA 31 -13.54 -25.61 -24.32
CA VAL AA 31 -13.79 -25.50 -25.75
C VAL AA 31 -13.97 -24.03 -26.13
N THR AA 32 -13.21 -23.57 -27.12
CA THR AA 32 -13.12 -22.14 -27.47
C THR AA 32 -14.08 -21.74 -28.59
N ASN AA 33 -14.17 -22.57 -29.64
CA ASN AA 33 -15.07 -22.35 -30.78
C ASN AA 33 -15.57 -23.70 -31.28
N LEU AA 34 -16.73 -23.69 -31.93
CA LEU AA 34 -17.16 -24.87 -32.68
C LEU AA 34 -17.77 -24.41 -33.98
N LEU AA 35 -17.47 -25.12 -35.06
CA LEU AA 35 -17.99 -24.81 -36.38
C LEU AA 35 -18.70 -26.06 -36.88
N MET AA 36 -19.92 -25.88 -37.38
CA MET AA 36 -20.73 -27.01 -37.82
C MET AA 36 -20.82 -26.98 -39.35
N LEU AA 37 -20.56 -28.13 -39.99
CA LEU AA 37 -20.72 -28.27 -41.44
C LEU AA 37 -22.15 -28.68 -41.79
N LYS AA 38 -22.83 -27.83 -42.55
CA LYS AA 38 -24.28 -27.95 -42.70
C LYS AA 38 -24.70 -29.31 -43.25
N GLY AA 39 -23.95 -29.82 -44.22
CA GLY AA 39 -24.38 -31.02 -44.88
C GLY AA 39 -24.13 -32.29 -44.11
N LYS AA 40 -22.85 -32.60 -43.91
CA LYS AA 40 -22.41 -33.98 -43.75
C LYS AA 40 -22.10 -34.31 -42.29
N ASN AA 41 -22.98 -33.89 -41.37
CA ASN AA 41 -22.93 -34.34 -39.98
C ASN AA 41 -21.53 -34.28 -39.41
N GLN AA 42 -20.90 -33.11 -39.60
CA GLN AA 42 -19.53 -32.85 -39.21
C GLN AA 42 -19.50 -31.65 -38.28
N ALA AA 43 -18.40 -31.53 -37.54
CA ALA AA 43 -18.13 -30.31 -36.81
C ALA AA 43 -16.63 -30.19 -36.62
N PHE AA 44 -16.19 -28.98 -36.25
CA PHE AA 44 -14.80 -28.69 -35.94
C PHE AA 44 -14.78 -27.89 -34.64
N ILE AA 45 -14.38 -28.52 -33.52
CA ILE AA 45 -14.27 -27.79 -32.26
C ILE AA 45 -12.80 -27.54 -31.99
N GLU AA 46 -12.52 -26.41 -31.34
CA GLU AA 46 -11.17 -25.93 -31.08
C GLU AA 46 -10.96 -25.95 -29.57
N MET AA 47 -9.89 -26.60 -29.13
CA MET AA 47 -9.63 -26.74 -27.70
C MET AA 47 -8.79 -25.57 -27.20
N ASN AA 48 -9.19 -24.98 -26.05
CA ASN AA 48 -8.43 -23.86 -25.50
C ASN AA 48 -7.03 -24.27 -25.08
N THR AA 49 -6.86 -25.51 -24.62
CA THR AA 49 -5.54 -26.00 -24.27
C THR AA 49 -5.16 -27.12 -25.25
N GLU AA 50 -3.92 -27.07 -25.76
CA GLU AA 50 -3.46 -28.06 -26.74
C GLU AA 50 -3.32 -29.46 -26.13
N GLU AA 51 -3.01 -29.54 -24.84
CA GLU AA 51 -2.97 -30.83 -24.15
C GLU AA 51 -4.34 -31.47 -24.08
N ALA AA 52 -5.38 -30.67 -23.84
CA ALA AA 52 -6.75 -31.17 -23.82
C ALA AA 52 -7.14 -31.73 -25.18
N ALA AA 53 -6.66 -31.07 -26.25
CA ALA AA 53 -6.81 -31.60 -27.60
C ALA AA 53 -6.23 -33.01 -27.71
N ASN AA 54 -4.96 -33.17 -27.30
CA ASN AA 54 -4.30 -34.48 -27.39
C ASN AA 54 -4.87 -35.47 -26.37
N THR AA 55 -5.32 -35.00 -25.22
CA THR AA 55 -5.84 -35.91 -24.20
C THR AA 55 -7.17 -36.51 -24.62
N MET AA 56 -7.91 -35.78 -25.46
CA MET AA 56 -9.21 -36.23 -25.95
C MET AA 56 -9.11 -37.29 -27.05
N VAL AA 57 -8.22 -37.08 -28.02
CA VAL AA 57 -8.08 -38.06 -29.09
C VAL AA 57 -7.65 -39.41 -28.54
N ASN AA 58 -6.58 -39.43 -27.72
CA ASN AA 58 -6.05 -40.70 -27.25
C ASN AA 58 -7.09 -41.47 -26.45
N TYR AA 59 -7.89 -40.76 -25.64
CA TYR AA 59 -9.02 -41.42 -25.01
C TYR AA 59 -9.92 -42.05 -26.06
N TYR AA 60 -10.14 -41.35 -27.17
CA TYR AA 60 -11.25 -41.66 -28.06
C TYR AA 60 -10.87 -42.56 -29.24
N THR AA 61 -9.60 -42.57 -29.65
CA THR AA 61 -9.14 -43.64 -30.54
C THR AA 61 -9.26 -44.99 -29.86
N SER AA 62 -8.87 -45.07 -28.57
CA SER AA 62 -8.85 -46.33 -27.84
C SER AA 62 -10.23 -46.75 -27.32
N VAL AA 63 -11.15 -45.81 -27.08
CA VAL AA 63 -12.48 -46.08 -26.57
C VAL AA 63 -13.50 -45.70 -27.64
N THR AA 64 -14.64 -46.42 -27.65
CA THR AA 64 -15.69 -46.20 -28.64
C THR AA 64 -16.30 -44.80 -28.46
N PRO AA 65 -15.99 -43.80 -29.37
CA PRO AA 65 -16.56 -42.45 -29.20
C PRO AA 65 -18.04 -42.37 -29.55
N VAL AA 66 -18.91 -42.35 -28.56
CA VAL AA 66 -20.34 -42.47 -28.76
C VAL AA 66 -21.03 -41.19 -28.30
N LEU AA 67 -22.18 -40.89 -28.92
CA LEU AA 67 -22.97 -39.70 -28.57
C LEU AA 67 -24.45 -40.00 -28.70
N ARG AA 68 -25.15 -39.97 -27.57
CA ARG AA 68 -26.56 -40.27 -27.41
C ARG AA 68 -26.83 -41.75 -27.62
N GLY AA 69 -25.77 -42.57 -27.60
CA GLY AA 69 -25.88 -44.00 -27.85
C GLY AA 69 -25.60 -44.43 -29.28
N GLN AA 70 -25.02 -43.58 -30.11
CA GLN AA 70 -24.70 -43.94 -31.48
C GLN AA 70 -23.25 -43.58 -31.73
N PRO AA 71 -22.55 -44.37 -32.55
CA PRO AA 71 -21.09 -44.20 -32.68
C PRO AA 71 -20.75 -43.05 -33.63
N ILE AA 72 -19.86 -42.19 -33.18
CA ILE AA 72 -19.38 -41.09 -33.99
C ILE AA 72 -17.88 -41.36 -34.18
N TYR AA 73 -17.17 -40.38 -34.72
CA TYR AA 73 -15.78 -40.54 -35.09
C TYR AA 73 -15.07 -39.23 -34.79
N ILE AA 74 -13.82 -39.34 -34.37
CA ILE AA 74 -13.05 -38.18 -33.91
C ILE AA 74 -11.63 -38.26 -34.43
N GLN AA 75 -11.11 -37.14 -34.91
CA GLN AA 75 -9.79 -37.09 -35.49
C GLN AA 75 -9.16 -35.76 -35.16
N PHE AA 76 -7.86 -35.63 -35.43
CA PHE AA 76 -7.23 -34.32 -35.60
C PHE AA 76 -7.87 -33.63 -36.82
N SER AA 77 -7.73 -32.32 -36.89
CA SER AA 77 -8.52 -31.54 -37.87
C SER AA 77 -8.05 -31.80 -39.30
N ASN AA 78 -8.99 -32.26 -40.16
CA ASN AA 78 -8.70 -32.35 -41.59
C ASN AA 78 -8.41 -30.97 -42.18
N HIS AA 79 -9.20 -29.98 -41.79
CA HIS AA 79 -8.90 -28.57 -42.03
C HIS AA 79 -8.17 -28.04 -40.79
N LYS AA 80 -6.92 -27.58 -40.98
CA LYS AA 80 -5.98 -27.58 -39.85
C LYS AA 80 -6.21 -26.42 -38.87
N GLU AA 81 -6.81 -25.30 -39.30
CA GLU AA 81 -6.90 -24.09 -38.46
C GLU AA 81 -8.20 -23.31 -38.67
N LEU AA 82 -8.83 -22.87 -37.55
CA LEU AA 82 -10.11 -22.16 -37.51
C LEU AA 82 -10.03 -20.92 -36.64
N LYS AA 83 -10.32 -19.75 -37.22
CA LYS AA 83 -10.48 -18.45 -36.53
C LYS AA 83 -11.81 -17.77 -36.87
N THR AA 84 -12.14 -16.72 -36.11
CA THR AA 84 -13.24 -15.76 -36.42
C THR AA 84 -13.10 -15.18 -37.83
N ASN BA 1 -27.07 -20.12 -36.13
CA ASN BA 1 -26.09 -20.64 -37.08
C ASN BA 1 -24.70 -20.55 -36.42
N GLN BA 2 -24.09 -19.36 -36.45
CA GLN BA 2 -22.95 -19.12 -35.57
C GLN BA 2 -23.46 -18.61 -34.23
N ARG BA 4 -25.98 -19.78 -32.73
CA ARG BA 4 -26.33 -21.01 -31.98
C ARG BA 4 -25.19 -21.62 -31.17
N ALA BA 5 -23.97 -21.38 -31.69
CA ALA BA 5 -22.75 -21.92 -31.12
C ALA BA 5 -22.31 -21.15 -29.86
N GLN BA 6 -22.28 -19.80 -29.94
CA GLN BA 6 -21.78 -18.98 -28.82
C GLN BA 6 -22.74 -18.96 -27.66
N ALA BA 8 -24.18 -21.60 -26.87
CA ALA BA 8 -23.93 -22.86 -26.17
C ALA BA 8 -22.51 -22.93 -25.63
N LEU BA 9 -21.61 -22.18 -26.29
CA LEU BA 9 -20.29 -21.97 -25.75
C LEU BA 9 -20.36 -21.25 -24.41
N GLN BA 10 -21.00 -20.08 -24.39
CA GLN BA 10 -21.22 -19.38 -23.14
C GLN BA 10 -22.09 -20.21 -22.18
N VAL BA 12 -22.12 -23.09 -21.30
CA VAL BA 12 -21.41 -24.18 -20.68
C VAL BA 12 -20.44 -23.68 -19.65
N ASN BA 13 -19.72 -22.60 -20.02
CA ASN BA 13 -18.87 -21.80 -19.11
C ASN BA 13 -19.52 -21.50 -17.77
N PRO CA 3 -18.77 -51.55 3.62
CA PRO CA 3 -17.69 -50.86 2.90
C PRO CA 3 -16.89 -49.89 3.80
N SER CA 4 -15.56 -49.84 3.64
CA SER CA 4 -14.74 -48.88 4.37
C SER CA 4 -13.59 -48.42 3.48
N ARG CA 5 -12.66 -47.65 4.07
CA ARG CA 5 -11.41 -47.32 3.41
C ARG CA 5 -10.41 -48.45 3.45
N VAL CA 6 -10.69 -49.49 4.24
CA VAL CA 6 -9.80 -50.63 4.40
C VAL CA 6 -10.51 -51.86 3.85
N ILE CA 7 -9.73 -52.76 3.22
CA ILE CA 7 -10.27 -53.87 2.44
C ILE CA 7 -9.38 -55.09 2.67
N HIS CA 8 -9.94 -56.27 2.37
CA HIS CA 8 -9.34 -57.56 2.70
C HIS CA 8 -8.91 -58.32 1.44
N ILE CA 9 -7.69 -58.88 1.47
CA ILE CA 9 -7.13 -59.59 0.33
C ILE CA 9 -6.90 -61.05 0.70
N ARG CA 10 -7.05 -61.94 -0.29
CA ARG CA 10 -7.00 -63.40 -0.09
C ARG CA 10 -6.45 -64.07 -1.34
N LYS CA 11 -6.02 -65.33 -1.17
CA LYS CA 11 -5.46 -66.14 -2.27
C LYS CA 11 -4.11 -65.62 -2.74
N LEU CA 12 -3.23 -65.28 -1.80
CA LEU CA 12 -1.95 -64.70 -2.20
C LEU CA 12 -0.86 -65.76 -2.22
N PRO CA 13 0.18 -65.59 -3.02
CA PRO CA 13 1.37 -66.42 -2.87
C PRO CA 13 1.97 -66.34 -1.47
N ILE CA 14 3.01 -67.12 -1.19
CA ILE CA 14 3.75 -67.00 0.07
C ILE CA 14 5.11 -66.31 -0.15
N ASP CA 15 5.64 -66.33 -1.38
CA ASP CA 15 6.65 -65.37 -1.84
C ASP CA 15 6.03 -63.91 -1.99
N VAL CA 16 4.85 -63.66 -1.41
CA VAL CA 16 4.20 -62.36 -1.57
C VAL CA 16 4.99 -61.31 -0.78
N THR CA 17 5.34 -60.22 -1.47
CA THR CA 17 6.01 -59.09 -0.86
C THR CA 17 4.96 -58.07 -0.44
N GLU CA 18 5.32 -57.25 0.56
CA GLU CA 18 4.48 -56.11 0.90
C GLU CA 18 4.23 -55.24 -0.32
N GLY CA 19 5.30 -54.96 -1.09
CA GLY CA 19 5.15 -54.23 -2.35
C GLY CA 19 4.06 -54.80 -3.25
N GLU CA 20 4.03 -56.14 -3.40
CA GLU CA 20 3.04 -56.79 -4.25
C GLU CA 20 1.62 -56.58 -3.72
N VAL CA 21 1.44 -56.55 -2.40
CA VAL CA 21 0.12 -56.37 -1.81
C VAL CA 21 -0.39 -54.94 -1.93
N ILE CA 22 0.51 -53.99 -2.18
CA ILE CA 22 0.13 -52.58 -2.37
C ILE CA 22 -0.16 -52.31 -3.85
N SER CA 23 0.58 -52.97 -4.75
CA SER CA 23 0.47 -52.65 -6.17
C SER CA 23 -0.92 -52.91 -6.70
N LEU CA 24 -1.69 -53.79 -6.04
CA LEU CA 24 -3.11 -53.94 -6.35
C LEU CA 24 -3.86 -52.62 -6.18
N GLY CA 25 -3.58 -51.89 -5.11
CA GLY CA 25 -4.29 -50.64 -4.87
C GLY CA 25 -3.96 -49.58 -5.90
N LEU CA 26 -2.68 -49.37 -6.18
CA LEU CA 26 -2.13 -48.22 -6.91
C LEU CA 26 -2.98 -47.77 -8.11
N PRO CA 27 -3.59 -48.66 -8.90
CA PRO CA 27 -4.46 -48.15 -9.97
C PRO CA 27 -5.77 -47.52 -9.48
N PHE CA 28 -6.21 -47.83 -8.25
CA PHE CA 28 -7.51 -47.37 -7.78
C PHE CA 28 -7.44 -46.13 -6.90
N GLY CA 29 -6.28 -45.84 -6.30
CA GLY CA 29 -6.13 -44.67 -5.45
C GLY CA 29 -4.76 -44.65 -4.79
N LYS CA 30 -4.70 -43.97 -3.65
CA LYS CA 30 -3.53 -43.98 -2.81
C LYS CA 30 -3.70 -45.10 -1.79
N VAL CA 31 -2.67 -45.92 -1.65
CA VAL CA 31 -2.62 -46.88 -0.56
C VAL CA 31 -1.93 -46.17 0.59
N THR CA 32 -2.68 -45.96 1.67
CA THR CA 32 -2.18 -45.25 2.83
C THR CA 32 -1.66 -46.20 3.90
N ASN CA 33 -2.30 -47.35 4.11
CA ASN CA 33 -1.83 -48.25 5.15
C ASN CA 33 -1.80 -49.69 4.64
N LEU CA 34 -0.93 -50.49 5.26
CA LEU CA 34 -0.81 -51.91 4.98
C LEU CA 34 -0.76 -52.67 6.30
N LEU CA 35 -1.53 -53.75 6.40
CA LEU CA 35 -1.37 -54.73 7.48
C LEU CA 35 -1.26 -56.12 6.88
N MET CA 36 -0.16 -56.82 7.18
CA MET CA 36 0.20 -58.09 6.58
C MET CA 36 0.13 -59.23 7.61
N LEU CA 37 -0.26 -60.42 7.11
CA LEU CA 37 -0.35 -61.66 7.89
C LEU CA 37 0.27 -62.78 7.07
N LYS CA 38 1.49 -63.19 7.42
CA LYS CA 38 2.22 -64.16 6.59
C LYS CA 38 1.58 -65.54 6.61
N GLY CA 39 1.01 -65.94 7.74
CA GLY CA 39 0.42 -67.24 7.89
C GLY CA 39 -0.90 -67.41 7.13
N LYS CA 40 -1.92 -66.63 7.52
CA LYS CA 40 -3.29 -66.81 7.04
C LYS CA 40 -3.43 -66.43 5.57
N ASN CA 41 -2.33 -65.98 4.95
CA ASN CA 41 -2.26 -65.73 3.50
C ASN CA 41 -3.26 -64.65 3.08
N GLN CA 42 -3.23 -63.55 3.82
CA GLN CA 42 -4.14 -62.44 3.62
C GLN CA 42 -3.51 -61.19 4.20
N ALA CA 43 -3.99 -60.03 3.74
CA ALA CA 43 -3.44 -58.78 4.22
C ALA CA 43 -4.49 -57.69 4.13
N PHE CA 44 -4.47 -56.79 5.10
CA PHE CA 44 -5.32 -55.62 5.08
C PHE CA 44 -4.55 -54.45 4.49
N ILE CA 45 -5.18 -53.74 3.57
CA ILE CA 45 -4.67 -52.46 3.11
C ILE CA 45 -5.77 -51.43 3.28
N GLU CA 46 -5.37 -50.21 3.61
CA GLU CA 46 -6.26 -49.07 3.73
C GLU CA 46 -6.07 -48.24 2.48
N MET CA 47 -7.18 -47.94 1.83
CA MET CA 47 -7.24 -47.15 0.61
C MET CA 47 -7.46 -45.68 0.97
N ASN CA 48 -6.96 -44.78 0.13
CA ASN CA 48 -6.97 -43.38 0.52
C ASN CA 48 -8.39 -42.87 0.74
N THR CA 49 -9.18 -42.79 -0.32
CA THR CA 49 -10.60 -42.49 -0.17
C THR CA 49 -11.40 -43.75 0.04
N GLU CA 50 -12.52 -43.60 0.74
CA GLU CA 50 -13.46 -44.70 0.88
C GLU CA 50 -14.00 -45.10 -0.48
N GLU CA 51 -14.04 -44.14 -1.42
CA GLU CA 51 -14.54 -44.44 -2.76
C GLU CA 51 -13.52 -45.21 -3.60
N ALA CA 52 -12.22 -44.99 -3.41
CA ALA CA 52 -11.23 -45.81 -4.11
C ALA CA 52 -11.33 -47.28 -3.72
N ALA CA 53 -11.41 -47.56 -2.42
CA ALA CA 53 -11.63 -48.93 -1.95
C ALA CA 53 -12.96 -49.50 -2.42
N ASN CA 54 -13.91 -48.61 -2.71
CA ASN CA 54 -15.22 -48.95 -3.21
C ASN CA 54 -15.17 -49.26 -4.70
N THR CA 55 -14.51 -48.38 -5.48
CA THR CA 55 -14.31 -48.65 -6.89
C THR CA 55 -13.40 -49.85 -7.11
N MET CA 56 -12.66 -50.30 -6.08
CA MET CA 56 -11.80 -51.49 -6.18
C MET CA 56 -12.55 -52.79 -5.95
N VAL CA 57 -13.47 -52.82 -5.00
CA VAL CA 57 -14.34 -53.98 -4.89
C VAL CA 57 -15.29 -54.06 -6.08
N ASN CA 58 -15.51 -52.93 -6.79
CA ASN CA 58 -16.47 -52.86 -7.89
C ASN CA 58 -15.86 -53.11 -9.28
N TYR CA 59 -14.61 -52.71 -9.52
CA TYR CA 59 -13.92 -53.17 -10.71
C TYR CA 59 -13.69 -54.68 -10.65
N TYR CA 60 -13.52 -55.22 -9.43
CA TYR CA 60 -13.34 -56.64 -9.18
C TYR CA 60 -14.53 -57.26 -8.47
N THR CA 61 -15.75 -56.92 -8.89
CA THR CA 61 -16.92 -57.61 -8.37
C THR CA 61 -16.83 -59.11 -8.64
N SER CA 62 -16.46 -59.49 -9.86
CA SER CA 62 -16.15 -60.88 -10.18
C SER CA 62 -14.87 -61.07 -10.98
N VAL CA 63 -14.44 -60.08 -11.78
CA VAL CA 63 -13.17 -60.06 -12.51
C VAL CA 63 -12.04 -60.40 -11.54
N THR CA 64 -11.51 -61.62 -11.65
CA THR CA 64 -10.44 -62.05 -10.78
C THR CA 64 -9.24 -61.10 -10.95
N PRO CA 65 -8.59 -60.71 -9.86
CA PRO CA 65 -7.20 -60.24 -9.97
C PRO CA 65 -6.26 -61.41 -9.83
N VAL CA 66 -5.07 -61.24 -10.37
CA VAL CA 66 -4.08 -62.31 -10.34
C VAL CA 66 -2.73 -61.70 -9.96
N LEU CA 67 -1.92 -62.49 -9.24
CA LEU CA 67 -0.61 -62.07 -8.73
C LEU CA 67 0.43 -63.11 -9.16
N ARG CA 68 1.22 -62.77 -10.19
CA ARG CA 68 2.25 -63.67 -10.76
C ARG CA 68 1.68 -65.05 -11.13
N GLY CA 69 0.70 -65.04 -12.03
CA GLY CA 69 -0.01 -66.24 -12.45
C GLY CA 69 -0.87 -66.91 -11.38
N GLN CA 70 -1.23 -66.20 -10.31
CA GLN CA 70 -1.97 -66.75 -9.18
C GLN CA 70 -3.16 -65.87 -8.83
N PRO CA 71 -4.38 -66.25 -9.25
CA PRO CA 71 -5.56 -65.45 -8.93
C PRO CA 71 -5.73 -65.15 -7.44
N ILE CA 72 -6.23 -63.95 -7.15
CA ILE CA 72 -6.56 -63.49 -5.81
C ILE CA 72 -7.99 -62.95 -5.84
N TYR CA 73 -8.52 -62.62 -4.65
CA TYR CA 73 -9.80 -61.93 -4.56
C TYR CA 73 -9.78 -60.84 -3.48
N ILE CA 74 -10.62 -59.82 -3.72
CA ILE CA 74 -10.72 -58.62 -2.89
C ILE CA 74 -12.07 -58.61 -2.19
N GLN CA 75 -12.15 -57.84 -1.11
CA GLN CA 75 -13.38 -57.73 -0.35
C GLN CA 75 -13.20 -56.66 0.73
N PHE CA 76 -14.33 -56.10 1.19
CA PHE CA 76 -14.33 -55.03 2.18
C PHE CA 76 -13.94 -55.56 3.57
N SER CA 77 -13.23 -54.72 4.34
CA SER CA 77 -12.55 -55.23 5.53
C SER CA 77 -13.50 -55.88 6.52
N ASN CA 78 -13.12 -57.10 6.94
CA ASN CA 78 -13.89 -57.90 7.90
C ASN CA 78 -14.33 -57.06 9.10
N HIS CA 79 -13.39 -56.34 9.74
CA HIS CA 79 -13.69 -55.48 10.87
C HIS CA 79 -13.11 -54.09 10.61
N LYS CA 80 -13.95 -53.06 10.72
CA LYS CA 80 -13.57 -51.67 10.41
C LYS CA 80 -13.03 -51.55 8.97
N ASN DA 1 8.53 -55.40 10.94
CA ASN DA 1 7.39 -55.74 10.06
C ASN DA 1 6.74 -54.47 9.54
N GLN DA 2 6.28 -53.65 10.50
CA GLN DA 2 5.74 -52.30 10.28
C GLN DA 2 6.70 -51.40 9.52
N ARG DA 4 8.89 -52.65 7.29
CA ARG DA 4 8.81 -53.21 5.91
C ARG DA 4 7.58 -52.77 5.13
N ALA DA 5 6.41 -52.81 5.77
CA ALA DA 5 5.24 -52.14 5.22
C ALA DA 5 5.61 -50.73 4.77
N GLN DA 6 6.04 -49.90 5.71
CA GLN DA 6 6.25 -48.48 5.45
C GLN DA 6 7.28 -48.17 4.36
N ALA DA 8 7.87 -50.01 1.71
CA ALA DA 8 7.19 -50.35 0.47
C ALA DA 8 6.25 -49.23 0.01
N LEU DA 9 5.27 -48.88 0.85
CA LEU DA 9 4.29 -47.88 0.43
C LEU DA 9 5.00 -46.61 -0.01
N GLN DA 10 6.01 -46.19 0.74
CA GLN DA 10 6.77 -45.03 0.34
C GLN DA 10 7.40 -45.11 -1.06
N VAL DA 12 6.63 -46.81 -3.75
CA VAL DA 12 5.73 -46.98 -4.91
C VAL DA 12 4.90 -45.70 -5.17
N ASN DA 13 4.50 -45.00 -4.10
CA ASN DA 13 3.68 -43.79 -4.21
C ASN DA 13 4.52 -42.58 -4.64
N ARG EA 5 11.63 -60.02 -23.83
CA ARG EA 5 10.52 -59.86 -22.90
C ARG EA 5 10.32 -58.40 -22.50
N VAL EA 6 10.76 -57.50 -23.37
CA VAL EA 6 10.77 -56.06 -23.11
C VAL EA 6 9.53 -55.45 -23.76
N ILE EA 7 8.61 -54.96 -22.92
CA ILE EA 7 7.30 -54.45 -23.33
C ILE EA 7 7.38 -52.92 -23.39
N HIS EA 8 7.15 -52.33 -24.57
CA HIS EA 8 7.20 -50.89 -24.76
C HIS EA 8 5.80 -50.29 -24.59
N ILE EA 9 5.61 -49.57 -23.47
CA ILE EA 9 4.39 -48.84 -23.18
C ILE EA 9 4.49 -47.42 -23.76
N ARG EA 10 3.41 -46.96 -24.36
CA ARG EA 10 3.29 -45.60 -24.89
C ARG EA 10 2.01 -44.99 -24.36
N LYS EA 11 1.83 -43.68 -24.65
CA LYS EA 11 0.61 -42.91 -24.37
C LYS EA 11 0.38 -42.65 -22.88
N LEU EA 12 1.40 -42.86 -22.01
CA LEU EA 12 1.21 -42.89 -20.55
C LEU EA 12 0.44 -41.68 -20.06
N PRO EA 13 -0.30 -41.82 -18.97
CA PRO EA 13 -1.18 -40.74 -18.53
C PRO EA 13 -0.43 -39.60 -17.87
N ILE EA 14 -1.12 -38.96 -16.92
CA ILE EA 14 -0.57 -37.82 -16.19
C ILE EA 14 0.49 -38.32 -15.23
N ASP EA 15 1.68 -38.59 -15.78
CA ASP EA 15 2.86 -39.09 -15.09
C ASP EA 15 2.48 -40.09 -14.01
N VAL EA 16 2.06 -41.29 -14.45
CA VAL EA 16 1.77 -42.32 -13.49
C VAL EA 16 3.00 -42.57 -12.62
N THR EA 17 2.76 -43.11 -11.42
CA THR EA 17 3.86 -43.45 -10.53
C THR EA 17 4.64 -44.62 -11.12
N GLU EA 18 5.97 -44.60 -10.93
CA GLU EA 18 6.79 -45.68 -11.49
C GLU EA 18 6.24 -47.05 -11.11
N GLY EA 19 5.58 -47.16 -9.97
CA GLY EA 19 5.01 -48.40 -9.52
C GLY EA 19 3.61 -48.62 -10.02
N GLU EA 20 2.91 -47.57 -10.46
CA GLU EA 20 1.62 -47.76 -11.14
C GLU EA 20 1.82 -48.54 -12.42
N VAL EA 21 2.99 -48.39 -13.04
CA VAL EA 21 3.28 -49.05 -14.30
C VAL EA 21 3.67 -50.51 -14.07
N ILE EA 22 4.51 -50.80 -13.08
CA ILE EA 22 4.75 -52.20 -12.75
C ILE EA 22 3.47 -52.86 -12.21
N SER EA 23 2.52 -52.06 -11.72
CA SER EA 23 1.21 -52.56 -11.30
C SER EA 23 0.52 -53.30 -12.45
N LEU EA 24 0.78 -52.84 -13.68
CA LEU EA 24 0.48 -53.54 -14.92
C LEU EA 24 1.49 -54.69 -15.08
N GLY EA 25 1.11 -55.91 -14.71
CA GLY EA 25 2.10 -56.94 -14.86
C GLY EA 25 2.32 -57.84 -13.66
N LEU EA 26 2.09 -57.34 -12.46
CA LEU EA 26 2.12 -58.22 -11.30
C LEU EA 26 1.18 -59.41 -11.48
N PRO EA 27 0.04 -59.27 -12.15
CA PRO EA 27 -0.68 -60.48 -12.63
C PRO EA 27 0.18 -61.46 -13.42
N PHE EA 28 0.97 -60.96 -14.37
CA PHE EA 28 1.57 -61.80 -15.40
C PHE EA 28 2.89 -62.41 -14.98
N GLY EA 29 3.67 -61.75 -14.13
CA GLY EA 29 4.89 -62.33 -13.61
C GLY EA 29 5.63 -61.40 -12.67
N LYS EA 30 6.94 -61.30 -12.81
CA LYS EA 30 7.71 -60.42 -11.94
C LYS EA 30 8.52 -59.49 -12.84
N VAL EA 31 8.19 -58.20 -12.81
CA VAL EA 31 8.86 -57.18 -13.61
C VAL EA 31 10.32 -57.15 -13.18
N THR EA 32 11.24 -57.52 -14.08
CA THR EA 32 12.63 -57.50 -13.64
C THR EA 32 13.24 -56.13 -13.82
N ASN EA 33 12.82 -55.37 -14.81
CA ASN EA 33 13.32 -54.01 -14.94
C ASN EA 33 12.19 -53.08 -15.37
N LEU EA 34 12.31 -51.82 -15.00
CA LEU EA 34 11.29 -50.83 -15.32
C LEU EA 34 12.01 -49.56 -15.72
N LEU EA 35 12.09 -49.30 -17.00
CA LEU EA 35 12.77 -48.09 -17.46
C LEU EA 35 11.73 -47.02 -17.75
N MET EA 36 11.99 -45.81 -17.25
CA MET EA 36 11.19 -44.64 -17.59
C MET EA 36 12.05 -43.67 -18.40
N LEU EA 37 11.56 -43.25 -19.58
CA LEU EA 37 12.28 -42.31 -20.42
C LEU EA 37 11.70 -40.90 -20.24
N LYS EA 38 12.39 -39.91 -20.84
CA LYS EA 38 11.98 -38.50 -20.74
C LYS EA 38 10.49 -38.45 -21.02
N GLY EA 39 9.69 -38.41 -19.94
CA GLY EA 39 8.24 -38.44 -19.96
C GLY EA 39 7.69 -38.97 -21.27
N LYS EA 40 7.32 -38.03 -22.15
CA LYS EA 40 6.91 -38.30 -23.52
C LYS EA 40 5.71 -39.24 -23.57
N ASN EA 41 5.35 -39.81 -22.41
CA ASN EA 41 4.27 -40.81 -22.23
C ASN EA 41 4.71 -42.18 -22.75
N GLN EA 42 5.94 -42.60 -22.40
CA GLN EA 42 6.39 -43.98 -22.65
C GLN EA 42 7.15 -44.54 -21.46
N ALA EA 43 7.21 -45.87 -21.42
CA ALA EA 43 7.88 -46.61 -20.36
C ALA EA 43 8.17 -48.02 -20.86
N PHE EA 44 9.32 -48.55 -20.45
CA PHE EA 44 9.76 -49.88 -20.85
C PHE EA 44 9.73 -50.78 -19.61
N ILE EA 45 9.13 -51.95 -19.77
CA ILE EA 45 9.03 -52.94 -18.71
C ILE EA 45 9.64 -54.23 -19.22
N GLU EA 46 10.54 -54.83 -18.45
CA GLU EA 46 11.10 -56.13 -18.74
C GLU EA 46 10.63 -57.13 -17.67
N MET EA 47 10.18 -58.30 -18.11
CA MET EA 47 9.53 -59.27 -17.23
C MET EA 47 10.36 -60.54 -17.14
N ASN EA 48 9.88 -61.48 -16.30
CA ASN EA 48 10.63 -62.71 -16.04
C ASN EA 48 10.48 -63.71 -17.19
N THR EA 49 9.25 -64.08 -17.51
CA THR EA 49 8.99 -65.02 -18.59
C THR EA 49 8.45 -64.29 -19.81
N GLU EA 50 8.51 -65.01 -20.94
CA GLU EA 50 7.91 -64.53 -22.19
C GLU EA 50 6.45 -64.94 -22.29
N GLU EA 51 6.05 -66.02 -21.63
CA GLU EA 51 4.63 -66.31 -21.54
C GLU EA 51 3.90 -65.22 -20.76
N ALA EA 52 4.62 -64.55 -19.84
CA ALA EA 52 4.08 -63.40 -19.11
C ALA EA 52 3.88 -62.21 -20.05
N ALA EA 53 4.94 -61.84 -20.77
CA ALA EA 53 4.82 -60.79 -21.78
C ALA EA 53 3.80 -61.14 -22.86
N ASN EA 54 3.70 -62.41 -23.26
CA ASN EA 54 2.68 -62.84 -24.23
C ASN EA 54 1.28 -62.80 -23.62
N THR EA 55 1.06 -63.49 -22.48
CA THR EA 55 -0.26 -63.46 -21.84
C THR EA 55 -0.70 -62.05 -21.45
N MET EA 56 0.22 -61.08 -21.52
CA MET EA 56 -0.03 -59.66 -21.20
C MET EA 56 -0.74 -58.90 -22.32
N VAL EA 57 0.00 -58.56 -23.39
CA VAL EA 57 -0.61 -57.98 -24.58
C VAL EA 57 -1.88 -58.75 -24.96
N ASN EA 58 -1.91 -60.06 -24.68
CA ASN EA 58 -3.11 -60.86 -24.94
C ASN EA 58 -4.29 -60.42 -24.08
N TYR EA 59 -4.04 -60.14 -22.78
CA TYR EA 59 -5.14 -59.75 -21.90
C TYR EA 59 -5.67 -58.35 -22.22
N TYR EA 60 -4.89 -57.49 -22.88
CA TYR EA 60 -5.32 -56.11 -23.14
C TYR EA 60 -6.12 -55.98 -24.41
N THR EA 61 -6.06 -56.98 -25.28
CA THR EA 61 -7.08 -57.12 -26.32
C THR EA 61 -8.46 -57.30 -25.71
N SER EA 62 -8.56 -58.00 -24.57
CA SER EA 62 -9.83 -58.24 -23.89
C SER EA 62 -10.00 -57.45 -22.59
N VAL EA 63 -8.94 -56.85 -22.03
CA VAL EA 63 -9.13 -55.97 -20.89
C VAL EA 63 -8.96 -54.56 -21.43
N THR EA 64 -8.98 -53.58 -20.53
CA THR EA 64 -8.79 -52.20 -20.89
C THR EA 64 -7.37 -51.78 -20.55
N PRO EA 65 -6.54 -51.37 -21.53
CA PRO EA 65 -5.26 -50.69 -21.19
C PRO EA 65 -5.49 -49.24 -20.78
N VAL EA 66 -5.96 -49.02 -19.55
CA VAL EA 66 -6.29 -47.67 -19.05
C VAL EA 66 -5.64 -47.43 -17.68
N LEU EA 67 -4.82 -46.37 -17.59
CA LEU EA 67 -4.19 -45.91 -16.35
C LEU EA 67 -4.60 -44.47 -16.08
N ARG EA 68 -4.97 -44.16 -14.84
CA ARG EA 68 -5.71 -42.94 -14.51
C ARG EA 68 -7.09 -43.13 -15.13
N GLY EA 69 -7.54 -42.26 -16.02
CA GLY EA 69 -8.67 -42.61 -16.85
C GLY EA 69 -8.29 -42.56 -18.32
N GLN EA 70 -7.03 -42.88 -18.61
CA GLN EA 70 -6.38 -42.64 -19.90
C GLN EA 70 -5.95 -43.97 -20.52
N PRO EA 71 -6.36 -44.30 -21.73
CA PRO EA 71 -5.83 -45.52 -22.35
C PRO EA 71 -4.41 -45.31 -22.83
N ILE EA 72 -3.64 -46.40 -22.80
CA ILE EA 72 -2.22 -46.36 -23.10
C ILE EA 72 -1.84 -47.55 -23.97
N TYR EA 73 -0.75 -47.36 -24.73
CA TYR EA 73 -0.26 -48.36 -25.66
C TYR EA 73 0.43 -49.50 -24.92
N ILE EA 74 0.54 -50.63 -25.60
CA ILE EA 74 1.10 -51.83 -24.99
C ILE EA 74 1.89 -52.60 -26.03
N GLN EA 75 2.52 -51.87 -26.94
CA GLN EA 75 3.40 -52.44 -27.97
C GLN EA 75 4.52 -53.29 -27.36
N PHE EA 76 5.33 -53.92 -28.21
CA PHE EA 76 6.37 -54.84 -27.76
C PHE EA 76 7.46 -54.83 -28.82
N SER EA 77 8.71 -54.63 -28.39
CA SER EA 77 9.89 -54.83 -29.25
C SER EA 77 9.93 -56.24 -29.84
N ASN FA 1 17.15 -40.44 -12.09
CA ASN FA 1 15.96 -40.66 -12.91
C ASN FA 1 15.49 -42.10 -12.75
N GLN FA 2 16.47 -43.00 -12.71
CA GLN FA 2 16.17 -44.40 -12.53
C GLN FA 2 16.07 -44.74 -11.02
N ARG FA 4 14.04 -43.48 -8.75
CA ARG FA 4 12.62 -43.62 -8.41
C ARG FA 4 12.06 -44.94 -8.94
N ALA FA 5 12.51 -45.35 -10.13
CA ALA FA 5 12.16 -46.66 -10.65
C ALA FA 5 12.56 -47.76 -9.67
N GLN FA 6 13.85 -47.85 -9.34
CA GLN FA 6 14.43 -48.99 -8.58
C GLN FA 6 13.91 -49.19 -7.16
N ALA FA 8 10.95 -48.62 -6.46
CA ALA FA 8 9.67 -49.26 -6.80
C ALA FA 8 9.84 -50.69 -7.29
N LEU FA 9 10.87 -50.96 -8.11
CA LEU FA 9 11.22 -52.36 -8.36
C LEU FA 9 11.40 -53.13 -7.06
N GLN FA 10 12.47 -52.82 -6.33
CA GLN FA 10 12.81 -53.50 -5.09
C GLN FA 10 11.65 -53.57 -4.09
N VAL FA 12 8.49 -53.98 -4.62
CA VAL FA 12 7.63 -55.10 -4.98
C VAL FA 12 8.42 -56.39 -5.13
N ASN FA 13 9.61 -56.33 -5.72
CA ASN FA 13 10.56 -57.45 -5.67
C ASN FA 13 10.56 -58.10 -4.29
#